data_4CWS
# 
_entry.id   4CWS 
# 
_audit_conform.dict_name       mmcif_pdbx.dic 
_audit_conform.dict_version    5.391 
_audit_conform.dict_location   http://mmcif.pdb.org/dictionaries/ascii/mmcif_pdbx.dic 
# 
loop_
_database_2.database_id 
_database_2.database_code 
_database_2.pdbx_database_accession 
_database_2.pdbx_DOI 
PDB   4CWS         pdb_00004cws 10.2210/pdb4cws/pdb 
PDBE  EBI-60246    ?            ?                   
WWPDB D_1290060246 ?            ?                   
# 
loop_
_pdbx_audit_revision_history.ordinal 
_pdbx_audit_revision_history.data_content_type 
_pdbx_audit_revision_history.major_revision 
_pdbx_audit_revision_history.minor_revision 
_pdbx_audit_revision_history.revision_date 
1 'Structure model' 1 0 2014-07-09 
2 'Structure model' 1 1 2014-08-06 
3 'Structure model' 1 2 2017-06-28 
4 'Structure model' 1 3 2024-05-08 
# 
_pdbx_audit_revision_details.ordinal             1 
_pdbx_audit_revision_details.revision_ordinal    1 
_pdbx_audit_revision_details.data_content_type   'Structure model' 
_pdbx_audit_revision_details.provider            repository 
_pdbx_audit_revision_details.type                'Initial release' 
_pdbx_audit_revision_details.description         ? 
_pdbx_audit_revision_details.details             ? 
# 
loop_
_pdbx_audit_revision_group.ordinal 
_pdbx_audit_revision_group.revision_ordinal 
_pdbx_audit_revision_group.data_content_type 
_pdbx_audit_revision_group.group 
1 2 'Structure model' 'Database references'  
2 3 'Structure model' 'Data collection'      
3 4 'Structure model' 'Data collection'      
4 4 'Structure model' 'Database references'  
5 4 'Structure model' 'Derived calculations' 
6 4 'Structure model' Other                  
# 
loop_
_pdbx_audit_revision_category.ordinal 
_pdbx_audit_revision_category.revision_ordinal 
_pdbx_audit_revision_category.data_content_type 
_pdbx_audit_revision_category.category 
1 3 'Structure model' diffrn_source        
2 4 'Structure model' chem_comp_atom       
3 4 'Structure model' chem_comp_bond       
4 4 'Structure model' database_2           
5 4 'Structure model' pdbx_database_status 
6 4 'Structure model' struct_site          
# 
loop_
_pdbx_audit_revision_item.ordinal 
_pdbx_audit_revision_item.revision_ordinal 
_pdbx_audit_revision_item.data_content_type 
_pdbx_audit_revision_item.item 
1 3 'Structure model' '_diffrn_source.type'                  
2 4 'Structure model' '_database_2.pdbx_DOI'                 
3 4 'Structure model' '_database_2.pdbx_database_accession'  
4 4 'Structure model' '_pdbx_database_status.status_code_sf' 
5 4 'Structure model' '_struct_site.pdbx_auth_asym_id'       
6 4 'Structure model' '_struct_site.pdbx_auth_comp_id'       
7 4 'Structure model' '_struct_site.pdbx_auth_seq_id'        
# 
_pdbx_database_status.status_code                     REL 
_pdbx_database_status.entry_id                        4CWS 
_pdbx_database_status.deposit_site                    PDBE 
_pdbx_database_status.process_site                    PDBE 
_pdbx_database_status.SG_entry                        . 
_pdbx_database_status.recvd_initial_deposition_date   2014-04-03 
_pdbx_database_status.pdb_format_compatible           Y 
_pdbx_database_status.status_code_sf                  REL 
_pdbx_database_status.status_code_mr                  ? 
_pdbx_database_status.status_code_cs                  ? 
_pdbx_database_status.methods_development_category    ? 
_pdbx_database_status.status_code_nmr_data            ? 
# 
loop_
_pdbx_database_related.db_name 
_pdbx_database_related.db_id 
_pdbx_database_related.content_type 
_pdbx_database_related.details 
PDB 4CWF unspecified 'HUMAN HSP90 ALPHA N-TERMINAL DOMAIN IN COMPLEX WITH AN AMINOTRIAZOLOQUINAZOLINE INHIBITOR' 
PDB 4CWN unspecified 'HUMAN HSP90 ALPHA N-TERMINAL DOMAIN IN COMPLEX WITH AN AMINOTRIAZOLOQUINAZOLINE INHIBITOR' 
PDB 4CWO unspecified 'HUMAN HSP90 ALPHA N-TERMINAL DOMAIN IN COMPLEX WITH AN AMINOTRIAZOLOQUINAZOLINE INHIBITOR' 
PDB 4CWP unspecified 'HUMAN HSP90 ALPHA N-TERMINAL DOMAIN IN COMPLEX WITH AN AMINOTRIAZOLOQUINAZOLINE INHIBITOR' 
PDB 4CWQ unspecified 'HUMAN HSP90 ALPHA N-TERMINAL DOMAIN IN COMPLEX WITH AN AMINOTRIAZOLOQUINAZOLINE INHIBITOR' 
PDB 4CWR unspecified 'HUMAN HSP90 ALPHA N-TERMINAL DOMAIN IN COMPLEX WITH AN AMINOTRIAZOLOQUINAZOLINE INHIBITOR' 
PDB 4CWT unspecified 'HUMAN HSP90 ALPHA N-TERMINAL DOMAIN IN COMPLEX WITH AN AMINOTRIAZOLOQUINAZOLINE INHIBITOR' 
# 
loop_
_audit_author.name 
_audit_author.pdbx_ordinal 
'Casale, E.'     1  
'Amboldi, N.'    2  
'Brasca, G.'     3  
'Caronni, D.'    4  
'Colombo, N.'    5  
'Dalvit, C.'     6  
'Felder, E.R.'   7  
'Fogliatto, G.'  8  
'Isacchi, A.'    9  
'Mantegani, S.'  10 
'Polucci, P.'    11 
'Riceputi, L.'   12 
'Sola, F.'       13 
'Visco, C.'      14 
'Zuccotto, F.'   15 
'Casuscelli, F.' 16 
# 
_citation.id                        primary 
_citation.title                     
'Fragment-Based Hit Discovery and Structure-Based Optimization of Aminotriazoloquinazolines as Novel Hsp90 Inhibitors.' 
_citation.journal_abbrev            Bioorg.Med.Chem. 
_citation.journal_volume            22 
_citation.page_first                4135 
_citation.page_last                 ? 
_citation.year                      2014 
_citation.journal_id_ASTM           BMECEP 
_citation.country                   UK 
_citation.journal_id_ISSN           0968-0896 
_citation.journal_id_CSD            1200 
_citation.book_publisher            ? 
_citation.pdbx_database_id_PubMed   24980703 
_citation.pdbx_database_id_DOI      10.1016/J.BMC.2014.05.056 
# 
loop_
_citation_author.citation_id 
_citation_author.name 
_citation_author.ordinal 
_citation_author.identifier_ORCID 
primary 'Casale, E.'     1  ? 
primary 'Amboldi, N.'    2  ? 
primary 'Brasca, M.G.'   3  ? 
primary 'Caronni, D.'    4  ? 
primary 'Colombo, N.'    5  ? 
primary 'Dalvit, C.'     6  ? 
primary 'Felder, E.R.'   7  ? 
primary 'Fogliatto, G.'  8  ? 
primary 'Galvani, A.'    9  ? 
primary 'Isacchi, A.'    10 ? 
primary 'Polucci, P.'    11 ? 
primary 'Riceputi, L.'   12 ? 
primary 'Sola, F.'       13 ? 
primary 'Visco, C.'      14 ? 
primary 'Zuccotto, F.'   15 ? 
primary 'Casuscelli, F.' 16 ? 
# 
loop_
_entity.id 
_entity.type 
_entity.src_method 
_entity.pdbx_description 
_entity.formula_weight 
_entity.pdbx_number_of_molecules 
_entity.pdbx_ec 
_entity.pdbx_mutation 
_entity.pdbx_fragment 
_entity.details 
1 polymer     man 'HEAT SHOCK PROTEIN HSP 90-ALPHA'                                                               25810.936 1  ? ? 
'N-TERMINAL DOMAIN, RESIDUES 9-236' ? 
2 non-polymer syn '2-{[2-amino-5-(1,3-benzodioxol-5-ylmethyl)[1,2,4]triazolo[1,5-c]quinazolin-8-yl]amino}ethanol' 378.385   1  ? ? 
?                                   ? 
3 water       nat water                                                                                           18.015    85 ? ? 
?                                   ? 
# 
_entity_name_com.entity_id   1 
_entity_name_com.name        'HEAT SHOCK 86 KDA, HSP 86, HSP86, RENAL CARCINOMA ANTIGEN NY-REN-38' 
# 
_entity_poly.entity_id                      1 
_entity_poly.type                           'polypeptide(L)' 
_entity_poly.nstd_linkage                   no 
_entity_poly.nstd_monomer                   no 
_entity_poly.pdbx_seq_one_letter_code       
;GPDQPMEEEEVETFAFQAEIAQLMSLIINTFYSNKEIFLRELISNSSDALDKIRYESLTDPSKLDSGKELHINLIPNKQD
RTLTIVDTGIGMTKADLINNLGTIAKSGTKAFMEALQAGADISMIGQFGVGFYSAYLVAEKVTVITKHNDDEQYAWESSA
GGSFTVRTDTGEPMGRGTKVILHLKEDQTEYLEERRIKEIVKKHSQFIGYPITLFVEKERDKEVSDDEAE
;
_entity_poly.pdbx_seq_one_letter_code_can   
;GPDQPMEEEEVETFAFQAEIAQLMSLIINTFYSNKEIFLRELISNSSDALDKIRYESLTDPSKLDSGKELHINLIPNKQD
RTLTIVDTGIGMTKADLINNLGTIAKSGTKAFMEALQAGADISMIGQFGVGFYSAYLVAEKVTVITKHNDDEQYAWESSA
GGSFTVRTDTGEPMGRGTKVILHLKEDQTEYLEERRIKEIVKKHSQFIGYPITLFVEKERDKEVSDDEAE
;
_entity_poly.pdbx_strand_id                 A 
_entity_poly.pdbx_target_identifier         ? 
# 
loop_
_pdbx_entity_nonpoly.entity_id 
_pdbx_entity_nonpoly.name 
_pdbx_entity_nonpoly.comp_id 
2 '2-{[2-amino-5-(1,3-benzodioxol-5-ylmethyl)[1,2,4]triazolo[1,5-c]quinazolin-8-yl]amino}ethanol' G3R 
3 water                                                                                           HOH 
# 
loop_
_entity_poly_seq.entity_id 
_entity_poly_seq.num 
_entity_poly_seq.mon_id 
_entity_poly_seq.hetero 
1 1   GLY n 
1 2   PRO n 
1 3   ASP n 
1 4   GLN n 
1 5   PRO n 
1 6   MET n 
1 7   GLU n 
1 8   GLU n 
1 9   GLU n 
1 10  GLU n 
1 11  VAL n 
1 12  GLU n 
1 13  THR n 
1 14  PHE n 
1 15  ALA n 
1 16  PHE n 
1 17  GLN n 
1 18  ALA n 
1 19  GLU n 
1 20  ILE n 
1 21  ALA n 
1 22  GLN n 
1 23  LEU n 
1 24  MET n 
1 25  SER n 
1 26  LEU n 
1 27  ILE n 
1 28  ILE n 
1 29  ASN n 
1 30  THR n 
1 31  PHE n 
1 32  TYR n 
1 33  SER n 
1 34  ASN n 
1 35  LYS n 
1 36  GLU n 
1 37  ILE n 
1 38  PHE n 
1 39  LEU n 
1 40  ARG n 
1 41  GLU n 
1 42  LEU n 
1 43  ILE n 
1 44  SER n 
1 45  ASN n 
1 46  SER n 
1 47  SER n 
1 48  ASP n 
1 49  ALA n 
1 50  LEU n 
1 51  ASP n 
1 52  LYS n 
1 53  ILE n 
1 54  ARG n 
1 55  TYR n 
1 56  GLU n 
1 57  SER n 
1 58  LEU n 
1 59  THR n 
1 60  ASP n 
1 61  PRO n 
1 62  SER n 
1 63  LYS n 
1 64  LEU n 
1 65  ASP n 
1 66  SER n 
1 67  GLY n 
1 68  LYS n 
1 69  GLU n 
1 70  LEU n 
1 71  HIS n 
1 72  ILE n 
1 73  ASN n 
1 74  LEU n 
1 75  ILE n 
1 76  PRO n 
1 77  ASN n 
1 78  LYS n 
1 79  GLN n 
1 80  ASP n 
1 81  ARG n 
1 82  THR n 
1 83  LEU n 
1 84  THR n 
1 85  ILE n 
1 86  VAL n 
1 87  ASP n 
1 88  THR n 
1 89  GLY n 
1 90  ILE n 
1 91  GLY n 
1 92  MET n 
1 93  THR n 
1 94  LYS n 
1 95  ALA n 
1 96  ASP n 
1 97  LEU n 
1 98  ILE n 
1 99  ASN n 
1 100 ASN n 
1 101 LEU n 
1 102 GLY n 
1 103 THR n 
1 104 ILE n 
1 105 ALA n 
1 106 LYS n 
1 107 SER n 
1 108 GLY n 
1 109 THR n 
1 110 LYS n 
1 111 ALA n 
1 112 PHE n 
1 113 MET n 
1 114 GLU n 
1 115 ALA n 
1 116 LEU n 
1 117 GLN n 
1 118 ALA n 
1 119 GLY n 
1 120 ALA n 
1 121 ASP n 
1 122 ILE n 
1 123 SER n 
1 124 MET n 
1 125 ILE n 
1 126 GLY n 
1 127 GLN n 
1 128 PHE n 
1 129 GLY n 
1 130 VAL n 
1 131 GLY n 
1 132 PHE n 
1 133 TYR n 
1 134 SER n 
1 135 ALA n 
1 136 TYR n 
1 137 LEU n 
1 138 VAL n 
1 139 ALA n 
1 140 GLU n 
1 141 LYS n 
1 142 VAL n 
1 143 THR n 
1 144 VAL n 
1 145 ILE n 
1 146 THR n 
1 147 LYS n 
1 148 HIS n 
1 149 ASN n 
1 150 ASP n 
1 151 ASP n 
1 152 GLU n 
1 153 GLN n 
1 154 TYR n 
1 155 ALA n 
1 156 TRP n 
1 157 GLU n 
1 158 SER n 
1 159 SER n 
1 160 ALA n 
1 161 GLY n 
1 162 GLY n 
1 163 SER n 
1 164 PHE n 
1 165 THR n 
1 166 VAL n 
1 167 ARG n 
1 168 THR n 
1 169 ASP n 
1 170 THR n 
1 171 GLY n 
1 172 GLU n 
1 173 PRO n 
1 174 MET n 
1 175 GLY n 
1 176 ARG n 
1 177 GLY n 
1 178 THR n 
1 179 LYS n 
1 180 VAL n 
1 181 ILE n 
1 182 LEU n 
1 183 HIS n 
1 184 LEU n 
1 185 LYS n 
1 186 GLU n 
1 187 ASP n 
1 188 GLN n 
1 189 THR n 
1 190 GLU n 
1 191 TYR n 
1 192 LEU n 
1 193 GLU n 
1 194 GLU n 
1 195 ARG n 
1 196 ARG n 
1 197 ILE n 
1 198 LYS n 
1 199 GLU n 
1 200 ILE n 
1 201 VAL n 
1 202 LYS n 
1 203 LYS n 
1 204 HIS n 
1 205 SER n 
1 206 GLN n 
1 207 PHE n 
1 208 ILE n 
1 209 GLY n 
1 210 TYR n 
1 211 PRO n 
1 212 ILE n 
1 213 THR n 
1 214 LEU n 
1 215 PHE n 
1 216 VAL n 
1 217 GLU n 
1 218 LYS n 
1 219 GLU n 
1 220 ARG n 
1 221 ASP n 
1 222 LYS n 
1 223 GLU n 
1 224 VAL n 
1 225 SER n 
1 226 ASP n 
1 227 ASP n 
1 228 GLU n 
1 229 ALA n 
1 230 GLU n 
# 
_entity_src_gen.entity_id                          1 
_entity_src_gen.pdbx_src_id                        1 
_entity_src_gen.pdbx_alt_source_flag               sample 
_entity_src_gen.pdbx_seq_type                      ? 
_entity_src_gen.pdbx_beg_seq_num                   ? 
_entity_src_gen.pdbx_end_seq_num                   ? 
_entity_src_gen.gene_src_common_name               HUMAN 
_entity_src_gen.gene_src_genus                     ? 
_entity_src_gen.pdbx_gene_src_gene                 ? 
_entity_src_gen.gene_src_species                   ? 
_entity_src_gen.gene_src_strain                    ? 
_entity_src_gen.gene_src_tissue                    ? 
_entity_src_gen.gene_src_tissue_fraction           ? 
_entity_src_gen.gene_src_details                   ? 
_entity_src_gen.pdbx_gene_src_fragment             ? 
_entity_src_gen.pdbx_gene_src_scientific_name      'HOMO SAPIENS' 
_entity_src_gen.pdbx_gene_src_ncbi_taxonomy_id     9606 
_entity_src_gen.pdbx_gene_src_variant              ? 
_entity_src_gen.pdbx_gene_src_cell_line            ? 
_entity_src_gen.pdbx_gene_src_atcc                 ? 
_entity_src_gen.pdbx_gene_src_organ                ? 
_entity_src_gen.pdbx_gene_src_organelle            ? 
_entity_src_gen.pdbx_gene_src_cell                 ? 
_entity_src_gen.pdbx_gene_src_cellular_location    ? 
_entity_src_gen.host_org_common_name               ? 
_entity_src_gen.pdbx_host_org_scientific_name      'ESCHERICHIA COLI' 
_entity_src_gen.pdbx_host_org_ncbi_taxonomy_id     511693 
_entity_src_gen.host_org_genus                     ? 
_entity_src_gen.pdbx_host_org_gene                 ? 
_entity_src_gen.pdbx_host_org_organ                ? 
_entity_src_gen.host_org_species                   ? 
_entity_src_gen.pdbx_host_org_tissue               ? 
_entity_src_gen.pdbx_host_org_tissue_fraction      ? 
_entity_src_gen.pdbx_host_org_strain               BL21 
_entity_src_gen.pdbx_host_org_variant              ? 
_entity_src_gen.pdbx_host_org_cell_line            ? 
_entity_src_gen.pdbx_host_org_atcc                 ? 
_entity_src_gen.pdbx_host_org_culture_collection   ? 
_entity_src_gen.pdbx_host_org_cell                 ? 
_entity_src_gen.pdbx_host_org_organelle            ? 
_entity_src_gen.pdbx_host_org_cellular_location    ? 
_entity_src_gen.pdbx_host_org_vector_type          PLASMID 
_entity_src_gen.pdbx_host_org_vector               ? 
_entity_src_gen.host_org_details                   ? 
_entity_src_gen.expression_system_id               ? 
_entity_src_gen.plasmid_name                       PET15 
_entity_src_gen.plasmid_details                    ? 
_entity_src_gen.pdbx_description                   ? 
# 
loop_
_chem_comp.id 
_chem_comp.type 
_chem_comp.mon_nstd_flag 
_chem_comp.name 
_chem_comp.pdbx_synonyms 
_chem_comp.formula 
_chem_comp.formula_weight 
ALA 'L-peptide linking' y ALANINE                                                                                         ? 
'C3 H7 N O2'     89.093  
ARG 'L-peptide linking' y ARGININE                                                                                        ? 
'C6 H15 N4 O2 1' 175.209 
ASN 'L-peptide linking' y ASPARAGINE                                                                                      ? 
'C4 H8 N2 O3'    132.118 
ASP 'L-peptide linking' y 'ASPARTIC ACID'                                                                                 ? 
'C4 H7 N O4'     133.103 
G3R non-polymer         . '2-{[2-amino-5-(1,3-benzodioxol-5-ylmethyl)[1,2,4]triazolo[1,5-c]quinazolin-8-yl]amino}ethanol' ? 
'C19 H18 N6 O3'  378.385 
GLN 'L-peptide linking' y GLUTAMINE                                                                                       ? 
'C5 H10 N2 O3'   146.144 
GLU 'L-peptide linking' y 'GLUTAMIC ACID'                                                                                 ? 
'C5 H9 N O4'     147.129 
GLY 'peptide linking'   y GLYCINE                                                                                         ? 
'C2 H5 N O2'     75.067  
HIS 'L-peptide linking' y HISTIDINE                                                                                       ? 
'C6 H10 N3 O2 1' 156.162 
HOH non-polymer         . WATER                                                                                           ? 'H2 O' 
18.015  
ILE 'L-peptide linking' y ISOLEUCINE                                                                                      ? 
'C6 H13 N O2'    131.173 
LEU 'L-peptide linking' y LEUCINE                                                                                         ? 
'C6 H13 N O2'    131.173 
LYS 'L-peptide linking' y LYSINE                                                                                          ? 
'C6 H15 N2 O2 1' 147.195 
MET 'L-peptide linking' y METHIONINE                                                                                      ? 
'C5 H11 N O2 S'  149.211 
PHE 'L-peptide linking' y PHENYLALANINE                                                                                   ? 
'C9 H11 N O2'    165.189 
PRO 'L-peptide linking' y PROLINE                                                                                         ? 
'C5 H9 N O2'     115.130 
SER 'L-peptide linking' y SERINE                                                                                          ? 
'C3 H7 N O3'     105.093 
THR 'L-peptide linking' y THREONINE                                                                                       ? 
'C4 H9 N O3'     119.119 
TRP 'L-peptide linking' y TRYPTOPHAN                                                                                      ? 
'C11 H12 N2 O2'  204.225 
TYR 'L-peptide linking' y TYROSINE                                                                                        ? 
'C9 H11 N O3'    181.189 
VAL 'L-peptide linking' y VALINE                                                                                          ? 
'C5 H11 N O2'    117.146 
# 
loop_
_pdbx_poly_seq_scheme.asym_id 
_pdbx_poly_seq_scheme.entity_id 
_pdbx_poly_seq_scheme.seq_id 
_pdbx_poly_seq_scheme.mon_id 
_pdbx_poly_seq_scheme.ndb_seq_num 
_pdbx_poly_seq_scheme.pdb_seq_num 
_pdbx_poly_seq_scheme.auth_seq_num 
_pdbx_poly_seq_scheme.pdb_mon_id 
_pdbx_poly_seq_scheme.auth_mon_id 
_pdbx_poly_seq_scheme.pdb_strand_id 
_pdbx_poly_seq_scheme.pdb_ins_code 
_pdbx_poly_seq_scheme.hetero 
A 1 1   GLY 1   7   ?   ?   ?   A . n 
A 1 2   PRO 2   8   ?   ?   ?   A . n 
A 1 3   ASP 3   9   ?   ?   ?   A . n 
A 1 4   GLN 4   10  ?   ?   ?   A . n 
A 1 5   PRO 5   11  ?   ?   ?   A . n 
A 1 6   MET 6   12  ?   ?   ?   A . n 
A 1 7   GLU 7   13  ?   ?   ?   A . n 
A 1 8   GLU 8   14  ?   ?   ?   A . n 
A 1 9   GLU 9   15  ?   ?   ?   A . n 
A 1 10  GLU 10  16  ?   ?   ?   A . n 
A 1 11  VAL 11  17  17  VAL VAL A . n 
A 1 12  GLU 12  18  18  GLU GLU A . n 
A 1 13  THR 13  19  19  THR THR A . n 
A 1 14  PHE 14  20  20  PHE PHE A . n 
A 1 15  ALA 15  21  21  ALA ALA A . n 
A 1 16  PHE 16  22  22  PHE PHE A . n 
A 1 17  GLN 17  23  23  GLN GLN A . n 
A 1 18  ALA 18  24  24  ALA ALA A . n 
A 1 19  GLU 19  25  25  GLU GLU A . n 
A 1 20  ILE 20  26  26  ILE ILE A . n 
A 1 21  ALA 21  27  27  ALA ALA A . n 
A 1 22  GLN 22  28  28  GLN GLN A . n 
A 1 23  LEU 23  29  29  LEU LEU A . n 
A 1 24  MET 24  30  30  MET MET A . n 
A 1 25  SER 25  31  31  SER SER A . n 
A 1 26  LEU 26  32  32  LEU LEU A . n 
A 1 27  ILE 27  33  33  ILE ILE A . n 
A 1 28  ILE 28  34  34  ILE ILE A . n 
A 1 29  ASN 29  35  35  ASN ASN A . n 
A 1 30  THR 30  36  36  THR THR A . n 
A 1 31  PHE 31  37  37  PHE PHE A . n 
A 1 32  TYR 32  38  38  TYR TYR A . n 
A 1 33  SER 33  39  39  SER SER A . n 
A 1 34  ASN 34  40  40  ASN ASN A . n 
A 1 35  LYS 35  41  41  LYS LYS A . n 
A 1 36  GLU 36  42  42  GLU GLU A . n 
A 1 37  ILE 37  43  43  ILE ILE A . n 
A 1 38  PHE 38  44  44  PHE PHE A . n 
A 1 39  LEU 39  45  45  LEU LEU A . n 
A 1 40  ARG 40  46  46  ARG ARG A . n 
A 1 41  GLU 41  47  47  GLU GLU A . n 
A 1 42  LEU 42  48  48  LEU LEU A . n 
A 1 43  ILE 43  49  49  ILE ILE A . n 
A 1 44  SER 44  50  50  SER SER A . n 
A 1 45  ASN 45  51  51  ASN ASN A . n 
A 1 46  SER 46  52  52  SER SER A . n 
A 1 47  SER 47  53  53  SER SER A . n 
A 1 48  ASP 48  54  54  ASP ASP A . n 
A 1 49  ALA 49  55  55  ALA ALA A . n 
A 1 50  LEU 50  56  56  LEU LEU A . n 
A 1 51  ASP 51  57  57  ASP ASP A . n 
A 1 52  LYS 52  58  58  LYS LYS A . n 
A 1 53  ILE 53  59  59  ILE ILE A . n 
A 1 54  ARG 54  60  60  ARG ARG A . n 
A 1 55  TYR 55  61  61  TYR TYR A . n 
A 1 56  GLU 56  62  62  GLU GLU A . n 
A 1 57  SER 57  63  63  SER SER A . n 
A 1 58  LEU 58  64  64  LEU LEU A . n 
A 1 59  THR 59  65  65  THR THR A . n 
A 1 60  ASP 60  66  66  ASP ASP A . n 
A 1 61  PRO 61  67  67  PRO PRO A . n 
A 1 62  SER 62  68  68  SER SER A . n 
A 1 63  LYS 63  69  69  LYS LYS A . n 
A 1 64  LEU 64  70  70  LEU LEU A . n 
A 1 65  ASP 65  71  71  ASP ASP A . n 
A 1 66  SER 66  72  72  SER SER A . n 
A 1 67  GLY 67  73  73  GLY GLY A . n 
A 1 68  LYS 68  74  74  LYS LYS A . n 
A 1 69  GLU 69  75  75  GLU GLU A . n 
A 1 70  LEU 70  76  76  LEU LEU A . n 
A 1 71  HIS 71  77  77  HIS HIS A . n 
A 1 72  ILE 72  78  78  ILE ILE A . n 
A 1 73  ASN 73  79  79  ASN ASN A . n 
A 1 74  LEU 74  80  80  LEU LEU A . n 
A 1 75  ILE 75  81  81  ILE ILE A . n 
A 1 76  PRO 76  82  82  PRO PRO A . n 
A 1 77  ASN 77  83  83  ASN ASN A . n 
A 1 78  LYS 78  84  84  LYS LYS A . n 
A 1 79  GLN 79  85  85  GLN GLN A . n 
A 1 80  ASP 80  86  86  ASP ASP A . n 
A 1 81  ARG 81  87  87  ARG ARG A . n 
A 1 82  THR 82  88  88  THR THR A . n 
A 1 83  LEU 83  89  89  LEU LEU A . n 
A 1 84  THR 84  90  90  THR THR A . n 
A 1 85  ILE 85  91  91  ILE ILE A . n 
A 1 86  VAL 86  92  92  VAL VAL A . n 
A 1 87  ASP 87  93  93  ASP ASP A . n 
A 1 88  THR 88  94  94  THR THR A . n 
A 1 89  GLY 89  95  95  GLY GLY A . n 
A 1 90  ILE 90  96  96  ILE ILE A . n 
A 1 91  GLY 91  97  97  GLY GLY A . n 
A 1 92  MET 92  98  98  MET MET A . n 
A 1 93  THR 93  99  99  THR THR A . n 
A 1 94  LYS 94  100 100 LYS LYS A . n 
A 1 95  ALA 95  101 101 ALA ALA A . n 
A 1 96  ASP 96  102 102 ASP ASP A . n 
A 1 97  LEU 97  103 103 LEU LEU A . n 
A 1 98  ILE 98  104 104 ILE ILE A . n 
A 1 99  ASN 99  105 105 ASN ASN A . n 
A 1 100 ASN 100 106 106 ASN ASN A . n 
A 1 101 LEU 101 107 107 LEU LEU A . n 
A 1 102 GLY 102 108 108 GLY GLY A . n 
A 1 103 THR 103 109 109 THR THR A . n 
A 1 104 ILE 104 110 110 ILE ILE A . n 
A 1 105 ALA 105 111 111 ALA ALA A . n 
A 1 106 LYS 106 112 112 LYS LYS A . n 
A 1 107 SER 107 113 113 SER SER A . n 
A 1 108 GLY 108 114 114 GLY GLY A . n 
A 1 109 THR 109 115 115 THR THR A . n 
A 1 110 LYS 110 116 116 LYS LYS A . n 
A 1 111 ALA 111 117 117 ALA ALA A . n 
A 1 112 PHE 112 118 118 PHE PHE A . n 
A 1 113 MET 113 119 119 MET MET A . n 
A 1 114 GLU 114 120 120 GLU GLU A . n 
A 1 115 ALA 115 121 121 ALA ALA A . n 
A 1 116 LEU 116 122 122 LEU LEU A . n 
A 1 117 GLN 117 123 123 GLN GLN A . n 
A 1 118 ALA 118 124 124 ALA ALA A . n 
A 1 119 GLY 119 125 125 GLY GLY A . n 
A 1 120 ALA 120 126 126 ALA ALA A . n 
A 1 121 ASP 121 127 127 ASP ASP A . n 
A 1 122 ILE 122 128 128 ILE ILE A . n 
A 1 123 SER 123 129 129 SER SER A . n 
A 1 124 MET 124 130 130 MET MET A . n 
A 1 125 ILE 125 131 131 ILE ILE A . n 
A 1 126 GLY 126 132 132 GLY GLY A . n 
A 1 127 GLN 127 133 133 GLN GLN A . n 
A 1 128 PHE 128 134 134 PHE PHE A . n 
A 1 129 GLY 129 135 135 GLY GLY A . n 
A 1 130 VAL 130 136 136 VAL VAL A . n 
A 1 131 GLY 131 137 137 GLY GLY A . n 
A 1 132 PHE 132 138 138 PHE PHE A . n 
A 1 133 TYR 133 139 139 TYR TYR A . n 
A 1 134 SER 134 140 140 SER SER A . n 
A 1 135 ALA 135 141 141 ALA ALA A . n 
A 1 136 TYR 136 142 142 TYR TYR A . n 
A 1 137 LEU 137 143 143 LEU LEU A . n 
A 1 138 VAL 138 144 144 VAL VAL A . n 
A 1 139 ALA 139 145 145 ALA ALA A . n 
A 1 140 GLU 140 146 146 GLU GLU A . n 
A 1 141 LYS 141 147 147 LYS LYS A . n 
A 1 142 VAL 142 148 148 VAL VAL A . n 
A 1 143 THR 143 149 149 THR THR A . n 
A 1 144 VAL 144 150 150 VAL VAL A . n 
A 1 145 ILE 145 151 151 ILE ILE A . n 
A 1 146 THR 146 152 152 THR THR A . n 
A 1 147 LYS 147 153 153 LYS LYS A . n 
A 1 148 HIS 148 154 154 HIS HIS A . n 
A 1 149 ASN 149 155 155 ASN ASN A . n 
A 1 150 ASP 150 156 156 ASP ASP A . n 
A 1 151 ASP 151 157 157 ASP ASP A . n 
A 1 152 GLU 152 158 158 GLU GLU A . n 
A 1 153 GLN 153 159 159 GLN GLN A . n 
A 1 154 TYR 154 160 160 TYR TYR A . n 
A 1 155 ALA 155 161 161 ALA ALA A . n 
A 1 156 TRP 156 162 162 TRP TRP A . n 
A 1 157 GLU 157 163 163 GLU GLU A . n 
A 1 158 SER 158 164 164 SER SER A . n 
A 1 159 SER 159 165 165 SER SER A . n 
A 1 160 ALA 160 166 166 ALA ALA A . n 
A 1 161 GLY 161 167 167 GLY GLY A . n 
A 1 162 GLY 162 168 168 GLY GLY A . n 
A 1 163 SER 163 169 169 SER SER A . n 
A 1 164 PHE 164 170 170 PHE PHE A . n 
A 1 165 THR 165 171 171 THR THR A . n 
A 1 166 VAL 166 172 172 VAL VAL A . n 
A 1 167 ARG 167 173 173 ARG ARG A . n 
A 1 168 THR 168 174 174 THR THR A . n 
A 1 169 ASP 169 175 175 ASP ASP A . n 
A 1 170 THR 170 176 176 THR THR A . n 
A 1 171 GLY 171 177 177 GLY GLY A . n 
A 1 172 GLU 172 178 178 GLU GLU A . n 
A 1 173 PRO 173 179 179 PRO PRO A . n 
A 1 174 MET 174 180 180 MET MET A . n 
A 1 175 GLY 175 181 181 GLY GLY A . n 
A 1 176 ARG 176 182 182 ARG ARG A . n 
A 1 177 GLY 177 183 183 GLY GLY A . n 
A 1 178 THR 178 184 184 THR THR A . n 
A 1 179 LYS 179 185 185 LYS LYS A . n 
A 1 180 VAL 180 186 186 VAL VAL A . n 
A 1 181 ILE 181 187 187 ILE ILE A . n 
A 1 182 LEU 182 188 188 LEU LEU A . n 
A 1 183 HIS 183 189 189 HIS HIS A . n 
A 1 184 LEU 184 190 190 LEU LEU A . n 
A 1 185 LYS 185 191 191 LYS LYS A . n 
A 1 186 GLU 186 192 192 GLU GLU A . n 
A 1 187 ASP 187 193 193 ASP ASP A . n 
A 1 188 GLN 188 194 194 GLN GLN A . n 
A 1 189 THR 189 195 195 THR THR A . n 
A 1 190 GLU 190 196 196 GLU GLU A . n 
A 1 191 TYR 191 197 197 TYR TYR A . n 
A 1 192 LEU 192 198 198 LEU LEU A . n 
A 1 193 GLU 193 199 199 GLU GLU A . n 
A 1 194 GLU 194 200 200 GLU GLU A . n 
A 1 195 ARG 195 201 201 ARG ARG A . n 
A 1 196 ARG 196 202 202 ARG ARG A . n 
A 1 197 ILE 197 203 203 ILE ILE A . n 
A 1 198 LYS 198 204 204 LYS LYS A . n 
A 1 199 GLU 199 205 205 GLU GLU A . n 
A 1 200 ILE 200 206 206 ILE ILE A . n 
A 1 201 VAL 201 207 207 VAL VAL A . n 
A 1 202 LYS 202 208 208 LYS LYS A . n 
A 1 203 LYS 203 209 209 LYS LYS A . n 
A 1 204 HIS 204 210 210 HIS HIS A . n 
A 1 205 SER 205 211 211 SER SER A . n 
A 1 206 GLN 206 212 212 GLN GLN A . n 
A 1 207 PHE 207 213 213 PHE PHE A . n 
A 1 208 ILE 208 214 214 ILE ILE A . n 
A 1 209 GLY 209 215 215 GLY GLY A . n 
A 1 210 TYR 210 216 216 TYR TYR A . n 
A 1 211 PRO 211 217 217 PRO PRO A . n 
A 1 212 ILE 212 218 218 ILE ILE A . n 
A 1 213 THR 213 219 219 THR THR A . n 
A 1 214 LEU 214 220 220 LEU LEU A . n 
A 1 215 PHE 215 221 221 PHE PHE A . n 
A 1 216 VAL 216 222 222 VAL VAL A . n 
A 1 217 GLU 217 223 223 GLU GLU A . n 
A 1 218 LYS 218 224 ?   ?   ?   A . n 
A 1 219 GLU 219 225 ?   ?   ?   A . n 
A 1 220 ARG 220 226 ?   ?   ?   A . n 
A 1 221 ASP 221 227 ?   ?   ?   A . n 
A 1 222 LYS 222 228 ?   ?   ?   A . n 
A 1 223 GLU 223 229 ?   ?   ?   A . n 
A 1 224 VAL 224 230 ?   ?   ?   A . n 
A 1 225 SER 225 231 ?   ?   ?   A . n 
A 1 226 ASP 226 232 ?   ?   ?   A . n 
A 1 227 ASP 227 233 ?   ?   ?   A . n 
A 1 228 GLU 228 234 ?   ?   ?   A . n 
A 1 229 ALA 229 235 ?   ?   ?   A . n 
A 1 230 GLU 230 236 ?   ?   ?   A . n 
# 
loop_
_pdbx_nonpoly_scheme.asym_id 
_pdbx_nonpoly_scheme.entity_id 
_pdbx_nonpoly_scheme.mon_id 
_pdbx_nonpoly_scheme.ndb_seq_num 
_pdbx_nonpoly_scheme.pdb_seq_num 
_pdbx_nonpoly_scheme.auth_seq_num 
_pdbx_nonpoly_scheme.pdb_mon_id 
_pdbx_nonpoly_scheme.auth_mon_id 
_pdbx_nonpoly_scheme.pdb_strand_id 
_pdbx_nonpoly_scheme.pdb_ins_code 
B 2 G3R 1  1224 1224 G3R G3R A . 
C 3 HOH 1  2001 2001 HOH HOH A . 
C 3 HOH 2  2002 2002 HOH HOH A . 
C 3 HOH 3  2003 2003 HOH HOH A . 
C 3 HOH 4  2004 2004 HOH HOH A . 
C 3 HOH 5  2005 2005 HOH HOH A . 
C 3 HOH 6  2006 2006 HOH HOH A . 
C 3 HOH 7  2007 2007 HOH HOH A . 
C 3 HOH 8  2008 2008 HOH HOH A . 
C 3 HOH 9  2009 2009 HOH HOH A . 
C 3 HOH 10 2010 2010 HOH HOH A . 
C 3 HOH 11 2011 2011 HOH HOH A . 
C 3 HOH 12 2012 2012 HOH HOH A . 
C 3 HOH 13 2013 2013 HOH HOH A . 
C 3 HOH 14 2014 2014 HOH HOH A . 
C 3 HOH 15 2015 2015 HOH HOH A . 
C 3 HOH 16 2016 2016 HOH HOH A . 
C 3 HOH 17 2017 2017 HOH HOH A . 
C 3 HOH 18 2018 2018 HOH HOH A . 
C 3 HOH 19 2019 2019 HOH HOH A . 
C 3 HOH 20 2020 2020 HOH HOH A . 
C 3 HOH 21 2021 2021 HOH HOH A . 
C 3 HOH 22 2022 2022 HOH HOH A . 
C 3 HOH 23 2023 2023 HOH HOH A . 
C 3 HOH 24 2024 2024 HOH HOH A . 
C 3 HOH 25 2025 2025 HOH HOH A . 
C 3 HOH 26 2026 2026 HOH HOH A . 
C 3 HOH 27 2027 2027 HOH HOH A . 
C 3 HOH 28 2028 2028 HOH HOH A . 
C 3 HOH 29 2029 2029 HOH HOH A . 
C 3 HOH 30 2030 2030 HOH HOH A . 
C 3 HOH 31 2031 2031 HOH HOH A . 
C 3 HOH 32 2032 2032 HOH HOH A . 
C 3 HOH 33 2033 2033 HOH HOH A . 
C 3 HOH 34 2034 2034 HOH HOH A . 
C 3 HOH 35 2035 2035 HOH HOH A . 
C 3 HOH 36 2036 2036 HOH HOH A . 
C 3 HOH 37 2037 2037 HOH HOH A . 
C 3 HOH 38 2038 2038 HOH HOH A . 
C 3 HOH 39 2039 2039 HOH HOH A . 
C 3 HOH 40 2040 2040 HOH HOH A . 
C 3 HOH 41 2041 2041 HOH HOH A . 
C 3 HOH 42 2042 2042 HOH HOH A . 
C 3 HOH 43 2043 2043 HOH HOH A . 
C 3 HOH 44 2044 2044 HOH HOH A . 
C 3 HOH 45 2045 2045 HOH HOH A . 
C 3 HOH 46 2046 2046 HOH HOH A . 
C 3 HOH 47 2047 2047 HOH HOH A . 
C 3 HOH 48 2048 2048 HOH HOH A . 
C 3 HOH 49 2049 2049 HOH HOH A . 
C 3 HOH 50 2050 2050 HOH HOH A . 
C 3 HOH 51 2051 2051 HOH HOH A . 
C 3 HOH 52 2052 2052 HOH HOH A . 
C 3 HOH 53 2053 2053 HOH HOH A . 
C 3 HOH 54 2054 2054 HOH HOH A . 
C 3 HOH 55 2055 2055 HOH HOH A . 
C 3 HOH 56 2056 2056 HOH HOH A . 
C 3 HOH 57 2057 2057 HOH HOH A . 
C 3 HOH 58 2058 2058 HOH HOH A . 
C 3 HOH 59 2059 2059 HOH HOH A . 
C 3 HOH 60 2060 2060 HOH HOH A . 
C 3 HOH 61 2061 2061 HOH HOH A . 
C 3 HOH 62 2062 2062 HOH HOH A . 
C 3 HOH 63 2063 2063 HOH HOH A . 
C 3 HOH 64 2064 2064 HOH HOH A . 
C 3 HOH 65 2065 2065 HOH HOH A . 
C 3 HOH 66 2066 2066 HOH HOH A . 
C 3 HOH 67 2067 2067 HOH HOH A . 
C 3 HOH 68 2068 2068 HOH HOH A . 
C 3 HOH 69 2069 2069 HOH HOH A . 
C 3 HOH 70 2070 2070 HOH HOH A . 
C 3 HOH 71 2071 2071 HOH HOH A . 
C 3 HOH 72 2072 2072 HOH HOH A . 
C 3 HOH 73 2073 2073 HOH HOH A . 
C 3 HOH 74 2074 2074 HOH HOH A . 
C 3 HOH 75 2075 2075 HOH HOH A . 
C 3 HOH 76 2076 2076 HOH HOH A . 
C 3 HOH 77 2077 2077 HOH HOH A . 
C 3 HOH 78 2078 2078 HOH HOH A . 
C 3 HOH 79 2079 2079 HOH HOH A . 
C 3 HOH 80 2080 2080 HOH HOH A . 
C 3 HOH 81 2081 2081 HOH HOH A . 
C 3 HOH 82 2082 2082 HOH HOH A . 
C 3 HOH 83 2083 2083 HOH HOH A . 
C 3 HOH 84 2084 2084 HOH HOH A . 
C 3 HOH 85 2085 2085 HOH HOH A . 
# 
loop_
_software.name 
_software.classification 
_software.version 
_software.citation_id 
_software.pdbx_ordinal 
REFMAC    refinement       5.6.0117 ? 1 
DENZO     'data reduction' .        ? 2 
SCALEPACK 'data scaling'   .        ? 3 
# 
_cell.entry_id           4CWS 
_cell.length_a           67.143 
_cell.length_b           91.529 
_cell.length_c           99.432 
_cell.angle_alpha        90.00 
_cell.angle_beta         90.00 
_cell.angle_gamma        90.00 
_cell.Z_PDB              8 
_cell.pdbx_unique_axis   ? 
# 
_symmetry.entry_id                         4CWS 
_symmetry.space_group_name_H-M             'I 2 2 2' 
_symmetry.pdbx_full_space_group_name_H-M   ? 
_symmetry.cell_setting                     ? 
_symmetry.Int_Tables_number                23 
# 
_exptl.entry_id          4CWS 
_exptl.method            'X-RAY DIFFRACTION' 
_exptl.crystals_number   1 
# 
_exptl_crystal.id                    1 
_exptl_crystal.density_meas          ? 
_exptl_crystal.density_Matthews      3.1 
_exptl_crystal.density_percent_sol   60.5 
_exptl_crystal.description           NONE 
# 
_diffrn.id                     1 
_diffrn.ambient_temp           100 
_diffrn.ambient_temp_details   ? 
_diffrn.crystal_id             1 
# 
_diffrn_detector.diffrn_id              1 
_diffrn_detector.detector               'IMAGE PLATE' 
_diffrn_detector.type                   'MAR scanner 345 mm plate' 
_diffrn_detector.pdbx_collection_date   2008-04-15 
_diffrn_detector.details                ? 
# 
_diffrn_radiation.diffrn_id                        1 
_diffrn_radiation.wavelength_id                    1 
_diffrn_radiation.pdbx_monochromatic_or_laue_m_l   M 
_diffrn_radiation.monochromator                    ? 
_diffrn_radiation.pdbx_diffrn_protocol             'SINGLE WAVELENGTH' 
_diffrn_radiation.pdbx_scattering_type             x-ray 
# 
_diffrn_radiation_wavelength.id           1 
_diffrn_radiation_wavelength.wavelength   1.5418 
_diffrn_radiation_wavelength.wt           1.0 
# 
_diffrn_source.diffrn_id                   1 
_diffrn_source.source                      'ROTATING ANODE' 
_diffrn_source.type                        'RIGAKU MICROMAX-007 HF' 
_diffrn_source.pdbx_synchrotron_site       ? 
_diffrn_source.pdbx_synchrotron_beamline   ? 
_diffrn_source.pdbx_wavelength             1.5418 
_diffrn_source.pdbx_wavelength_list        ? 
# 
_reflns.pdbx_diffrn_id               1 
_reflns.pdbx_ordinal                 1 
_reflns.entry_id                     4CWS 
_reflns.observed_criterion_sigma_I   0.0 
_reflns.observed_criterion_sigma_F   ? 
_reflns.d_resolution_low             30.00 
_reflns.d_resolution_high            2.30 
_reflns.number_obs                   12942 
_reflns.number_all                   ? 
_reflns.percent_possible_obs         93.6 
_reflns.pdbx_Rmerge_I_obs            0.05 
_reflns.pdbx_Rsym_value              ? 
_reflns.pdbx_netI_over_sigmaI        17.10 
_reflns.B_iso_Wilson_estimate        ? 
_reflns.pdbx_redundancy              5.7 
# 
_reflns_shell.pdbx_diffrn_id         1 
_reflns_shell.pdbx_ordinal           1 
_reflns_shell.d_res_high             2.30 
_reflns_shell.d_res_low              2.38 
_reflns_shell.percent_possible_all   95.5 
_reflns_shell.Rmerge_I_obs           0.27 
_reflns_shell.pdbx_Rsym_value        ? 
_reflns_shell.meanI_over_sigI_obs    5.80 
_reflns_shell.pdbx_redundancy        ? 
# 
_refine.pdbx_refine_id                           'X-RAY DIFFRACTION' 
_refine.entry_id                                 4CWS 
_refine.pdbx_diffrn_id                           1 
_refine.pdbx_TLS_residual_ADP_flag               ? 
_refine.ls_number_reflns_obs                     12288 
_refine.ls_number_reflns_all                     ? 
_refine.pdbx_ls_sigma_I                          ? 
_refine.pdbx_ls_sigma_F                          . 
_refine.pdbx_data_cutoff_high_absF               ? 
_refine.pdbx_data_cutoff_low_absF                ? 
_refine.pdbx_data_cutoff_high_rms_absF           ? 
_refine.ls_d_res_low                             30.00 
_refine.ls_d_res_high                            2.30 
_refine.ls_percent_reflns_obs                    92.86 
_refine.ls_R_factor_obs                          0.20602 
_refine.ls_R_factor_all                          ? 
_refine.ls_R_factor_R_work                       0.20294 
_refine.ls_R_factor_R_free                       0.26394 
_refine.ls_R_factor_R_free_error                 ? 
_refine.ls_R_factor_R_free_error_details         ? 
_refine.ls_percent_reflns_R_free                 5.0 
_refine.ls_number_reflns_R_free                  648 
_refine.ls_number_parameters                     ? 
_refine.ls_number_restraints                     ? 
_refine.occupancy_min                            ? 
_refine.occupancy_max                            ? 
_refine.correlation_coeff_Fo_to_Fc               0.944 
_refine.correlation_coeff_Fo_to_Fc_free          0.905 
_refine.B_iso_mean                               33.554 
_refine.aniso_B[1][1]                            -1.15 
_refine.aniso_B[2][2]                            1.27 
_refine.aniso_B[3][3]                            -0.12 
_refine.aniso_B[1][2]                            0.00 
_refine.aniso_B[1][3]                            0.00 
_refine.aniso_B[2][3]                            0.00 
_refine.solvent_model_details                    MASK 
_refine.solvent_model_param_ksol                 ? 
_refine.solvent_model_param_bsol                 ? 
_refine.pdbx_solvent_vdw_probe_radii             1.40 
_refine.pdbx_solvent_ion_probe_radii             0.80 
_refine.pdbx_solvent_shrinkage_radii             0.80 
_refine.pdbx_ls_cross_valid_method               THROUGHOUT 
_refine.details                                  'HYDROGENS HAVE BEEN ADDED IN THE RIDING POSITIONS.' 
_refine.pdbx_starting_model                      NONE 
_refine.pdbx_method_to_determine_struct          OTHER 
_refine.pdbx_isotropic_thermal_model             ? 
_refine.pdbx_stereochemistry_target_values       'MAXIMUM LIKELIHOOD' 
_refine.pdbx_stereochem_target_val_spec_case     ? 
_refine.pdbx_R_Free_selection_details            RANDOM 
_refine.pdbx_overall_ESU_R                       0.278 
_refine.pdbx_overall_ESU_R_Free                  0.238 
_refine.overall_SU_ML                            0.150 
_refine.pdbx_overall_phase_error                 ? 
_refine.overall_SU_B                             6.014 
_refine.overall_SU_R_Cruickshank_DPI             ? 
_refine.pdbx_overall_SU_R_free_Cruickshank_DPI   ? 
_refine.pdbx_overall_SU_R_Blow_DPI               ? 
_refine.pdbx_overall_SU_R_free_Blow_DPI          ? 
# 
_refine_hist.pdbx_refine_id                   'X-RAY DIFFRACTION' 
_refine_hist.cycle_id                         LAST 
_refine_hist.pdbx_number_atoms_protein        1626 
_refine_hist.pdbx_number_atoms_nucleic_acid   0 
_refine_hist.pdbx_number_atoms_ligand         28 
_refine_hist.number_atoms_solvent             85 
_refine_hist.number_atoms_total               1739 
_refine_hist.d_res_high                       2.30 
_refine_hist.d_res_low                        30.00 
# 
loop_
_refine_ls_restr.type 
_refine_ls_restr.dev_ideal 
_refine_ls_restr.dev_ideal_target 
_refine_ls_restr.weight 
_refine_ls_restr.number 
_refine_ls_restr.pdbx_refine_id 
_refine_ls_restr.pdbx_restraint_function 
r_bond_refined_d             0.013  0.020  ? 1684 'X-RAY DIFFRACTION' ? 
r_bond_other_d               ?      ?      ? ?    'X-RAY DIFFRACTION' ? 
r_angle_refined_deg          1.741  1.983  ? 2274 'X-RAY DIFFRACTION' ? 
r_angle_other_deg            ?      ?      ? ?    'X-RAY DIFFRACTION' ? 
r_dihedral_angle_1_deg       6.056  5.000  ? 206  'X-RAY DIFFRACTION' ? 
r_dihedral_angle_2_deg       38.658 25.135 ? 74   'X-RAY DIFFRACTION' ? 
r_dihedral_angle_3_deg       15.357 15.000 ? 306  'X-RAY DIFFRACTION' ? 
r_dihedral_angle_4_deg       23.530 15.000 ? 7    'X-RAY DIFFRACTION' ? 
r_chiral_restr               0.098  0.200  ? 257  'X-RAY DIFFRACTION' ? 
r_gen_planes_refined         0.006  0.020  ? 1240 'X-RAY DIFFRACTION' ? 
r_gen_planes_other           ?      ?      ? ?    'X-RAY DIFFRACTION' ? 
r_nbd_refined                ?      ?      ? ?    'X-RAY DIFFRACTION' ? 
r_nbd_other                  ?      ?      ? ?    'X-RAY DIFFRACTION' ? 
r_nbtor_refined              ?      ?      ? ?    'X-RAY DIFFRACTION' ? 
r_nbtor_other                ?      ?      ? ?    'X-RAY DIFFRACTION' ? 
r_xyhbond_nbd_refined        ?      ?      ? ?    'X-RAY DIFFRACTION' ? 
r_xyhbond_nbd_other          ?      ?      ? ?    'X-RAY DIFFRACTION' ? 
r_metal_ion_refined          ?      ?      ? ?    'X-RAY DIFFRACTION' ? 
r_metal_ion_other            ?      ?      ? ?    'X-RAY DIFFRACTION' ? 
r_symmetry_vdw_refined       ?      ?      ? ?    'X-RAY DIFFRACTION' ? 
r_symmetry_vdw_other         ?      ?      ? ?    'X-RAY DIFFRACTION' ? 
r_symmetry_hbond_refined     ?      ?      ? ?    'X-RAY DIFFRACTION' ? 
r_symmetry_hbond_other       ?      ?      ? ?    'X-RAY DIFFRACTION' ? 
r_symmetry_metal_ion_refined ?      ?      ? ?    'X-RAY DIFFRACTION' ? 
r_symmetry_metal_ion_other   ?      ?      ? ?    'X-RAY DIFFRACTION' ? 
r_mcbond_it                  ?      ?      ? ?    'X-RAY DIFFRACTION' ? 
r_mcbond_other               ?      ?      ? ?    'X-RAY DIFFRACTION' ? 
r_mcangle_it                 ?      ?      ? ?    'X-RAY DIFFRACTION' ? 
r_mcangle_other              ?      ?      ? ?    'X-RAY DIFFRACTION' ? 
r_scbond_it                  ?      ?      ? ?    'X-RAY DIFFRACTION' ? 
r_scbond_other               ?      ?      ? ?    'X-RAY DIFFRACTION' ? 
r_scangle_it                 ?      ?      ? ?    'X-RAY DIFFRACTION' ? 
r_scangle_other              ?      ?      ? ?    'X-RAY DIFFRACTION' ? 
r_long_range_B_refined       ?      ?      ? ?    'X-RAY DIFFRACTION' ? 
r_long_range_B_other         ?      ?      ? ?    'X-RAY DIFFRACTION' ? 
r_rigid_bond_restr           ?      ?      ? ?    'X-RAY DIFFRACTION' ? 
r_sphericity_free            ?      ?      ? ?    'X-RAY DIFFRACTION' ? 
r_sphericity_bonded          ?      ?      ? ?    'X-RAY DIFFRACTION' ? 
# 
_refine_ls_shell.pdbx_refine_id                   'X-RAY DIFFRACTION' 
_refine_ls_shell.pdbx_total_number_of_bins_used   20 
_refine_ls_shell.d_res_high                       2.303 
_refine_ls_shell.d_res_low                        2.362 
_refine_ls_shell.number_reflns_R_work             809 
_refine_ls_shell.R_factor_R_work                  0.269 
_refine_ls_shell.percent_reflns_obs               89.98 
_refine_ls_shell.R_factor_R_free                  0.313 
_refine_ls_shell.R_factor_R_free_error            ? 
_refine_ls_shell.percent_reflns_R_free            ? 
_refine_ls_shell.number_reflns_R_free             44 
_refine_ls_shell.number_reflns_all                ? 
_refine_ls_shell.R_factor_all                     ? 
# 
_struct.entry_id                  4CWS 
_struct.title                     'Human HSP90 alpha N-terminal domain in complex with an Aminotriazoloquinazoline inhibitor' 
_struct.pdbx_model_details        ? 
_struct.pdbx_CASP_flag            ? 
_struct.pdbx_model_type_details   ? 
# 
_struct_keywords.entry_id        4CWS 
_struct_keywords.pdbx_keywords   CHAPERONE 
_struct_keywords.text            CHAPERONE 
# 
loop_
_struct_asym.id 
_struct_asym.pdbx_blank_PDB_chainid_flag 
_struct_asym.pdbx_modified 
_struct_asym.entity_id 
_struct_asym.details 
A N N 1 ? 
B N N 2 ? 
C N N 3 ? 
# 
_struct_ref.id                         1 
_struct_ref.db_name                    UNP 
_struct_ref.db_code                    HS90A_HUMAN 
_struct_ref.entity_id                  1 
_struct_ref.pdbx_seq_one_letter_code   ? 
_struct_ref.pdbx_align_begin           ? 
_struct_ref.pdbx_db_accession          P07900 
_struct_ref.pdbx_db_isoform            ? 
# 
_struct_ref_seq.align_id                      1 
_struct_ref_seq.ref_id                        1 
_struct_ref_seq.pdbx_PDB_id_code              4CWS 
_struct_ref_seq.pdbx_strand_id                A 
_struct_ref_seq.seq_align_beg                 3 
_struct_ref_seq.pdbx_seq_align_beg_ins_code   ? 
_struct_ref_seq.seq_align_end                 230 
_struct_ref_seq.pdbx_seq_align_end_ins_code   ? 
_struct_ref_seq.pdbx_db_accession             P07900 
_struct_ref_seq.db_align_beg                  9 
_struct_ref_seq.pdbx_db_align_beg_ins_code    ? 
_struct_ref_seq.db_align_end                  236 
_struct_ref_seq.pdbx_db_align_end_ins_code    ? 
_struct_ref_seq.pdbx_auth_seq_align_beg       9 
_struct_ref_seq.pdbx_auth_seq_align_end       236 
# 
loop_
_struct_ref_seq_dif.align_id 
_struct_ref_seq_dif.pdbx_pdb_id_code 
_struct_ref_seq_dif.mon_id 
_struct_ref_seq_dif.pdbx_pdb_strand_id 
_struct_ref_seq_dif.seq_num 
_struct_ref_seq_dif.pdbx_pdb_ins_code 
_struct_ref_seq_dif.pdbx_seq_db_name 
_struct_ref_seq_dif.pdbx_seq_db_accession_code 
_struct_ref_seq_dif.db_mon_id 
_struct_ref_seq_dif.pdbx_seq_db_seq_num 
_struct_ref_seq_dif.details 
_struct_ref_seq_dif.pdbx_auth_seq_num 
_struct_ref_seq_dif.pdbx_ordinal 
1 4CWS GLY A 1 ? UNP P07900 ? ? 'expression tag' 7 1 
1 4CWS PRO A 2 ? UNP P07900 ? ? 'expression tag' 8 2 
# 
_pdbx_struct_assembly.id                   1 
_pdbx_struct_assembly.details              author_and_software_defined_assembly 
_pdbx_struct_assembly.method_details       PISA 
_pdbx_struct_assembly.oligomeric_details   monomeric 
_pdbx_struct_assembly.oligomeric_count     1 
# 
_pdbx_struct_assembly_gen.assembly_id       1 
_pdbx_struct_assembly_gen.oper_expression   1 
_pdbx_struct_assembly_gen.asym_id_list      A,B,C 
# 
_pdbx_struct_oper_list.id                   1 
_pdbx_struct_oper_list.type                 'identity operation' 
_pdbx_struct_oper_list.name                 1_555 
_pdbx_struct_oper_list.symmetry_operation   x,y,z 
_pdbx_struct_oper_list.matrix[1][1]         1.0000000000 
_pdbx_struct_oper_list.matrix[1][2]         0.0000000000 
_pdbx_struct_oper_list.matrix[1][3]         0.0000000000 
_pdbx_struct_oper_list.vector[1]            0.0000000000 
_pdbx_struct_oper_list.matrix[2][1]         0.0000000000 
_pdbx_struct_oper_list.matrix[2][2]         1.0000000000 
_pdbx_struct_oper_list.matrix[2][3]         0.0000000000 
_pdbx_struct_oper_list.vector[2]            0.0000000000 
_pdbx_struct_oper_list.matrix[3][1]         0.0000000000 
_pdbx_struct_oper_list.matrix[3][2]         0.0000000000 
_pdbx_struct_oper_list.matrix[3][3]         1.0000000000 
_pdbx_struct_oper_list.vector[3]            0.0000000000 
# 
_struct_biol.id   1 
# 
loop_
_struct_conf.conf_type_id 
_struct_conf.id 
_struct_conf.pdbx_PDB_helix_id 
_struct_conf.beg_label_comp_id 
_struct_conf.beg_label_asym_id 
_struct_conf.beg_label_seq_id 
_struct_conf.pdbx_beg_PDB_ins_code 
_struct_conf.end_label_comp_id 
_struct_conf.end_label_asym_id 
_struct_conf.end_label_seq_id 
_struct_conf.pdbx_end_PDB_ins_code 
_struct_conf.beg_auth_comp_id 
_struct_conf.beg_auth_asym_id 
_struct_conf.beg_auth_seq_id 
_struct_conf.end_auth_comp_id 
_struct_conf.end_auth_asym_id 
_struct_conf.end_auth_seq_id 
_struct_conf.pdbx_PDB_helix_class 
_struct_conf.details 
_struct_conf.pdbx_PDB_helix_length 
HELX_P HELX_P1 1 GLN A 17  ? THR A 30  ? GLN A 23  THR A 36  1 ? 14 
HELX_P HELX_P2 2 GLU A 36  ? SER A 57  ? GLU A 42  SER A 63  1 ? 22 
HELX_P HELX_P3 3 ASP A 60  ? ASP A 65  ? ASP A 66  ASP A 71  5 ? 6  
HELX_P HELX_P4 4 THR A 93  ? ASN A 99  ? THR A 99  ASN A 105 1 ? 7  
HELX_P HELX_P5 5 ASN A 99  ? ALA A 118 ? ASN A 105 ALA A 124 1 ? 20 
HELX_P HELX_P6 6 ASP A 121 ? GLY A 129 ? ASP A 127 GLY A 135 5 ? 9  
HELX_P HELX_P7 7 VAL A 130 ? LEU A 137 ? VAL A 136 LEU A 143 5 ? 8  
HELX_P HELX_P8 8 GLU A 186 ? LEU A 192 ? GLU A 192 LEU A 198 5 ? 7  
HELX_P HELX_P9 9 GLU A 193 ? SER A 205 ? GLU A 199 SER A 211 1 ? 13 
# 
_struct_conf_type.id          HELX_P 
_struct_conf_type.criteria    ? 
_struct_conf_type.reference   ? 
# 
_struct_sheet.id               AA 
_struct_sheet.type             ? 
_struct_sheet.number_strands   8 
_struct_sheet.details          ? 
# 
loop_
_struct_sheet_order.sheet_id 
_struct_sheet_order.range_id_1 
_struct_sheet_order.range_id_2 
_struct_sheet_order.offset 
_struct_sheet_order.sense 
AA 1 2 ? anti-parallel 
AA 2 3 ? anti-parallel 
AA 3 4 ? anti-parallel 
AA 4 5 ? anti-parallel 
AA 5 6 ? anti-parallel 
AA 6 7 ? anti-parallel 
AA 7 8 ? parallel      
# 
loop_
_struct_sheet_range.sheet_id 
_struct_sheet_range.id 
_struct_sheet_range.beg_label_comp_id 
_struct_sheet_range.beg_label_asym_id 
_struct_sheet_range.beg_label_seq_id 
_struct_sheet_range.pdbx_beg_PDB_ins_code 
_struct_sheet_range.end_label_comp_id 
_struct_sheet_range.end_label_asym_id 
_struct_sheet_range.end_label_seq_id 
_struct_sheet_range.pdbx_end_PDB_ins_code 
_struct_sheet_range.beg_auth_comp_id 
_struct_sheet_range.beg_auth_asym_id 
_struct_sheet_range.beg_auth_seq_id 
_struct_sheet_range.end_auth_comp_id 
_struct_sheet_range.end_auth_asym_id 
_struct_sheet_range.end_auth_seq_id 
AA 1 GLU A 12  ? ALA A 15  ? GLU A 18  ALA A 21  
AA 2 SER A 163 ? THR A 168 ? SER A 169 THR A 174 
AA 3 GLN A 153 ? SER A 158 ? GLN A 159 SER A 164 
AA 4 ALA A 139 ? LYS A 147 ? ALA A 145 LYS A 153 
AA 5 GLY A 177 ? LEU A 184 ? GLY A 183 LEU A 190 
AA 6 THR A 82  ? ASP A 87  ? THR A 88  ASP A 93  
AA 7 ILE A 72  ? ASN A 77  ? ILE A 78  ASN A 83  
AA 8 ILE A 212 ? LEU A 214 ? ILE A 218 LEU A 220 
# 
loop_
_pdbx_struct_sheet_hbond.sheet_id 
_pdbx_struct_sheet_hbond.range_id_1 
_pdbx_struct_sheet_hbond.range_id_2 
_pdbx_struct_sheet_hbond.range_1_label_atom_id 
_pdbx_struct_sheet_hbond.range_1_label_comp_id 
_pdbx_struct_sheet_hbond.range_1_label_asym_id 
_pdbx_struct_sheet_hbond.range_1_label_seq_id 
_pdbx_struct_sheet_hbond.range_1_PDB_ins_code 
_pdbx_struct_sheet_hbond.range_1_auth_atom_id 
_pdbx_struct_sheet_hbond.range_1_auth_comp_id 
_pdbx_struct_sheet_hbond.range_1_auth_asym_id 
_pdbx_struct_sheet_hbond.range_1_auth_seq_id 
_pdbx_struct_sheet_hbond.range_2_label_atom_id 
_pdbx_struct_sheet_hbond.range_2_label_comp_id 
_pdbx_struct_sheet_hbond.range_2_label_asym_id 
_pdbx_struct_sheet_hbond.range_2_label_seq_id 
_pdbx_struct_sheet_hbond.range_2_PDB_ins_code 
_pdbx_struct_sheet_hbond.range_2_auth_atom_id 
_pdbx_struct_sheet_hbond.range_2_auth_comp_id 
_pdbx_struct_sheet_hbond.range_2_auth_asym_id 
_pdbx_struct_sheet_hbond.range_2_auth_seq_id 
AA 1 2 N PHE A 14  ? N PHE A 20  O PHE A 164 ? O PHE A 170 
AA 2 3 N ARG A 167 ? N ARG A 173 O ALA A 155 ? O ALA A 161 
AA 3 4 N SER A 158 ? N SER A 164 O VAL A 142 ? O VAL A 148 
AA 4 5 N LYS A 147 ? N LYS A 153 O GLY A 177 ? O GLY A 183 
AA 5 6 N LEU A 182 ? N LEU A 188 O LEU A 83  ? O LEU A 89  
AA 6 7 N VAL A 86  ? N VAL A 92  O ASN A 73  ? O ASN A 79  
AA 7 8 N LEU A 74  ? N LEU A 80  O THR A 213 ? O THR A 219 
# 
_struct_site.id                   AC1 
_struct_site.pdbx_evidence_code   Software 
_struct_site.pdbx_auth_asym_id    A 
_struct_site.pdbx_auth_comp_id    G3R 
_struct_site.pdbx_auth_seq_id     1224 
_struct_site.pdbx_auth_ins_code   ? 
_struct_site.pdbx_num_residues    17 
_struct_site.details              'BINDING SITE FOR RESIDUE G3R A 1224' 
# 
loop_
_struct_site_gen.id 
_struct_site_gen.site_id 
_struct_site_gen.pdbx_num_res 
_struct_site_gen.label_comp_id 
_struct_site_gen.label_asym_id 
_struct_site_gen.label_seq_id 
_struct_site_gen.pdbx_auth_ins_code 
_struct_site_gen.auth_comp_id 
_struct_site_gen.auth_asym_id 
_struct_site_gen.auth_seq_id 
_struct_site_gen.label_atom_id 
_struct_site_gen.label_alt_id 
_struct_site_gen.symmetry 
_struct_site_gen.details 
1  AC1 17 ASN A 45  ? ASN A 51   . ? 1_555 ? 
2  AC1 17 ALA A 49  ? ALA A 55   . ? 1_555 ? 
3  AC1 17 LYS A 52  ? LYS A 58   . ? 1_555 ? 
4  AC1 17 TYR A 55  ? TYR A 61   . ? 2_555 ? 
5  AC1 17 ASP A 87  ? ASP A 93   . ? 1_555 ? 
6  AC1 17 ILE A 90  ? ILE A 96   . ? 1_555 ? 
7  AC1 17 GLY A 91  ? GLY A 97   . ? 1_555 ? 
8  AC1 17 MET A 92  ? MET A 98   . ? 1_555 ? 
9  AC1 17 ASP A 96  ? ASP A 102  . ? 1_555 ? 
10 AC1 17 LEU A 101 ? LEU A 107  . ? 1_555 ? 
11 AC1 17 PHE A 132 ? PHE A 138  . ? 1_555 ? 
12 AC1 17 VAL A 144 ? VAL A 150  . ? 1_555 ? 
13 AC1 17 TRP A 156 ? TRP A 162  . ? 1_555 ? 
14 AC1 17 HOH C .   ? HOH A 2023 . ? 1_555 ? 
15 AC1 17 HOH C .   ? HOH A 2043 . ? 1_555 ? 
16 AC1 17 HOH C .   ? HOH A 2057 . ? 1_555 ? 
17 AC1 17 HOH C .   ? HOH A 2085 . ? 1_555 ? 
# 
_pdbx_validate_rmsd_bond.id                        1 
_pdbx_validate_rmsd_bond.PDB_model_num             1 
_pdbx_validate_rmsd_bond.auth_atom_id_1            CG 
_pdbx_validate_rmsd_bond.auth_asym_id_1            A 
_pdbx_validate_rmsd_bond.auth_comp_id_1            HIS 
_pdbx_validate_rmsd_bond.auth_seq_id_1             189 
_pdbx_validate_rmsd_bond.PDB_ins_code_1            ? 
_pdbx_validate_rmsd_bond.label_alt_id_1            ? 
_pdbx_validate_rmsd_bond.auth_atom_id_2            CD2 
_pdbx_validate_rmsd_bond.auth_asym_id_2            A 
_pdbx_validate_rmsd_bond.auth_comp_id_2            HIS 
_pdbx_validate_rmsd_bond.auth_seq_id_2             189 
_pdbx_validate_rmsd_bond.PDB_ins_code_2            ? 
_pdbx_validate_rmsd_bond.label_alt_id_2            ? 
_pdbx_validate_rmsd_bond.bond_value                1.411 
_pdbx_validate_rmsd_bond.bond_target_value         1.354 
_pdbx_validate_rmsd_bond.bond_deviation            0.057 
_pdbx_validate_rmsd_bond.bond_standard_deviation   0.009 
_pdbx_validate_rmsd_bond.linker_flag               N 
# 
loop_
_pdbx_validate_torsion.id 
_pdbx_validate_torsion.PDB_model_num 
_pdbx_validate_torsion.auth_comp_id 
_pdbx_validate_torsion.auth_asym_id 
_pdbx_validate_torsion.auth_seq_id 
_pdbx_validate_torsion.PDB_ins_code 
_pdbx_validate_torsion.label_alt_id 
_pdbx_validate_torsion.phi 
_pdbx_validate_torsion.psi 
1 1 ALA A 166 ? ? 60.54  -149.23 
2 1 ARG A 182 ? ? 177.87 132.21  
# 
loop_
_pdbx_unobs_or_zero_occ_residues.id 
_pdbx_unobs_or_zero_occ_residues.PDB_model_num 
_pdbx_unobs_or_zero_occ_residues.polymer_flag 
_pdbx_unobs_or_zero_occ_residues.occupancy_flag 
_pdbx_unobs_or_zero_occ_residues.auth_asym_id 
_pdbx_unobs_or_zero_occ_residues.auth_comp_id 
_pdbx_unobs_or_zero_occ_residues.auth_seq_id 
_pdbx_unobs_or_zero_occ_residues.PDB_ins_code 
_pdbx_unobs_or_zero_occ_residues.label_asym_id 
_pdbx_unobs_or_zero_occ_residues.label_comp_id 
_pdbx_unobs_or_zero_occ_residues.label_seq_id 
1  1 Y 1 A GLY 7   ? A GLY 1   
2  1 Y 1 A PRO 8   ? A PRO 2   
3  1 Y 1 A ASP 9   ? A ASP 3   
4  1 Y 1 A GLN 10  ? A GLN 4   
5  1 Y 1 A PRO 11  ? A PRO 5   
6  1 Y 1 A MET 12  ? A MET 6   
7  1 Y 1 A GLU 13  ? A GLU 7   
8  1 Y 1 A GLU 14  ? A GLU 8   
9  1 Y 1 A GLU 15  ? A GLU 9   
10 1 Y 1 A GLU 16  ? A GLU 10  
11 1 Y 1 A LYS 224 ? A LYS 218 
12 1 Y 1 A GLU 225 ? A GLU 219 
13 1 Y 1 A ARG 226 ? A ARG 220 
14 1 Y 1 A ASP 227 ? A ASP 221 
15 1 Y 1 A LYS 228 ? A LYS 222 
16 1 Y 1 A GLU 229 ? A GLU 223 
17 1 Y 1 A VAL 230 ? A VAL 224 
18 1 Y 1 A SER 231 ? A SER 225 
19 1 Y 1 A ASP 232 ? A ASP 226 
20 1 Y 1 A ASP 233 ? A ASP 227 
21 1 Y 1 A GLU 234 ? A GLU 228 
22 1 Y 1 A ALA 235 ? A ALA 229 
23 1 Y 1 A GLU 236 ? A GLU 230 
# 
loop_
_chem_comp_atom.comp_id 
_chem_comp_atom.atom_id 
_chem_comp_atom.type_symbol 
_chem_comp_atom.pdbx_aromatic_flag 
_chem_comp_atom.pdbx_stereo_config 
_chem_comp_atom.pdbx_ordinal 
ALA N    N N N 1   
ALA CA   C N S 2   
ALA C    C N N 3   
ALA O    O N N 4   
ALA CB   C N N 5   
ALA OXT  O N N 6   
ALA H    H N N 7   
ALA H2   H N N 8   
ALA HA   H N N 9   
ALA HB1  H N N 10  
ALA HB2  H N N 11  
ALA HB3  H N N 12  
ALA HXT  H N N 13  
ARG N    N N N 14  
ARG CA   C N S 15  
ARG C    C N N 16  
ARG O    O N N 17  
ARG CB   C N N 18  
ARG CG   C N N 19  
ARG CD   C N N 20  
ARG NE   N N N 21  
ARG CZ   C N N 22  
ARG NH1  N N N 23  
ARG NH2  N N N 24  
ARG OXT  O N N 25  
ARG H    H N N 26  
ARG H2   H N N 27  
ARG HA   H N N 28  
ARG HB2  H N N 29  
ARG HB3  H N N 30  
ARG HG2  H N N 31  
ARG HG3  H N N 32  
ARG HD2  H N N 33  
ARG HD3  H N N 34  
ARG HE   H N N 35  
ARG HH11 H N N 36  
ARG HH12 H N N 37  
ARG HH21 H N N 38  
ARG HH22 H N N 39  
ARG HXT  H N N 40  
ASN N    N N N 41  
ASN CA   C N S 42  
ASN C    C N N 43  
ASN O    O N N 44  
ASN CB   C N N 45  
ASN CG   C N N 46  
ASN OD1  O N N 47  
ASN ND2  N N N 48  
ASN OXT  O N N 49  
ASN H    H N N 50  
ASN H2   H N N 51  
ASN HA   H N N 52  
ASN HB2  H N N 53  
ASN HB3  H N N 54  
ASN HD21 H N N 55  
ASN HD22 H N N 56  
ASN HXT  H N N 57  
ASP N    N N N 58  
ASP CA   C N S 59  
ASP C    C N N 60  
ASP O    O N N 61  
ASP CB   C N N 62  
ASP CG   C N N 63  
ASP OD1  O N N 64  
ASP OD2  O N N 65  
ASP OXT  O N N 66  
ASP H    H N N 67  
ASP H2   H N N 68  
ASP HA   H N N 69  
ASP HB2  H N N 70  
ASP HB3  H N N 71  
ASP HD2  H N N 72  
ASP HXT  H N N 73  
G3R O1   O N N 74  
G3R C2   C N N 75  
G3R C3   C N N 76  
G3R N4   N N N 77  
G3R C6   C Y N 78  
G3R C7   C Y N 79  
G3R C19  C Y N 80  
G3R C8   C Y N 81  
G3R C9   C Y N 82  
G3R C18  C Y N 83  
G3R N10  N Y N 84  
G3R C11  C Y N 85  
G3R N12  N Y N 86  
G3R N13  N Y N 87  
G3R C17  C Y N 88  
G3R N16  N Y N 89  
G3R C14  C Y N 90  
G3R N15  N N N 91  
G3R C20  C N N 92  
G3R C21  C Y N 93  
G3R C22  C Y N 94  
G3R C23  C Y N 95  
G3R O24  O N N 96  
G3R C25  C N N 97  
G3R O26  O N N 98  
G3R C27  C Y N 99  
G3R C28  C Y N 100 
G3R C29  C Y N 101 
G3R H1   H N N 102 
G3R H21C H N N 103 
G3R H22C H N N 104 
G3R H31C H N N 105 
G3R H32C H N N 106 
G3R H4   H N N 107 
G3R H7   H N N 108 
G3R H8   H N N 109 
G3R H19  H N N 110 
G3R H201 H N N 111 
G3R H202 H N N 112 
G3R H151 H N N 113 
G3R H152 H N N 114 
G3R H22  H N N 115 
G3R H29  H N N 116 
G3R H251 H N N 117 
G3R H252 H N N 118 
G3R H28  H N N 119 
GLN N    N N N 120 
GLN CA   C N S 121 
GLN C    C N N 122 
GLN O    O N N 123 
GLN CB   C N N 124 
GLN CG   C N N 125 
GLN CD   C N N 126 
GLN OE1  O N N 127 
GLN NE2  N N N 128 
GLN OXT  O N N 129 
GLN H    H N N 130 
GLN H2   H N N 131 
GLN HA   H N N 132 
GLN HB2  H N N 133 
GLN HB3  H N N 134 
GLN HG2  H N N 135 
GLN HG3  H N N 136 
GLN HE21 H N N 137 
GLN HE22 H N N 138 
GLN HXT  H N N 139 
GLU N    N N N 140 
GLU CA   C N S 141 
GLU C    C N N 142 
GLU O    O N N 143 
GLU CB   C N N 144 
GLU CG   C N N 145 
GLU CD   C N N 146 
GLU OE1  O N N 147 
GLU OE2  O N N 148 
GLU OXT  O N N 149 
GLU H    H N N 150 
GLU H2   H N N 151 
GLU HA   H N N 152 
GLU HB2  H N N 153 
GLU HB3  H N N 154 
GLU HG2  H N N 155 
GLU HG3  H N N 156 
GLU HE2  H N N 157 
GLU HXT  H N N 158 
GLY N    N N N 159 
GLY CA   C N N 160 
GLY C    C N N 161 
GLY O    O N N 162 
GLY OXT  O N N 163 
GLY H    H N N 164 
GLY H2   H N N 165 
GLY HA2  H N N 166 
GLY HA3  H N N 167 
GLY HXT  H N N 168 
HIS N    N N N 169 
HIS CA   C N S 170 
HIS C    C N N 171 
HIS O    O N N 172 
HIS CB   C N N 173 
HIS CG   C Y N 174 
HIS ND1  N Y N 175 
HIS CD2  C Y N 176 
HIS CE1  C Y N 177 
HIS NE2  N Y N 178 
HIS OXT  O N N 179 
HIS H    H N N 180 
HIS H2   H N N 181 
HIS HA   H N N 182 
HIS HB2  H N N 183 
HIS HB3  H N N 184 
HIS HD1  H N N 185 
HIS HD2  H N N 186 
HIS HE1  H N N 187 
HIS HE2  H N N 188 
HIS HXT  H N N 189 
HOH O    O N N 190 
HOH H1   H N N 191 
HOH H2   H N N 192 
ILE N    N N N 193 
ILE CA   C N S 194 
ILE C    C N N 195 
ILE O    O N N 196 
ILE CB   C N S 197 
ILE CG1  C N N 198 
ILE CG2  C N N 199 
ILE CD1  C N N 200 
ILE OXT  O N N 201 
ILE H    H N N 202 
ILE H2   H N N 203 
ILE HA   H N N 204 
ILE HB   H N N 205 
ILE HG12 H N N 206 
ILE HG13 H N N 207 
ILE HG21 H N N 208 
ILE HG22 H N N 209 
ILE HG23 H N N 210 
ILE HD11 H N N 211 
ILE HD12 H N N 212 
ILE HD13 H N N 213 
ILE HXT  H N N 214 
LEU N    N N N 215 
LEU CA   C N S 216 
LEU C    C N N 217 
LEU O    O N N 218 
LEU CB   C N N 219 
LEU CG   C N N 220 
LEU CD1  C N N 221 
LEU CD2  C N N 222 
LEU OXT  O N N 223 
LEU H    H N N 224 
LEU H2   H N N 225 
LEU HA   H N N 226 
LEU HB2  H N N 227 
LEU HB3  H N N 228 
LEU HG   H N N 229 
LEU HD11 H N N 230 
LEU HD12 H N N 231 
LEU HD13 H N N 232 
LEU HD21 H N N 233 
LEU HD22 H N N 234 
LEU HD23 H N N 235 
LEU HXT  H N N 236 
LYS N    N N N 237 
LYS CA   C N S 238 
LYS C    C N N 239 
LYS O    O N N 240 
LYS CB   C N N 241 
LYS CG   C N N 242 
LYS CD   C N N 243 
LYS CE   C N N 244 
LYS NZ   N N N 245 
LYS OXT  O N N 246 
LYS H    H N N 247 
LYS H2   H N N 248 
LYS HA   H N N 249 
LYS HB2  H N N 250 
LYS HB3  H N N 251 
LYS HG2  H N N 252 
LYS HG3  H N N 253 
LYS HD2  H N N 254 
LYS HD3  H N N 255 
LYS HE2  H N N 256 
LYS HE3  H N N 257 
LYS HZ1  H N N 258 
LYS HZ2  H N N 259 
LYS HZ3  H N N 260 
LYS HXT  H N N 261 
MET N    N N N 262 
MET CA   C N S 263 
MET C    C N N 264 
MET O    O N N 265 
MET CB   C N N 266 
MET CG   C N N 267 
MET SD   S N N 268 
MET CE   C N N 269 
MET OXT  O N N 270 
MET H    H N N 271 
MET H2   H N N 272 
MET HA   H N N 273 
MET HB2  H N N 274 
MET HB3  H N N 275 
MET HG2  H N N 276 
MET HG3  H N N 277 
MET HE1  H N N 278 
MET HE2  H N N 279 
MET HE3  H N N 280 
MET HXT  H N N 281 
PHE N    N N N 282 
PHE CA   C N S 283 
PHE C    C N N 284 
PHE O    O N N 285 
PHE CB   C N N 286 
PHE CG   C Y N 287 
PHE CD1  C Y N 288 
PHE CD2  C Y N 289 
PHE CE1  C Y N 290 
PHE CE2  C Y N 291 
PHE CZ   C Y N 292 
PHE OXT  O N N 293 
PHE H    H N N 294 
PHE H2   H N N 295 
PHE HA   H N N 296 
PHE HB2  H N N 297 
PHE HB3  H N N 298 
PHE HD1  H N N 299 
PHE HD2  H N N 300 
PHE HE1  H N N 301 
PHE HE2  H N N 302 
PHE HZ   H N N 303 
PHE HXT  H N N 304 
PRO N    N N N 305 
PRO CA   C N S 306 
PRO C    C N N 307 
PRO O    O N N 308 
PRO CB   C N N 309 
PRO CG   C N N 310 
PRO CD   C N N 311 
PRO OXT  O N N 312 
PRO H    H N N 313 
PRO HA   H N N 314 
PRO HB2  H N N 315 
PRO HB3  H N N 316 
PRO HG2  H N N 317 
PRO HG3  H N N 318 
PRO HD2  H N N 319 
PRO HD3  H N N 320 
PRO HXT  H N N 321 
SER N    N N N 322 
SER CA   C N S 323 
SER C    C N N 324 
SER O    O N N 325 
SER CB   C N N 326 
SER OG   O N N 327 
SER OXT  O N N 328 
SER H    H N N 329 
SER H2   H N N 330 
SER HA   H N N 331 
SER HB2  H N N 332 
SER HB3  H N N 333 
SER HG   H N N 334 
SER HXT  H N N 335 
THR N    N N N 336 
THR CA   C N S 337 
THR C    C N N 338 
THR O    O N N 339 
THR CB   C N R 340 
THR OG1  O N N 341 
THR CG2  C N N 342 
THR OXT  O N N 343 
THR H    H N N 344 
THR H2   H N N 345 
THR HA   H N N 346 
THR HB   H N N 347 
THR HG1  H N N 348 
THR HG21 H N N 349 
THR HG22 H N N 350 
THR HG23 H N N 351 
THR HXT  H N N 352 
TRP N    N N N 353 
TRP CA   C N S 354 
TRP C    C N N 355 
TRP O    O N N 356 
TRP CB   C N N 357 
TRP CG   C Y N 358 
TRP CD1  C Y N 359 
TRP CD2  C Y N 360 
TRP NE1  N Y N 361 
TRP CE2  C Y N 362 
TRP CE3  C Y N 363 
TRP CZ2  C Y N 364 
TRP CZ3  C Y N 365 
TRP CH2  C Y N 366 
TRP OXT  O N N 367 
TRP H    H N N 368 
TRP H2   H N N 369 
TRP HA   H N N 370 
TRP HB2  H N N 371 
TRP HB3  H N N 372 
TRP HD1  H N N 373 
TRP HE1  H N N 374 
TRP HE3  H N N 375 
TRP HZ2  H N N 376 
TRP HZ3  H N N 377 
TRP HH2  H N N 378 
TRP HXT  H N N 379 
TYR N    N N N 380 
TYR CA   C N S 381 
TYR C    C N N 382 
TYR O    O N N 383 
TYR CB   C N N 384 
TYR CG   C Y N 385 
TYR CD1  C Y N 386 
TYR CD2  C Y N 387 
TYR CE1  C Y N 388 
TYR CE2  C Y N 389 
TYR CZ   C Y N 390 
TYR OH   O N N 391 
TYR OXT  O N N 392 
TYR H    H N N 393 
TYR H2   H N N 394 
TYR HA   H N N 395 
TYR HB2  H N N 396 
TYR HB3  H N N 397 
TYR HD1  H N N 398 
TYR HD2  H N N 399 
TYR HE1  H N N 400 
TYR HE2  H N N 401 
TYR HH   H N N 402 
TYR HXT  H N N 403 
VAL N    N N N 404 
VAL CA   C N S 405 
VAL C    C N N 406 
VAL O    O N N 407 
VAL CB   C N N 408 
VAL CG1  C N N 409 
VAL CG2  C N N 410 
VAL OXT  O N N 411 
VAL H    H N N 412 
VAL H2   H N N 413 
VAL HA   H N N 414 
VAL HB   H N N 415 
VAL HG11 H N N 416 
VAL HG12 H N N 417 
VAL HG13 H N N 418 
VAL HG21 H N N 419 
VAL HG22 H N N 420 
VAL HG23 H N N 421 
VAL HXT  H N N 422 
# 
loop_
_chem_comp_bond.comp_id 
_chem_comp_bond.atom_id_1 
_chem_comp_bond.atom_id_2 
_chem_comp_bond.value_order 
_chem_comp_bond.pdbx_aromatic_flag 
_chem_comp_bond.pdbx_stereo_config 
_chem_comp_bond.pdbx_ordinal 
ALA N   CA   sing N N 1   
ALA N   H    sing N N 2   
ALA N   H2   sing N N 3   
ALA CA  C    sing N N 4   
ALA CA  CB   sing N N 5   
ALA CA  HA   sing N N 6   
ALA C   O    doub N N 7   
ALA C   OXT  sing N N 8   
ALA CB  HB1  sing N N 9   
ALA CB  HB2  sing N N 10  
ALA CB  HB3  sing N N 11  
ALA OXT HXT  sing N N 12  
ARG N   CA   sing N N 13  
ARG N   H    sing N N 14  
ARG N   H2   sing N N 15  
ARG CA  C    sing N N 16  
ARG CA  CB   sing N N 17  
ARG CA  HA   sing N N 18  
ARG C   O    doub N N 19  
ARG C   OXT  sing N N 20  
ARG CB  CG   sing N N 21  
ARG CB  HB2  sing N N 22  
ARG CB  HB3  sing N N 23  
ARG CG  CD   sing N N 24  
ARG CG  HG2  sing N N 25  
ARG CG  HG3  sing N N 26  
ARG CD  NE   sing N N 27  
ARG CD  HD2  sing N N 28  
ARG CD  HD3  sing N N 29  
ARG NE  CZ   sing N N 30  
ARG NE  HE   sing N N 31  
ARG CZ  NH1  sing N N 32  
ARG CZ  NH2  doub N N 33  
ARG NH1 HH11 sing N N 34  
ARG NH1 HH12 sing N N 35  
ARG NH2 HH21 sing N N 36  
ARG NH2 HH22 sing N N 37  
ARG OXT HXT  sing N N 38  
ASN N   CA   sing N N 39  
ASN N   H    sing N N 40  
ASN N   H2   sing N N 41  
ASN CA  C    sing N N 42  
ASN CA  CB   sing N N 43  
ASN CA  HA   sing N N 44  
ASN C   O    doub N N 45  
ASN C   OXT  sing N N 46  
ASN CB  CG   sing N N 47  
ASN CB  HB2  sing N N 48  
ASN CB  HB3  sing N N 49  
ASN CG  OD1  doub N N 50  
ASN CG  ND2  sing N N 51  
ASN ND2 HD21 sing N N 52  
ASN ND2 HD22 sing N N 53  
ASN OXT HXT  sing N N 54  
ASP N   CA   sing N N 55  
ASP N   H    sing N N 56  
ASP N   H2   sing N N 57  
ASP CA  C    sing N N 58  
ASP CA  CB   sing N N 59  
ASP CA  HA   sing N N 60  
ASP C   O    doub N N 61  
ASP C   OXT  sing N N 62  
ASP CB  CG   sing N N 63  
ASP CB  HB2  sing N N 64  
ASP CB  HB3  sing N N 65  
ASP CG  OD1  doub N N 66  
ASP CG  OD2  sing N N 67  
ASP OD2 HD2  sing N N 68  
ASP OXT HXT  sing N N 69  
G3R O1  C2   sing N N 70  
G3R C2  C3   sing N N 71  
G3R C3  N4   sing N N 72  
G3R N4  C6   sing N N 73  
G3R C6  C7   sing Y N 74  
G3R C6  C8   doub Y N 75  
G3R C7  C19  doub Y N 76  
G3R C19 C18  sing Y N 77  
G3R C8  C9   sing Y N 78  
G3R C9  C18  doub Y N 79  
G3R C9  N10  sing Y N 80  
G3R C18 C17  sing Y N 81  
G3R N10 C11  doub Y N 82  
G3R C11 N12  sing Y N 83  
G3R C11 C20  sing N N 84  
G3R N12 N13  sing Y N 85  
G3R N12 C17  sing Y N 86  
G3R N13 C14  doub Y N 87  
G3R C17 N16  doub Y N 88  
G3R N16 C14  sing Y N 89  
G3R C14 N15  sing N N 90  
G3R C20 C21  sing N N 91  
G3R C21 C22  sing Y N 92  
G3R C21 C29  doub Y N 93  
G3R C22 C23  doub Y N 94  
G3R C23 O24  sing N N 95  
G3R C23 C27  sing Y N 96  
G3R O24 C25  sing N N 97  
G3R C25 O26  sing N N 98  
G3R O26 C27  sing N N 99  
G3R C27 C28  doub Y N 100 
G3R C28 C29  sing Y N 101 
G3R O1  H1   sing N N 102 
G3R C2  H21C sing N N 103 
G3R C2  H22C sing N N 104 
G3R C3  H31C sing N N 105 
G3R C3  H32C sing N N 106 
G3R N4  H4   sing N N 107 
G3R C7  H7   sing N N 108 
G3R C8  H8   sing N N 109 
G3R C19 H19  sing N N 110 
G3R C20 H201 sing N N 111 
G3R C20 H202 sing N N 112 
G3R N15 H151 sing N N 113 
G3R N15 H152 sing N N 114 
G3R C22 H22  sing N N 115 
G3R C29 H29  sing N N 116 
G3R C25 H251 sing N N 117 
G3R C25 H252 sing N N 118 
G3R C28 H28  sing N N 119 
GLN N   CA   sing N N 120 
GLN N   H    sing N N 121 
GLN N   H2   sing N N 122 
GLN CA  C    sing N N 123 
GLN CA  CB   sing N N 124 
GLN CA  HA   sing N N 125 
GLN C   O    doub N N 126 
GLN C   OXT  sing N N 127 
GLN CB  CG   sing N N 128 
GLN CB  HB2  sing N N 129 
GLN CB  HB3  sing N N 130 
GLN CG  CD   sing N N 131 
GLN CG  HG2  sing N N 132 
GLN CG  HG3  sing N N 133 
GLN CD  OE1  doub N N 134 
GLN CD  NE2  sing N N 135 
GLN NE2 HE21 sing N N 136 
GLN NE2 HE22 sing N N 137 
GLN OXT HXT  sing N N 138 
GLU N   CA   sing N N 139 
GLU N   H    sing N N 140 
GLU N   H2   sing N N 141 
GLU CA  C    sing N N 142 
GLU CA  CB   sing N N 143 
GLU CA  HA   sing N N 144 
GLU C   O    doub N N 145 
GLU C   OXT  sing N N 146 
GLU CB  CG   sing N N 147 
GLU CB  HB2  sing N N 148 
GLU CB  HB3  sing N N 149 
GLU CG  CD   sing N N 150 
GLU CG  HG2  sing N N 151 
GLU CG  HG3  sing N N 152 
GLU CD  OE1  doub N N 153 
GLU CD  OE2  sing N N 154 
GLU OE2 HE2  sing N N 155 
GLU OXT HXT  sing N N 156 
GLY N   CA   sing N N 157 
GLY N   H    sing N N 158 
GLY N   H2   sing N N 159 
GLY CA  C    sing N N 160 
GLY CA  HA2  sing N N 161 
GLY CA  HA3  sing N N 162 
GLY C   O    doub N N 163 
GLY C   OXT  sing N N 164 
GLY OXT HXT  sing N N 165 
HIS N   CA   sing N N 166 
HIS N   H    sing N N 167 
HIS N   H2   sing N N 168 
HIS CA  C    sing N N 169 
HIS CA  CB   sing N N 170 
HIS CA  HA   sing N N 171 
HIS C   O    doub N N 172 
HIS C   OXT  sing N N 173 
HIS CB  CG   sing N N 174 
HIS CB  HB2  sing N N 175 
HIS CB  HB3  sing N N 176 
HIS CG  ND1  sing Y N 177 
HIS CG  CD2  doub Y N 178 
HIS ND1 CE1  doub Y N 179 
HIS ND1 HD1  sing N N 180 
HIS CD2 NE2  sing Y N 181 
HIS CD2 HD2  sing N N 182 
HIS CE1 NE2  sing Y N 183 
HIS CE1 HE1  sing N N 184 
HIS NE2 HE2  sing N N 185 
HIS OXT HXT  sing N N 186 
HOH O   H1   sing N N 187 
HOH O   H2   sing N N 188 
ILE N   CA   sing N N 189 
ILE N   H    sing N N 190 
ILE N   H2   sing N N 191 
ILE CA  C    sing N N 192 
ILE CA  CB   sing N N 193 
ILE CA  HA   sing N N 194 
ILE C   O    doub N N 195 
ILE C   OXT  sing N N 196 
ILE CB  CG1  sing N N 197 
ILE CB  CG2  sing N N 198 
ILE CB  HB   sing N N 199 
ILE CG1 CD1  sing N N 200 
ILE CG1 HG12 sing N N 201 
ILE CG1 HG13 sing N N 202 
ILE CG2 HG21 sing N N 203 
ILE CG2 HG22 sing N N 204 
ILE CG2 HG23 sing N N 205 
ILE CD1 HD11 sing N N 206 
ILE CD1 HD12 sing N N 207 
ILE CD1 HD13 sing N N 208 
ILE OXT HXT  sing N N 209 
LEU N   CA   sing N N 210 
LEU N   H    sing N N 211 
LEU N   H2   sing N N 212 
LEU CA  C    sing N N 213 
LEU CA  CB   sing N N 214 
LEU CA  HA   sing N N 215 
LEU C   O    doub N N 216 
LEU C   OXT  sing N N 217 
LEU CB  CG   sing N N 218 
LEU CB  HB2  sing N N 219 
LEU CB  HB3  sing N N 220 
LEU CG  CD1  sing N N 221 
LEU CG  CD2  sing N N 222 
LEU CG  HG   sing N N 223 
LEU CD1 HD11 sing N N 224 
LEU CD1 HD12 sing N N 225 
LEU CD1 HD13 sing N N 226 
LEU CD2 HD21 sing N N 227 
LEU CD2 HD22 sing N N 228 
LEU CD2 HD23 sing N N 229 
LEU OXT HXT  sing N N 230 
LYS N   CA   sing N N 231 
LYS N   H    sing N N 232 
LYS N   H2   sing N N 233 
LYS CA  C    sing N N 234 
LYS CA  CB   sing N N 235 
LYS CA  HA   sing N N 236 
LYS C   O    doub N N 237 
LYS C   OXT  sing N N 238 
LYS CB  CG   sing N N 239 
LYS CB  HB2  sing N N 240 
LYS CB  HB3  sing N N 241 
LYS CG  CD   sing N N 242 
LYS CG  HG2  sing N N 243 
LYS CG  HG3  sing N N 244 
LYS CD  CE   sing N N 245 
LYS CD  HD2  sing N N 246 
LYS CD  HD3  sing N N 247 
LYS CE  NZ   sing N N 248 
LYS CE  HE2  sing N N 249 
LYS CE  HE3  sing N N 250 
LYS NZ  HZ1  sing N N 251 
LYS NZ  HZ2  sing N N 252 
LYS NZ  HZ3  sing N N 253 
LYS OXT HXT  sing N N 254 
MET N   CA   sing N N 255 
MET N   H    sing N N 256 
MET N   H2   sing N N 257 
MET CA  C    sing N N 258 
MET CA  CB   sing N N 259 
MET CA  HA   sing N N 260 
MET C   O    doub N N 261 
MET C   OXT  sing N N 262 
MET CB  CG   sing N N 263 
MET CB  HB2  sing N N 264 
MET CB  HB3  sing N N 265 
MET CG  SD   sing N N 266 
MET CG  HG2  sing N N 267 
MET CG  HG3  sing N N 268 
MET SD  CE   sing N N 269 
MET CE  HE1  sing N N 270 
MET CE  HE2  sing N N 271 
MET CE  HE3  sing N N 272 
MET OXT HXT  sing N N 273 
PHE N   CA   sing N N 274 
PHE N   H    sing N N 275 
PHE N   H2   sing N N 276 
PHE CA  C    sing N N 277 
PHE CA  CB   sing N N 278 
PHE CA  HA   sing N N 279 
PHE C   O    doub N N 280 
PHE C   OXT  sing N N 281 
PHE CB  CG   sing N N 282 
PHE CB  HB2  sing N N 283 
PHE CB  HB3  sing N N 284 
PHE CG  CD1  doub Y N 285 
PHE CG  CD2  sing Y N 286 
PHE CD1 CE1  sing Y N 287 
PHE CD1 HD1  sing N N 288 
PHE CD2 CE2  doub Y N 289 
PHE CD2 HD2  sing N N 290 
PHE CE1 CZ   doub Y N 291 
PHE CE1 HE1  sing N N 292 
PHE CE2 CZ   sing Y N 293 
PHE CE2 HE2  sing N N 294 
PHE CZ  HZ   sing N N 295 
PHE OXT HXT  sing N N 296 
PRO N   CA   sing N N 297 
PRO N   CD   sing N N 298 
PRO N   H    sing N N 299 
PRO CA  C    sing N N 300 
PRO CA  CB   sing N N 301 
PRO CA  HA   sing N N 302 
PRO C   O    doub N N 303 
PRO C   OXT  sing N N 304 
PRO CB  CG   sing N N 305 
PRO CB  HB2  sing N N 306 
PRO CB  HB3  sing N N 307 
PRO CG  CD   sing N N 308 
PRO CG  HG2  sing N N 309 
PRO CG  HG3  sing N N 310 
PRO CD  HD2  sing N N 311 
PRO CD  HD3  sing N N 312 
PRO OXT HXT  sing N N 313 
SER N   CA   sing N N 314 
SER N   H    sing N N 315 
SER N   H2   sing N N 316 
SER CA  C    sing N N 317 
SER CA  CB   sing N N 318 
SER CA  HA   sing N N 319 
SER C   O    doub N N 320 
SER C   OXT  sing N N 321 
SER CB  OG   sing N N 322 
SER CB  HB2  sing N N 323 
SER CB  HB3  sing N N 324 
SER OG  HG   sing N N 325 
SER OXT HXT  sing N N 326 
THR N   CA   sing N N 327 
THR N   H    sing N N 328 
THR N   H2   sing N N 329 
THR CA  C    sing N N 330 
THR CA  CB   sing N N 331 
THR CA  HA   sing N N 332 
THR C   O    doub N N 333 
THR C   OXT  sing N N 334 
THR CB  OG1  sing N N 335 
THR CB  CG2  sing N N 336 
THR CB  HB   sing N N 337 
THR OG1 HG1  sing N N 338 
THR CG2 HG21 sing N N 339 
THR CG2 HG22 sing N N 340 
THR CG2 HG23 sing N N 341 
THR OXT HXT  sing N N 342 
TRP N   CA   sing N N 343 
TRP N   H    sing N N 344 
TRP N   H2   sing N N 345 
TRP CA  C    sing N N 346 
TRP CA  CB   sing N N 347 
TRP CA  HA   sing N N 348 
TRP C   O    doub N N 349 
TRP C   OXT  sing N N 350 
TRP CB  CG   sing N N 351 
TRP CB  HB2  sing N N 352 
TRP CB  HB3  sing N N 353 
TRP CG  CD1  doub Y N 354 
TRP CG  CD2  sing Y N 355 
TRP CD1 NE1  sing Y N 356 
TRP CD1 HD1  sing N N 357 
TRP CD2 CE2  doub Y N 358 
TRP CD2 CE3  sing Y N 359 
TRP NE1 CE2  sing Y N 360 
TRP NE1 HE1  sing N N 361 
TRP CE2 CZ2  sing Y N 362 
TRP CE3 CZ3  doub Y N 363 
TRP CE3 HE3  sing N N 364 
TRP CZ2 CH2  doub Y N 365 
TRP CZ2 HZ2  sing N N 366 
TRP CZ3 CH2  sing Y N 367 
TRP CZ3 HZ3  sing N N 368 
TRP CH2 HH2  sing N N 369 
TRP OXT HXT  sing N N 370 
TYR N   CA   sing N N 371 
TYR N   H    sing N N 372 
TYR N   H2   sing N N 373 
TYR CA  C    sing N N 374 
TYR CA  CB   sing N N 375 
TYR CA  HA   sing N N 376 
TYR C   O    doub N N 377 
TYR C   OXT  sing N N 378 
TYR CB  CG   sing N N 379 
TYR CB  HB2  sing N N 380 
TYR CB  HB3  sing N N 381 
TYR CG  CD1  doub Y N 382 
TYR CG  CD2  sing Y N 383 
TYR CD1 CE1  sing Y N 384 
TYR CD1 HD1  sing N N 385 
TYR CD2 CE2  doub Y N 386 
TYR CD2 HD2  sing N N 387 
TYR CE1 CZ   doub Y N 388 
TYR CE1 HE1  sing N N 389 
TYR CE2 CZ   sing Y N 390 
TYR CE2 HE2  sing N N 391 
TYR CZ  OH   sing N N 392 
TYR OH  HH   sing N N 393 
TYR OXT HXT  sing N N 394 
VAL N   CA   sing N N 395 
VAL N   H    sing N N 396 
VAL N   H2   sing N N 397 
VAL CA  C    sing N N 398 
VAL CA  CB   sing N N 399 
VAL CA  HA   sing N N 400 
VAL C   O    doub N N 401 
VAL C   OXT  sing N N 402 
VAL CB  CG1  sing N N 403 
VAL CB  CG2  sing N N 404 
VAL CB  HB   sing N N 405 
VAL CG1 HG11 sing N N 406 
VAL CG1 HG12 sing N N 407 
VAL CG1 HG13 sing N N 408 
VAL CG2 HG21 sing N N 409 
VAL CG2 HG22 sing N N 410 
VAL CG2 HG23 sing N N 411 
VAL OXT HXT  sing N N 412 
# 
_atom_sites.entry_id                    4CWS 
_atom_sites.fract_transf_matrix[1][1]   0.00970176 
_atom_sites.fract_transf_matrix[1][2]   0.00321525 
_atom_sites.fract_transf_matrix[1][3]   0.01083371 
_atom_sites.fract_transf_matrix[2][1]   0.00031507 
_atom_sites.fract_transf_matrix[2][2]   -0.01054287 
_atom_sites.fract_transf_matrix[2][3]   0.00284678 
_atom_sites.fract_transf_matrix[3][1]   0.00762519 
_atom_sites.fract_transf_matrix[3][2]   -0.00149605 
_atom_sites.fract_transf_matrix[3][3]   -0.00638447 
_atom_sites.fract_transf_vector[1]      0.013633 
_atom_sites.fract_transf_vector[2]      0.160894 
_atom_sites.fract_transf_vector[3]      0.210913 
# 
loop_
_atom_type.symbol 
C 
N 
O 
S 
# 
loop_
_atom_site.group_PDB 
_atom_site.id 
_atom_site.type_symbol 
_atom_site.label_atom_id 
_atom_site.label_alt_id 
_atom_site.label_comp_id 
_atom_site.label_asym_id 
_atom_site.label_entity_id 
_atom_site.label_seq_id 
_atom_site.pdbx_PDB_ins_code 
_atom_site.Cartn_x 
_atom_site.Cartn_y 
_atom_site.Cartn_z 
_atom_site.occupancy 
_atom_site.B_iso_or_equiv 
_atom_site.pdbx_formal_charge 
_atom_site.auth_seq_id 
_atom_site.auth_comp_id 
_atom_site.auth_asym_id 
_atom_site.auth_atom_id 
_atom_site.pdbx_PDB_model_num 
ATOM   1    N N   . VAL A 1 11  ? 16.822  -13.802 -1.173  1.00 36.11 ? 17   VAL A N   1 
ATOM   2    C CA  . VAL A 1 11  ? 16.098  -13.130 -0.019  1.00 40.11 ? 17   VAL A CA  1 
ATOM   3    C C   . VAL A 1 11  ? 16.967  -12.244 0.896   1.00 36.49 ? 17   VAL A C   1 
ATOM   4    O O   . VAL A 1 11  ? 17.619  -12.749 1.811   1.00 36.79 ? 17   VAL A O   1 
ATOM   5    C CB  . VAL A 1 11  ? 15.371  -14.143 0.890   1.00 42.87 ? 17   VAL A CB  1 
ATOM   6    C CG1 . VAL A 1 11  ? 14.245  -13.438 1.655   1.00 44.83 ? 17   VAL A CG1 1 
ATOM   7    C CG2 . VAL A 1 11  ? 14.854  -15.341 0.087   1.00 43.62 ? 17   VAL A CG2 1 
ATOM   8    N N   . GLU A 1 12  ? 16.965  -10.930 0.672   1.00 34.38 ? 18   GLU A N   1 
ATOM   9    C CA  . GLU A 1 12  ? 17.699  -10.011 1.564   1.00 32.06 ? 18   GLU A CA  1 
ATOM   10   C C   . GLU A 1 12  ? 16.785  -9.507  2.717   1.00 28.18 ? 18   GLU A C   1 
ATOM   11   O O   . GLU A 1 12  ? 15.591  -9.319  2.513   1.00 24.32 ? 18   GLU A O   1 
ATOM   12   C CB  . GLU A 1 12  ? 18.314  -8.866  0.763   1.00 32.90 ? 18   GLU A CB  1 
ATOM   13   C CG  . GLU A 1 12  ? 19.222  -9.331  -0.386  1.00 39.60 ? 18   GLU A CG  1 
ATOM   14   C CD  . GLU A 1 12  ? 19.870  -8.173  -1.128  1.00 42.26 ? 18   GLU A CD  1 
ATOM   15   O OE1 . GLU A 1 12  ? 19.195  -7.494  -1.933  1.00 42.74 ? 18   GLU A OE1 1 
ATOM   16   O OE2 . GLU A 1 12  ? 21.072  -7.928  -0.903  1.00 48.95 ? 18   GLU A OE2 1 
ATOM   17   N N   . THR A 1 13  ? 17.348  -9.323  3.916   1.00 25.02 ? 19   THR A N   1 
ATOM   18   C CA  . THR A 1 13  ? 16.615  -8.796  5.093   1.00 26.65 ? 19   THR A CA  1 
ATOM   19   C C   . THR A 1 13  ? 17.195  -7.427  5.488   1.00 26.69 ? 19   THR A C   1 
ATOM   20   O O   . THR A 1 13  ? 18.403  -7.296  5.622   1.00 27.27 ? 19   THR A O   1 
ATOM   21   C CB  . THR A 1 13  ? 16.690  -9.766  6.293   1.00 25.37 ? 19   THR A CB  1 
ATOM   22   O OG1 . THR A 1 13  ? 16.249  -11.058 5.879   1.00 28.74 ? 19   THR A OG1 1 
ATOM   23   C CG2 . THR A 1 13  ? 15.794  -9.310  7.438   1.00 24.49 ? 19   THR A CG2 1 
ATOM   24   N N   . PHE A 1 14  ? 16.346  -6.422  5.677   1.00 26.51 ? 20   PHE A N   1 
ATOM   25   C CA  . PHE A 1 14  ? 16.802  -5.058  6.021   1.00 27.63 ? 20   PHE A CA  1 
ATOM   26   C C   . PHE A 1 14  ? 16.096  -4.580  7.282   1.00 26.81 ? 20   PHE A C   1 
ATOM   27   O O   . PHE A 1 14  ? 14.967  -4.980  7.535   1.00 25.37 ? 20   PHE A O   1 
ATOM   28   C CB  . PHE A 1 14  ? 16.453  -4.058  4.892   1.00 28.37 ? 20   PHE A CB  1 
ATOM   29   C CG  . PHE A 1 14  ? 17.008  -4.431  3.537   1.00 28.52 ? 20   PHE A CG  1 
ATOM   30   C CD1 . PHE A 1 14  ? 16.351  -5.355  2.729   1.00 28.14 ? 20   PHE A CD1 1 
ATOM   31   C CD2 . PHE A 1 14  ? 18.178  -3.844  3.059   1.00 29.45 ? 20   PHE A CD2 1 
ATOM   32   C CE1 . PHE A 1 14  ? 16.843  -5.698  1.477   1.00 27.52 ? 20   PHE A CE1 1 
ATOM   33   C CE2 . PHE A 1 14  ? 18.688  -4.193  1.798   1.00 29.15 ? 20   PHE A CE2 1 
ATOM   34   C CZ  . PHE A 1 14  ? 18.016  -5.122  1.016   1.00 28.01 ? 20   PHE A CZ  1 
ATOM   35   N N   . ALA A 1 15  ? 16.730  -3.687  8.030   1.00 25.07 ? 21   ALA A N   1 
ATOM   36   C CA  . ALA A 1 15  ? 16.110  -3.087  9.210   1.00 26.25 ? 21   ALA A CA  1 
ATOM   37   C C   . ALA A 1 15  ? 15.362  -1.836  8.779   1.00 25.27 ? 21   ALA A C   1 
ATOM   38   O O   . ALA A 1 15  ? 15.865  -1.062  7.983   1.00 23.00 ? 21   ALA A O   1 
ATOM   39   C CB  . ALA A 1 15  ? 17.163  -2.717  10.267  1.00 26.37 ? 21   ALA A CB  1 
ATOM   40   N N   . PHE A 1 16  ? 14.161  -1.623  9.299   1.00 24.58 ? 22   PHE A N   1 
ATOM   41   C CA  . PHE A 1 16  ? 13.549  -0.318  9.087   1.00 28.25 ? 22   PHE A CA  1 
ATOM   42   C C   . PHE A 1 16  ? 14.406  0.732   9.829   1.00 27.88 ? 22   PHE A C   1 
ATOM   43   O O   . PHE A 1 16  ? 15.080  0.416   10.803  1.00 28.10 ? 22   PHE A O   1 
ATOM   44   C CB  . PHE A 1 16  ? 12.138  -0.299  9.645   1.00 26.43 ? 22   PHE A CB  1 
ATOM   45   C CG  . PHE A 1 16  ? 11.112  -0.951  8.762   1.00 27.07 ? 22   PHE A CG  1 
ATOM   46   C CD1 . PHE A 1 16  ? 10.710  -0.346  7.564   1.00 26.45 ? 22   PHE A CD1 1 
ATOM   47   C CD2 . PHE A 1 16  ? 10.476  -2.131  9.166   1.00 24.96 ? 22   PHE A CD2 1 
ATOM   48   C CE1 . PHE A 1 16  ? 9.727   -0.933  6.772   1.00 24.69 ? 22   PHE A CE1 1 
ATOM   49   C CE2 . PHE A 1 16  ? 9.479   -2.709  8.381   1.00 24.62 ? 22   PHE A CE2 1 
ATOM   50   C CZ  . PHE A 1 16  ? 9.114   -2.122  7.184   1.00 23.38 ? 22   PHE A CZ  1 
ATOM   51   N N   . GLN A 1 17  ? 14.382  1.985   9.405   1.00 31.83 ? 23   GLN A N   1 
ATOM   52   C CA  . GLN A 1 17  ? 14.860  3.026   10.336  1.00 34.63 ? 23   GLN A CA  1 
ATOM   53   C C   . GLN A 1 17  ? 13.982  3.114   11.597  1.00 34.38 ? 23   GLN A C   1 
ATOM   54   O O   . GLN A 1 17  ? 12.775  2.799   11.594  1.00 31.19 ? 23   GLN A O   1 
ATOM   55   C CB  . GLN A 1 17  ? 14.932  4.376   9.676   1.00 37.48 ? 23   GLN A CB  1 
ATOM   56   C CG  . GLN A 1 17  ? 15.877  4.446   8.496   1.00 43.63 ? 23   GLN A CG  1 
ATOM   57   C CD  . GLN A 1 17  ? 15.507  5.595   7.584   1.00 48.18 ? 23   GLN A CD  1 
ATOM   58   O OE1 . GLN A 1 17  ? 14.336  5.755   7.185   1.00 51.16 ? 23   GLN A OE1 1 
ATOM   59   N NE2 . GLN A 1 17  ? 16.487  6.414   7.264   1.00 50.82 ? 23   GLN A NE2 1 
ATOM   60   N N   . ALA A 1 18  ? 14.621  3.547   12.676  1.00 36.29 ? 24   ALA A N   1 
ATOM   61   C CA  . ALA A 1 18  ? 14.016  3.668   14.005  1.00 36.17 ? 24   ALA A CA  1 
ATOM   62   C C   . ALA A 1 18  ? 12.611  4.299   13.995  1.00 32.95 ? 24   ALA A C   1 
ATOM   63   O O   . ALA A 1 18  ? 11.709  3.802   14.659  1.00 33.24 ? 24   ALA A O   1 
ATOM   64   C CB  . ALA A 1 18  ? 14.962  4.455   14.909  1.00 33.03 ? 24   ALA A CB  1 
ATOM   65   N N   . GLU A 1 19  ? 12.452  5.371   13.222  1.00 33.64 ? 25   GLU A N   1 
ATOM   66   C CA  . GLU A 1 19  ? 11.225  6.173   13.178  1.00 36.78 ? 25   GLU A CA  1 
ATOM   67   C C   . GLU A 1 19  ? 10.051  5.417   12.586  1.00 34.26 ? 25   GLU A C   1 
ATOM   68   O O   . GLU A 1 19  ? 8.939   5.491   13.118  1.00 33.48 ? 25   GLU A O   1 
ATOM   69   C CB  . GLU A 1 19  ? 11.455  7.455   12.381  1.00 40.44 ? 25   GLU A CB  1 
ATOM   70   C CG  . GLU A 1 19  ? 12.471  8.402   13.002  1.00 47.02 ? 25   GLU A CG  1 
ATOM   71   C CD  . GLU A 1 19  ? 13.921  7.971   12.798  1.00 50.37 ? 25   GLU A CD  1 
ATOM   72   O OE1 . GLU A 1 19  ? 14.206  7.025   12.023  1.00 52.91 ? 25   GLU A OE1 1 
ATOM   73   O OE2 . GLU A 1 19  ? 14.791  8.592   13.434  1.00 53.77 ? 25   GLU A OE2 1 
ATOM   74   N N   . ILE A 1 20  ? 10.313  4.688   11.500  1.00 32.62 ? 26   ILE A N   1 
ATOM   75   C CA  . ILE A 1 20  ? 9.292   3.903   10.798  1.00 30.43 ? 26   ILE A CA  1 
ATOM   76   C C   . ILE A 1 20  ? 8.903   2.717   11.662  1.00 27.94 ? 26   ILE A C   1 
ATOM   77   O O   . ILE A 1 20  ? 7.719   2.456   11.842  1.00 29.93 ? 26   ILE A O   1 
ATOM   78   C CB  . ILE A 1 20  ? 9.746   3.388   9.399   1.00 31.13 ? 26   ILE A CB  1 
ATOM   79   C CG1 . ILE A 1 20  ? 10.335  4.484   8.538   1.00 33.25 ? 26   ILE A CG1 1 
ATOM   80   C CG2 . ILE A 1 20  ? 8.588   2.731   8.646   1.00 32.99 ? 26   ILE A CG2 1 
ATOM   81   C CD1 . ILE A 1 20  ? 9.837   5.860   8.876   1.00 40.82 ? 26   ILE A CD1 1 
ATOM   82   N N   . ALA A 1 21  ? 9.892   2.008   12.209  1.00 25.92 ? 27   ALA A N   1 
ATOM   83   C CA  . ALA A 1 21  ? 9.618   0.903   13.137  1.00 26.63 ? 27   ALA A CA  1 
ATOM   84   C C   . ALA A 1 21  ? 8.711   1.389   14.263  1.00 25.77 ? 27   ALA A C   1 
ATOM   85   O O   . ALA A 1 21  ? 7.753   0.729   14.633  1.00 27.10 ? 27   ALA A O   1 
ATOM   86   C CB  . ALA A 1 21  ? 10.919  0.304   13.711  1.00 24.66 ? 27   ALA A CB  1 
ATOM   87   N N   . GLN A 1 22  ? 9.027   2.546   14.814  1.00 28.00 ? 28   GLN A N   1 
ATOM   88   C CA  . GLN A 1 22  ? 8.260   3.096   15.922  1.00 31.15 ? 28   GLN A CA  1 
ATOM   89   C C   . GLN A 1 22  ? 6.843   3.509   15.469  1.00 29.01 ? 28   GLN A C   1 
ATOM   90   O O   . GLN A 1 22  ? 5.869   3.307   16.195  1.00 26.61 ? 28   GLN A O   1 
ATOM   91   C CB  . GLN A 1 22  ? 9.051   4.287   16.492  1.00 41.37 ? 28   GLN A CB  1 
ATOM   92   C CG  . GLN A 1 22  ? 8.310   5.240   17.419  1.00 47.39 ? 28   GLN A CG  1 
ATOM   93   C CD  . GLN A 1 22  ? 9.262   6.273   18.006  1.00 59.63 ? 28   GLN A CD  1 
ATOM   94   O OE1 . GLN A 1 22  ? 9.935   7.023   17.269  1.00 62.81 ? 28   GLN A OE1 1 
ATOM   95   N NE2 . GLN A 1 22  ? 9.347   6.302   19.343  1.00 57.66 ? 28   GLN A NE2 1 
ATOM   96   N N   . LEU A 1 23  ? 6.724   4.069   14.264  1.00 27.56 ? 29   LEU A N   1 
ATOM   97   C CA  . LEU A 1 23  ? 5.390   4.330   13.701  1.00 27.67 ? 29   LEU A CA  1 
ATOM   98   C C   . LEU A 1 23  ? 4.587   3.019   13.549  1.00 27.01 ? 29   LEU A C   1 
ATOM   99   O O   . LEU A 1 23  ? 3.395   2.949   13.883  1.00 25.80 ? 29   LEU A O   1 
ATOM   100  C CB  . LEU A 1 23  ? 5.489   5.035   12.346  1.00 27.79 ? 29   LEU A CB  1 
ATOM   101  C CG  . LEU A 1 23  ? 4.139   5.231   11.614  1.00 29.93 ? 29   LEU A CG  1 
ATOM   102  C CD1 . LEU A 1 23  ? 3.183   6.093   12.441  1.00 29.80 ? 29   LEU A CD1 1 
ATOM   103  C CD2 . LEU A 1 23  ? 4.334   5.861   10.248  1.00 28.52 ? 29   LEU A CD2 1 
ATOM   104  N N   . MET A 1 24  ? 5.251   1.983   13.047  1.00 25.69 ? 30   MET A N   1 
ATOM   105  C CA  . MET A 1 24  ? 4.580   0.717   12.822  1.00 25.10 ? 30   MET A CA  1 
ATOM   106  C C   . MET A 1 24  ? 4.073   0.148   14.124  1.00 23.94 ? 30   MET A C   1 
ATOM   107  O O   . MET A 1 24  ? 2.913   -0.230  14.182  1.00 24.44 ? 30   MET A O   1 
ATOM   108  C CB  . MET A 1 24  ? 5.473   -0.268  12.049  1.00 25.51 ? 30   MET A CB  1 
ATOM   109  C CG  . MET A 1 24  ? 5.686   0.190   10.604  1.00 24.92 ? 30   MET A CG  1 
ATOM   110  S SD  . MET A 1 24  ? 6.904   -0.791  9.669   1.00 26.18 ? 30   MET A SD  1 
ATOM   111  C CE  . MET A 1 24  ? 5.959   -2.265  9.312   1.00 24.57 ? 30   MET A CE  1 
ATOM   112  N N   . SER A 1 25  ? 4.883   0.148   15.188  1.00 23.51 ? 31   SER A N   1 
ATOM   113  C CA  . SER A 1 25  ? 4.352   -0.320  16.511  1.00 24.96 ? 31   SER A CA  1 
ATOM   114  C C   . SER A 1 25  ? 3.218   0.573   17.021  1.00 23.95 ? 31   SER A C   1 
ATOM   115  O O   . SER A 1 25  ? 2.278   0.085   17.615  1.00 23.06 ? 31   SER A O   1 
ATOM   116  C CB  . SER A 1 25  ? 5.420   -0.361  17.618  1.00 25.57 ? 31   SER A CB  1 
ATOM   117  O OG  . SER A 1 25  ? 6.670   -0.762  17.099  1.00 26.77 ? 31   SER A OG  1 
ATOM   118  N N   . LEU A 1 26  ? 3.330   1.888   16.856  1.00 24.88 ? 32   LEU A N   1 
ATOM   119  C CA  . LEU A 1 26  ? 2.215   2.751   17.269  1.00 28.23 ? 32   LEU A CA  1 
ATOM   120  C C   . LEU A 1 26  ? 0.924   2.310   16.558  1.00 27.96 ? 32   LEU A C   1 
ATOM   121  O O   . LEU A 1 26  ? -0.084  2.081   17.204  1.00 29.02 ? 32   LEU A O   1 
ATOM   122  C CB  . LEU A 1 26  ? 2.512   4.224   16.990  1.00 31.82 ? 32   LEU A CB  1 
ATOM   123  C CG  . LEU A 1 26  ? 1.504   5.277   17.483  1.00 35.38 ? 32   LEU A CG  1 
ATOM   124  C CD1 . LEU A 1 26  ? 2.192   6.606   17.807  1.00 33.09 ? 32   LEU A CD1 1 
ATOM   125  C CD2 . LEU A 1 26  ? 0.396   5.490   16.450  1.00 36.29 ? 32   LEU A CD2 1 
ATOM   126  N N   . ILE A 1 27  ? 0.976   2.147   15.237  1.00 26.70 ? 33   ILE A N   1 
ATOM   127  C CA  . ILE A 1 27  ? -0.195  1.696   14.471  1.00 25.93 ? 33   ILE A CA  1 
ATOM   128  C C   . ILE A 1 27  ? -0.757  0.360   14.976  1.00 25.76 ? 33   ILE A C   1 
ATOM   129  O O   . ILE A 1 27  ? -1.970  0.191   15.071  1.00 26.59 ? 33   ILE A O   1 
ATOM   130  C CB  . ILE A 1 27  ? 0.128   1.629   12.955  1.00 25.42 ? 33   ILE A CB  1 
ATOM   131  C CG1 . ILE A 1 27  ? 0.052   3.031   12.346  1.00 24.50 ? 33   ILE A CG1 1 
ATOM   132  C CG2 . ILE A 1 27  ? -0.843  0.717   12.209  1.00 24.38 ? 33   ILE A CG2 1 
ATOM   133  C CD1 . ILE A 1 27  ? 0.711   3.152   10.985  1.00 25.09 ? 33   ILE A CD1 1 
ATOM   134  N N   . ILE A 1 28  ? 0.129   -0.576  15.310  1.00 26.82 ? 34   ILE A N   1 
ATOM   135  C CA  . ILE A 1 28  ? -0.271  -1.908  15.765  1.00 27.92 ? 34   ILE A CA  1 
ATOM   136  C C   . ILE A 1 28  ? -0.765  -1.917  17.220  1.00 31.05 ? 34   ILE A C   1 
ATOM   137  O O   . ILE A 1 28  ? -1.754  -2.616  17.537  1.00 30.69 ? 34   ILE A O   1 
ATOM   138  C CB  . ILE A 1 28  ? 0.884   -2.922  15.592  1.00 31.43 ? 34   ILE A CB  1 
ATOM   139  C CG1 . ILE A 1 28  ? 1.201   -3.127  14.098  1.00 28.26 ? 34   ILE A CG1 1 
ATOM   140  C CG2 . ILE A 1 28  ? 0.605   -4.274  16.297  1.00 26.91 ? 34   ILE A CG2 1 
ATOM   141  C CD1 . ILE A 1 28  ? 2.548   -3.802  13.927  1.00 28.25 ? 34   ILE A CD1 1 
ATOM   142  N N   . ASN A 1 29  ? -0.120  -1.130  18.096  1.00 29.48 ? 35   ASN A N   1 
ATOM   143  C CA  . ASN A 1 29  ? -0.440  -1.202  19.514  1.00 34.33 ? 35   ASN A CA  1 
ATOM   144  C C   . ASN A 1 29  ? -1.507  -0.261  20.077  1.00 36.68 ? 35   ASN A C   1 
ATOM   145  O O   . ASN A 1 29  ? -2.049  -0.535  21.152  1.00 35.92 ? 35   ASN A O   1 
ATOM   146  C CB  . ASN A 1 29  ? 0.824   -1.035  20.349  1.00 35.84 ? 35   ASN A CB  1 
ATOM   147  C CG  . ASN A 1 29  ? 1.818   -2.135  20.106  1.00 38.14 ? 35   ASN A CG  1 
ATOM   148  O OD1 . ASN A 1 29  ? 1.455   -3.262  19.775  1.00 41.51 ? 35   ASN A OD1 1 
ATOM   149  N ND2 . ASN A 1 29  ? 3.077   -1.813  20.254  1.00 38.07 ? 35   ASN A ND2 1 
ATOM   150  N N   . THR A 1 30  ? -1.764  0.860   19.401  1.00 35.73 ? 36   THR A N   1 
ATOM   151  C CA  . THR A 1 30  ? -2.689  1.871   19.934  1.00 38.10 ? 36   THR A CA  1 
ATOM   152  C C   . THR A 1 30  ? -4.141  1.410   19.791  1.00 34.36 ? 36   THR A C   1 
ATOM   153  O O   . THR A 1 30  ? -4.512  0.826   18.775  1.00 31.60 ? 36   THR A O   1 
ATOM   154  C CB  . THR A 1 30  ? -2.509  3.241   19.243  1.00 39.09 ? 36   THR A CB  1 
ATOM   155  O OG1 . THR A 1 30  ? -1.122  3.506   19.095  1.00 47.06 ? 36   THR A OG1 1 
ATOM   156  C CG2 . THR A 1 30  ? -3.124  4.369   20.065  1.00 39.01 ? 36   THR A CG2 1 
ATOM   157  N N   . PHE A 1 31  ? -4.956  1.663   20.817  1.00 33.83 ? 37   PHE A N   1 
ATOM   158  C CA  . PHE A 1 31  ? -6.376  1.343   20.706  1.00 32.67 ? 37   PHE A CA  1 
ATOM   159  C C   . PHE A 1 31  ? -7.091  2.337   19.800  1.00 31.81 ? 37   PHE A C   1 
ATOM   160  O O   . PHE A 1 31  ? -7.125  3.541   20.074  1.00 30.31 ? 37   PHE A O   1 
ATOM   161  C CB  . PHE A 1 31  ? -7.084  1.302   22.048  1.00 33.25 ? 37   PHE A CB  1 
ATOM   162  C CG  . PHE A 1 31  ? -8.527  0.887   21.925  1.00 34.11 ? 37   PHE A CG  1 
ATOM   163  C CD1 . PHE A 1 31  ? -8.858  -0.452  21.645  1.00 32.00 ? 37   PHE A CD1 1 
ATOM   164  C CD2 . PHE A 1 31  ? -9.552  1.833   22.039  1.00 32.01 ? 37   PHE A CD2 1 
ATOM   165  C CE1 . PHE A 1 31  ? -10.195 -0.835  21.514  1.00 35.27 ? 37   PHE A CE1 1 
ATOM   166  C CE2 . PHE A 1 31  ? -10.893 1.450   21.918  1.00 32.23 ? 37   PHE A CE2 1 
ATOM   167  C CZ  . PHE A 1 31  ? -11.215 0.117   21.659  1.00 31.38 ? 37   PHE A CZ  1 
ATOM   168  N N   . TYR A 1 32  ? -7.666  1.830   18.717  1.00 30.25 ? 38   TYR A N   1 
ATOM   169  C CA  . TYR A 1 32  ? -8.269  2.712   17.738  1.00 30.80 ? 38   TYR A CA  1 
ATOM   170  C C   . TYR A 1 32  ? -9.264  1.903   16.906  1.00 33.08 ? 38   TYR A C   1 
ATOM   171  O O   . TYR A 1 32  ? -8.891  0.956   16.183  1.00 30.92 ? 38   TYR A O   1 
ATOM   172  C CB  . TYR A 1 32  ? -7.171  3.374   16.892  1.00 31.64 ? 38   TYR A CB  1 
ATOM   173  C CG  . TYR A 1 32  ? -7.708  4.275   15.811  1.00 33.82 ? 38   TYR A CG  1 
ATOM   174  C CD1 . TYR A 1 32  ? -8.202  5.547   16.114  1.00 34.82 ? 38   TYR A CD1 1 
ATOM   175  C CD2 . TYR A 1 32  ? -7.743  3.849   14.481  1.00 35.29 ? 38   TYR A CD2 1 
ATOM   176  C CE1 . TYR A 1 32  ? -8.731  6.367   15.117  1.00 37.35 ? 38   TYR A CE1 1 
ATOM   177  C CE2 . TYR A 1 32  ? -8.255  4.667   13.482  1.00 37.65 ? 38   TYR A CE2 1 
ATOM   178  C CZ  . TYR A 1 32  ? -8.756  5.911   13.814  1.00 37.37 ? 38   TYR A CZ  1 
ATOM   179  O OH  . TYR A 1 32  ? -9.249  6.709   12.830  1.00 46.45 ? 38   TYR A OH  1 
ATOM   180  N N   . SER A 1 33  ? -10.545 2.221   17.063  1.00 32.95 ? 39   SER A N   1 
ATOM   181  C CA  . SER A 1 33  ? -11.594 1.351   16.517  1.00 30.60 ? 39   SER A CA  1 
ATOM   182  C C   . SER A 1 33  ? -11.861 1.604   15.044  1.00 29.57 ? 39   SER A C   1 
ATOM   183  O O   . SER A 1 33  ? -12.314 0.719   14.365  1.00 31.06 ? 39   SER A O   1 
ATOM   184  C CB  . SER A 1 33  ? -12.875 1.465   17.329  1.00 30.48 ? 39   SER A CB  1 
ATOM   185  O OG  . SER A 1 33  ? -12.677 0.867   18.597  1.00 33.13 ? 39   SER A OG  1 
ATOM   186  N N   . ASN A 1 34  ? -11.518 2.784   14.535  1.00 28.54 ? 40   ASN A N   1 
ATOM   187  C CA  . ASN A 1 34  ? -11.819 3.124   13.143  1.00 28.39 ? 40   ASN A CA  1 
ATOM   188  C C   . ASN A 1 34  ? -10.751 2.592   12.151  1.00 26.90 ? 40   ASN A C   1 
ATOM   189  O O   . ASN A 1 34  ? -10.128 3.343   11.404  1.00 25.61 ? 40   ASN A O   1 
ATOM   190  C CB  . ASN A 1 34  ? -12.065 4.635   13.031  1.00 28.08 ? 40   ASN A CB  1 
ATOM   191  C CG  . ASN A 1 34  ? -12.648 5.055   11.687  1.00 31.86 ? 40   ASN A CG  1 
ATOM   192  O OD1 . ASN A 1 34  ? -13.424 4.322   11.068  1.00 32.49 ? 40   ASN A OD1 1 
ATOM   193  N ND2 . ASN A 1 34  ? -12.296 6.271   11.249  1.00 28.92 ? 40   ASN A ND2 1 
ATOM   194  N N   . LYS A 1 35  ? -10.568 1.275   12.167  1.00 27.89 ? 41   LYS A N   1 
ATOM   195  C CA  . LYS A 1 35  ? -9.565  0.566   11.356  1.00 27.76 ? 41   LYS A CA  1 
ATOM   196  C C   . LYS A 1 35  ? -9.725  0.707   9.836   1.00 29.16 ? 41   LYS A C   1 
ATOM   197  O O   . LYS A 1 35  ? -8.727  0.589   9.074   1.00 27.85 ? 41   LYS A O   1 
ATOM   198  C CB  . LYS A 1 35  ? -9.561  -0.927  11.741  1.00 27.67 ? 41   LYS A CB  1 
ATOM   199  C CG  . LYS A 1 35  ? -8.904  -1.179  13.098  1.00 26.64 ? 41   LYS A CG  1 
ATOM   200  C CD  . LYS A 1 35  ? -8.919  -2.636  13.526  1.00 26.77 ? 41   LYS A CD  1 
ATOM   201  C CE  . LYS A 1 35  ? -8.162  -2.815  14.871  1.00 27.07 ? 41   LYS A CE  1 
ATOM   202  N NZ  . LYS A 1 35  ? -6.661  -2.772  14.663  1.00 26.74 ? 41   LYS A NZ  1 
ATOM   203  N N   . GLU A 1 36  ? -10.967 0.959   9.408   1.00 26.42 ? 42   GLU A N   1 
ATOM   204  C CA  . GLU A 1 36  ? -11.353 0.889   8.013   1.00 26.43 ? 42   GLU A CA  1 
ATOM   205  C C   . GLU A 1 36  ? -10.653 1.914   7.145   1.00 26.30 ? 42   GLU A C   1 
ATOM   206  O O   . GLU A 1 36  ? -10.629 1.767   5.924   1.00 24.38 ? 42   GLU A O   1 
ATOM   207  C CB  . GLU A 1 36  ? -12.869 1.074   7.845   1.00 27.30 ? 42   GLU A CB  1 
ATOM   208  C CG  . GLU A 1 36  ? -13.431 2.414   8.323   1.00 27.79 ? 42   GLU A CG  1 
ATOM   209  C CD  . GLU A 1 36  ? -14.959 2.523   8.143   1.00 31.57 ? 42   GLU A CD  1 
ATOM   210  O OE1 . GLU A 1 36  ? -15.703 1.567   8.501   1.00 31.44 ? 42   GLU A OE1 1 
ATOM   211  O OE2 . GLU A 1 36  ? -15.424 3.563   7.634   1.00 33.83 ? 42   GLU A OE2 1 
ATOM   212  N N   . ILE A 1 37  ? -10.127 2.965   7.758   1.00 22.50 ? 43   ILE A N   1 
ATOM   213  C CA  . ILE A 1 37  ? -9.396  3.972   6.984   1.00 24.35 ? 43   ILE A CA  1 
ATOM   214  C C   . ILE A 1 37  ? -8.199  3.382   6.202   1.00 23.76 ? 43   ILE A C   1 
ATOM   215  O O   . ILE A 1 37  ? -7.684  4.025   5.294   1.00 25.14 ? 43   ILE A O   1 
ATOM   216  C CB  . ILE A 1 37  ? -8.938  5.154   7.891   1.00 26.33 ? 43   ILE A CB  1 
ATOM   217  C CG1 . ILE A 1 37  ? -7.870  4.684   8.888   1.00 25.34 ? 43   ILE A CG1 1 
ATOM   218  C CG2 . ILE A 1 37  ? -10.133 5.743   8.651   1.00 24.79 ? 43   ILE A CG2 1 
ATOM   219  C CD1 . ILE A 1 37  ? -6.519  5.306   8.647   1.00 28.80 ? 43   ILE A CD1 1 
ATOM   220  N N   . PHE A 1 38  ? -7.738  2.173   6.535   1.00 22.29 ? 44   PHE A N   1 
ATOM   221  C CA  . PHE A 1 38  ? -6.601  1.603   5.784   1.00 21.90 ? 44   PHE A CA  1 
ATOM   222  C C   . PHE A 1 38  ? -6.916  1.605   4.273   1.00 22.69 ? 44   PHE A C   1 
ATOM   223  O O   . PHE A 1 38  ? -6.022  1.842   3.441   1.00 23.29 ? 44   PHE A O   1 
ATOM   224  C CB  . PHE A 1 38  ? -6.252  0.179   6.267   1.00 20.88 ? 44   PHE A CB  1 
ATOM   225  C CG  . PHE A 1 38  ? -7.143  -0.874  5.691   1.00 19.71 ? 44   PHE A CG  1 
ATOM   226  C CD1 . PHE A 1 38  ? -8.368  -1.159  6.283   1.00 19.71 ? 44   PHE A CD1 1 
ATOM   227  C CD2 . PHE A 1 38  ? -6.805  -1.511  4.505   1.00 18.28 ? 44   PHE A CD2 1 
ATOM   228  C CE1 . PHE A 1 38  ? -9.222  -2.110  5.719   1.00 22.07 ? 44   PHE A CE1 1 
ATOM   229  C CE2 . PHE A 1 38  ? -7.643  -2.464  3.948   1.00 19.19 ? 44   PHE A CE2 1 
ATOM   230  C CZ  . PHE A 1 38  ? -8.857  -2.776  4.551   1.00 19.46 ? 44   PHE A CZ  1 
ATOM   231  N N   . LEU A 1 39  ? -8.178  1.349   3.926   1.00 21.66 ? 45   LEU A N   1 
ATOM   232  C CA  . LEU A 1 39  ? -8.548  1.119   2.505   1.00 23.71 ? 45   LEU A CA  1 
ATOM   233  C C   . LEU A 1 39  ? -8.447  2.410   1.651   1.00 23.24 ? 45   LEU A C   1 
ATOM   234  O O   . LEU A 1 39  ? -7.882  2.400   0.546   1.00 23.55 ? 45   LEU A O   1 
ATOM   235  C CB  . LEU A 1 39  ? -9.936  0.451   2.378   1.00 21.43 ? 45   LEU A CB  1 
ATOM   236  C CG  . LEU A 1 39  ? -10.256 -0.008  0.942   1.00 22.85 ? 45   LEU A CG  1 
ATOM   237  C CD1 . LEU A 1 39  ? -9.153  -0.897  0.362   1.00 20.97 ? 45   LEU A CD1 1 
ATOM   238  C CD2 . LEU A 1 39  ? -11.606 -0.722  0.887   1.00 20.85 ? 45   LEU A CD2 1 
ATOM   239  N N   . ARG A 1 40  ? -8.939  3.510   2.209   1.00 23.23 ? 46   ARG A N   1 
ATOM   240  C CA  . ARG A 1 40  ? -8.784  4.845   1.635   1.00 25.73 ? 46   ARG A CA  1 
ATOM   241  C C   . ARG A 1 40  ? -7.306  5.154   1.370   1.00 22.74 ? 46   ARG A C   1 
ATOM   242  O O   . ARG A 1 40  ? -6.952  5.689   0.339   1.00 24.97 ? 46   ARG A O   1 
ATOM   243  C CB  . ARG A 1 40  ? -9.376  5.909   2.613   1.00 30.27 ? 46   ARG A CB  1 
ATOM   244  C CG  . ARG A 1 40  ? -9.075  7.361   2.210   1.00 40.09 ? 46   ARG A CG  1 
ATOM   245  C CD  . ARG A 1 40  ? -9.694  8.400   3.152   1.00 45.43 ? 46   ARG A CD  1 
ATOM   246  N NE  . ARG A 1 40  ? -8.944  8.511   4.405   1.00 50.40 ? 46   ARG A NE  1 
ATOM   247  C CZ  . ARG A 1 40  ? -9.494  8.626   5.613   1.00 51.01 ? 46   ARG A CZ  1 
ATOM   248  N NH1 . ARG A 1 40  ? -10.806 8.633   5.755   1.00 58.27 ? 46   ARG A NH1 1 
ATOM   249  N NH2 . ARG A 1 40  ? -8.730  8.712   6.692   1.00 46.97 ? 46   ARG A NH2 1 
ATOM   250  N N   . GLU A 1 41  ? -6.437  4.825   2.313   1.00 22.55 ? 47   GLU A N   1 
ATOM   251  C CA  . GLU A 1 41  ? -5.005  5.141   2.186   1.00 22.27 ? 47   GLU A CA  1 
ATOM   252  C C   . GLU A 1 41  ? -4.288  4.377   1.069   1.00 21.02 ? 47   GLU A C   1 
ATOM   253  O O   . GLU A 1 41  ? -3.477  4.951   0.323   1.00 20.21 ? 47   GLU A O   1 
ATOM   254  C CB  . GLU A 1 41  ? -4.304  4.884   3.525   1.00 23.09 ? 47   GLU A CB  1 
ATOM   255  C CG  . GLU A 1 41  ? -4.882  5.677   4.699   1.00 23.35 ? 47   GLU A CG  1 
ATOM   256  C CD  . GLU A 1 41  ? -4.889  7.193   4.472   1.00 25.47 ? 47   GLU A CD  1 
ATOM   257  O OE1 . GLU A 1 41  ? -4.051  7.733   3.708   1.00 22.12 ? 47   GLU A OE1 1 
ATOM   258  O OE2 . GLU A 1 41  ? -5.768  7.851   5.077   1.00 29.80 ? 47   GLU A OE2 1 
ATOM   259  N N   . LEU A 1 42  ? -4.570  3.077   0.960   1.00 20.15 ? 48   LEU A N   1 
ATOM   260  C CA  . LEU A 1 42  ? -3.941  2.260   -0.092  1.00 20.08 ? 48   LEU A CA  1 
ATOM   261  C C   . LEU A 1 42  ? -4.468  2.620   -1.490  1.00 20.73 ? 48   LEU A C   1 
ATOM   262  O O   . LEU A 1 42  ? -3.697  2.660   -2.462  1.00 22.60 ? 48   LEU A O   1 
ATOM   263  C CB  . LEU A 1 42  ? -4.130  0.768   0.202   1.00 19.19 ? 48   LEU A CB  1 
ATOM   264  C CG  . LEU A 1 42  ? -3.561  0.427   1.590   1.00 18.97 ? 48   LEU A CG  1 
ATOM   265  C CD1 . LEU A 1 42  ? -3.851  -1.013  1.945   1.00 18.05 ? 48   LEU A CD1 1 
ATOM   266  C CD2 . LEU A 1 42  ? -2.052  0.664   1.653   1.00 19.22 ? 48   LEU A CD2 1 
ATOM   267  N N   . ILE A 1 43  ? -5.773  2.886   -1.585  1.00 20.50 ? 49   ILE A N   1 
ATOM   268  C CA  . ILE A 1 43  ? -6.379  3.347   -2.847  1.00 20.90 ? 49   ILE A CA  1 
ATOM   269  C C   . ILE A 1 43  ? -5.780  4.706   -3.219  1.00 22.38 ? 49   ILE A C   1 
ATOM   270  O O   . ILE A 1 43  ? -5.427  4.960   -4.381  1.00 23.67 ? 49   ILE A O   1 
ATOM   271  C CB  . ILE A 1 43  ? -7.929  3.413   -2.753  1.00 19.84 ? 49   ILE A CB  1 
ATOM   272  C CG1 . ILE A 1 43  ? -8.523  1.990   -2.678  1.00 18.67 ? 49   ILE A CG1 1 
ATOM   273  C CG2 . ILE A 1 43  ? -8.523  4.219   -3.920  1.00 18.75 ? 49   ILE A CG2 1 
ATOM   274  C CD1 . ILE A 1 43  ? -10.021 1.954   -2.434  1.00 17.75 ? 49   ILE A CD1 1 
ATOM   275  N N   . SER A 1 44  ? -5.608  5.569   -2.225  1.00 24.02 ? 50   SER A N   1 
ATOM   276  C CA  . SER A 1 44  ? -5.030  6.887   -2.499  1.00 23.11 ? 50   SER A CA  1 
ATOM   277  C C   . SER A 1 44  ? -3.584  6.740   -2.935  1.00 22.47 ? 50   SER A C   1 
ATOM   278  O O   . SER A 1 44  ? -3.164  7.426   -3.870  1.00 24.63 ? 50   SER A O   1 
ATOM   279  C CB  . SER A 1 44  ? -5.225  7.856   -1.319  1.00 24.06 ? 50   SER A CB  1 
ATOM   280  O OG  . SER A 1 44  ? -4.172  8.822   -1.290  1.00 28.10 ? 50   SER A OG  1 
ATOM   281  N N   . ASN A 1 45  ? -2.825  5.832   -2.310  1.00 22.48 ? 51   ASN A N   1 
ATOM   282  C CA  . ASN A 1 45  ? -1.436  5.523   -2.776  1.00 21.89 ? 51   ASN A CA  1 
ATOM   283  C C   . ASN A 1 45  ? -1.444  5.039   -4.251  1.00 22.19 ? 51   ASN A C   1 
ATOM   284  O O   . ASN A 1 45  ? -0.628  5.473   -5.066  1.00 22.15 ? 51   ASN A O   1 
ATOM   285  C CB  . ASN A 1 45  ? -0.765  4.417   -1.925  1.00 21.81 ? 51   ASN A CB  1 
ATOM   286  C CG  . ASN A 1 45  ? -0.442  4.859   -0.512  1.00 22.55 ? 51   ASN A CG  1 
ATOM   287  O OD1 . ASN A 1 45  ? -0.494  6.044   -0.206  1.00 23.64 ? 51   ASN A OD1 1 
ATOM   288  N ND2 . ASN A 1 45  ? -0.100  3.895   0.369   1.00 21.57 ? 51   ASN A ND2 1 
ATOM   289  N N   . SER A 1 46  ? -2.361  4.125   -4.571  1.00 20.84 ? 52   SER A N   1 
ATOM   290  C CA  . SER A 1 46  ? -2.500  3.602   -5.938  1.00 21.49 ? 52   SER A CA  1 
ATOM   291  C C   . SER A 1 46  ? -2.813  4.744   -6.899  1.00 23.09 ? 52   SER A C   1 
ATOM   292  O O   . SER A 1 46  ? -2.209  4.841   -7.971  1.00 27.11 ? 52   SER A O   1 
ATOM   293  C CB  . SER A 1 46  ? -3.616  2.556   -5.998  1.00 21.27 ? 52   SER A CB  1 
ATOM   294  O OG  . SER A 1 46  ? -3.218  1.341   -5.396  1.00 20.96 ? 52   SER A OG  1 
ATOM   295  N N   . SER A 1 47  ? -3.743  5.616   -6.520  1.00 23.06 ? 53   SER A N   1 
ATOM   296  C CA  . SER A 1 47  ? -4.100  6.757   -7.365  1.00 23.33 ? 53   SER A CA  1 
ATOM   297  C C   . SER A 1 47  ? -2.888  7.639   -7.656  1.00 24.30 ? 53   SER A C   1 
ATOM   298  O O   . SER A 1 47  ? -2.664  8.035   -8.801  1.00 24.28 ? 53   SER A O   1 
ATOM   299  C CB  . SER A 1 47  ? -5.264  7.545   -6.741  1.00 24.80 ? 53   SER A CB  1 
ATOM   300  O OG  . SER A 1 47  ? -5.451  8.803   -7.372  1.00 25.15 ? 53   SER A OG  1 
ATOM   301  N N   . ASP A 1 48  ? -2.086  7.922   -6.623  1.00 24.49 ? 54   ASP A N   1 
ATOM   302  C CA  . ASP A 1 48  ? -0.869  8.697   -6.805  1.00 24.50 ? 54   ASP A CA  1 
ATOM   303  C C   . ASP A 1 48  ? 0.135   8.030   -7.752  1.00 25.64 ? 54   ASP A C   1 
ATOM   304  O O   . ASP A 1 48  ? 0.814   8.721   -8.546  1.00 25.49 ? 54   ASP A O   1 
ATOM   305  C CB  . ASP A 1 48  ? -0.157  8.903   -5.459  1.00 25.05 ? 54   ASP A CB  1 
ATOM   306  C CG  . ASP A 1 48  ? -0.925  9.789   -4.506  1.00 24.36 ? 54   ASP A CG  1 
ATOM   307  O OD1 . ASP A 1 48  ? -1.940  10.392  -4.894  1.00 24.45 ? 54   ASP A OD1 1 
ATOM   308  O OD2 . ASP A 1 48  ? -0.498  9.856   -3.328  1.00 27.32 ? 54   ASP A OD2 1 
ATOM   309  N N   . ALA A 1 49  ? 0.259   6.703   -7.643  1.00 24.93 ? 55   ALA A N   1 
ATOM   310  C CA  . ALA A 1 49  ? 1.197   5.933   -8.478  1.00 25.54 ? 55   ALA A CA  1 
ATOM   311  C C   . ALA A 1 49  ? 0.747   5.938   -9.928  1.00 25.73 ? 55   ALA A C   1 
ATOM   312  O O   . ALA A 1 49  ? 1.592   5.880   -10.847 1.00 26.68 ? 55   ALA A O   1 
ATOM   313  C CB  . ALA A 1 49  ? 1.326   4.507   -7.968  1.00 23.94 ? 55   ALA A CB  1 
ATOM   314  N N   . LEU A 1 50  ? -0.579  5.989   -10.129 1.00 24.48 ? 56   LEU A N   1 
ATOM   315  C CA  . LEU A 1 50  ? -1.158  6.080   -11.476 1.00 25.39 ? 56   LEU A CA  1 
ATOM   316  C C   . LEU A 1 50  ? -0.956  7.484   -12.078 1.00 29.07 ? 56   LEU A C   1 
ATOM   317  O O   . LEU A 1 50  ? -0.711  7.607   -13.296 1.00 27.10 ? 56   LEU A O   1 
ATOM   318  C CB  . LEU A 1 50  ? -2.641  5.677   -11.504 1.00 22.90 ? 56   LEU A CB  1 
ATOM   319  C CG  . LEU A 1 50  ? -2.925  4.213   -11.131 1.00 24.58 ? 56   LEU A CG  1 
ATOM   320  C CD1 . LEU A 1 50  ? -4.323  4.015   -10.569 1.00 23.13 ? 56   LEU A CD1 1 
ATOM   321  C CD2 . LEU A 1 50  ? -2.688  3.280   -12.308 1.00 21.50 ? 56   LEU A CD2 1 
ATOM   322  N N   . ASP A 1 51  ? -1.059  8.535   -11.242 1.00 28.84 ? 57   ASP A N   1 
ATOM   323  C CA  . ASP A 1 51  ? -0.769  9.898   -11.702 1.00 29.07 ? 57   ASP A CA  1 
ATOM   324  C C   . ASP A 1 51  ? 0.663   9.946   -12.173 1.00 28.28 ? 57   ASP A C   1 
ATOM   325  O O   . ASP A 1 51  ? 0.978   10.624  -13.131 1.00 34.68 ? 57   ASP A O   1 
ATOM   326  C CB  . ASP A 1 51  ? -0.882  10.947  -10.575 1.00 27.29 ? 57   ASP A CB  1 
ATOM   327  C CG  . ASP A 1 51  ? -2.283  11.224  -10.156 1.00 27.03 ? 57   ASP A CG  1 
ATOM   328  O OD1 . ASP A 1 51  ? -3.244  10.883  -10.892 1.00 31.44 ? 57   ASP A OD1 1 
ATOM   329  O OD2 . ASP A 1 51  ? -2.423  11.793  -9.050  1.00 28.59 ? 57   ASP A OD2 1 
ATOM   330  N N   . LYS A 1 52  ? 1.529   9.242   -11.465 1.00 31.41 ? 58   LYS A N   1 
ATOM   331  C CA  . LYS A 1 52  ? 2.973   9.292   -11.691 1.00 31.22 ? 58   LYS A CA  1 
ATOM   332  C C   . LYS A 1 52  ? 3.378   8.634   -13.017 1.00 31.44 ? 58   LYS A C   1 
ATOM   333  O O   . LYS A 1 52  ? 4.258   9.138   -13.739 1.00 31.28 ? 58   LYS A O   1 
ATOM   334  C CB  . LYS A 1 52  ? 3.673   8.623   -10.529 1.00 31.93 ? 58   LYS A CB  1 
ATOM   335  C CG  . LYS A 1 52  ? 5.103   9.080   -10.267 1.00 36.70 ? 58   LYS A CG  1 
ATOM   336  C CD  . LYS A 1 52  ? 5.606   8.556   -8.911  1.00 38.23 ? 58   LYS A CD  1 
ATOM   337  C CE  . LYS A 1 52  ? 5.203   9.451   -7.740  1.00 38.69 ? 58   LYS A CE  1 
ATOM   338  N NZ  . LYS A 1 52  ? 5.998   9.122   -6.510  1.00 36.03 ? 58   LYS A NZ  1 
ATOM   339  N N   . ILE A 1 53  ? 2.732   7.516   -13.347 1.00 30.06 ? 59   ILE A N   1 
ATOM   340  C CA  . ILE A 1 53  ? 3.014   6.858   -14.614 1.00 29.27 ? 59   ILE A CA  1 
ATOM   341  C C   . ILE A 1 53  ? 2.419   7.662   -15.757 1.00 31.07 ? 59   ILE A C   1 
ATOM   342  O O   . ILE A 1 53  ? 3.119   7.938   -16.735 1.00 31.33 ? 59   ILE A O   1 
ATOM   343  C CB  . ILE A 1 53  ? 2.583   5.365   -14.676 1.00 25.29 ? 59   ILE A CB  1 
ATOM   344  C CG1 . ILE A 1 53  ? 3.095   4.727   -15.971 1.00 26.04 ? 59   ILE A CG1 1 
ATOM   345  C CG2 . ILE A 1 53  ? 1.072   5.221   -14.637 1.00 23.78 ? 59   ILE A CG2 1 
ATOM   346  C CD1 . ILE A 1 53  ? 4.596   4.805   -16.215 1.00 25.28 ? 59   ILE A CD1 1 
ATOM   347  N N   . ARG A 1 54  ? 1.143   8.035   -15.644 1.00 33.01 ? 60   ARG A N   1 
ATOM   348  C CA  . ARG A 1 54  ? 0.548   8.981   -16.596 1.00 39.58 ? 60   ARG A CA  1 
ATOM   349  C C   . ARG A 1 54  ? 1.455   10.232  -16.795 1.00 44.23 ? 60   ARG A C   1 
ATOM   350  O O   . ARG A 1 54  ? 1.659   10.685  -17.925 1.00 45.77 ? 60   ARG A O   1 
ATOM   351  C CB  . ARG A 1 54  ? -0.834  9.414   -16.121 1.00 37.67 ? 60   ARG A CB  1 
ATOM   352  C CG  . ARG A 1 54  ? -1.643  10.149  -17.175 1.00 40.51 ? 60   ARG A CG  1 
ATOM   353  C CD  . ARG A 1 54  ? -2.993  10.598  -16.637 1.00 41.54 ? 60   ARG A CD  1 
ATOM   354  N NE  . ARG A 1 54  ? -2.850  11.523  -15.492 1.00 45.55 ? 60   ARG A NE  1 
ATOM   355  C CZ  . ARG A 1 54  ? -3.832  11.826  -14.625 1.00 43.88 ? 60   ARG A CZ  1 
ATOM   356  N NH1 . ARG A 1 54  ? -5.040  11.272  -14.758 1.00 41.67 ? 60   ARG A NH1 1 
ATOM   357  N NH2 . ARG A 1 54  ? -3.613  12.678  -13.621 1.00 35.42 ? 60   ARG A NH2 1 
ATOM   358  N N   . TYR A 1 55  ? 2.005   10.762  -15.701 1.00 44.65 ? 61   TYR A N   1 
ATOM   359  C CA  . TYR A 1 55  ? 2.867   11.954  -15.761 1.00 51.65 ? 61   TYR A CA  1 
ATOM   360  C C   . TYR A 1 55  ? 4.165   11.763  -16.567 1.00 51.46 ? 61   TYR A C   1 
ATOM   361  O O   . TYR A 1 55  ? 4.470   12.591  -17.423 1.00 53.02 ? 61   TYR A O   1 
ATOM   362  C CB  . TYR A 1 55  ? 3.170   12.512  -14.350 1.00 53.09 ? 61   TYR A CB  1 
ATOM   363  C CG  . TYR A 1 55  ? 4.392   13.436  -14.260 1.00 59.44 ? 61   TYR A CG  1 
ATOM   364  C CD1 . TYR A 1 55  ? 4.423   14.683  -14.918 1.00 60.54 ? 61   TYR A CD1 1 
ATOM   365  C CD2 . TYR A 1 55  ? 5.516   13.064  -13.513 1.00 61.24 ? 61   TYR A CD2 1 
ATOM   366  C CE1 . TYR A 1 55  ? 5.539   15.518  -14.831 1.00 62.62 ? 61   TYR A CE1 1 
ATOM   367  C CE2 . TYR A 1 55  ? 6.638   13.892  -13.424 1.00 62.71 ? 61   TYR A CE2 1 
ATOM   368  C CZ  . TYR A 1 55  ? 6.650   15.118  -14.079 1.00 64.78 ? 61   TYR A CZ  1 
ATOM   369  O OH  . TYR A 1 55  ? 7.766   15.936  -13.976 1.00 60.73 ? 61   TYR A OH  1 
ATOM   370  N N   . GLU A 1 56  ? 4.925   10.699  -16.284 1.00 50.28 ? 62   GLU A N   1 
ATOM   371  C CA  . GLU A 1 56  ? 6.242   10.488  -16.920 1.00 49.60 ? 62   GLU A CA  1 
ATOM   372  C C   . GLU A 1 56  ? 6.124   10.122  -18.405 1.00 49.84 ? 62   GLU A C   1 
ATOM   373  O O   . GLU A 1 56  ? 7.045   10.383  -19.212 1.00 45.04 ? 62   GLU A O   1 
ATOM   374  C CB  . GLU A 1 56  ? 7.060   9.429   -16.177 1.00 48.93 ? 62   GLU A CB  1 
ATOM   375  C CG  . GLU A 1 56  ? 7.232   9.728   -14.701 1.00 57.86 ? 62   GLU A CG  1 
ATOM   376  C CD  . GLU A 1 56  ? 8.647   9.515   -14.207 1.00 64.62 ? 62   GLU A CD  1 
ATOM   377  O OE1 . GLU A 1 56  ? 9.265   8.479   -14.566 1.00 65.22 ? 62   GLU A OE1 1 
ATOM   378  O OE2 . GLU A 1 56  ? 9.130   10.392  -13.448 1.00 62.51 ? 62   GLU A OE2 1 
ATOM   379  N N   . SER A 1 57  ? 4.976   9.541   -18.746 1.00 45.89 ? 63   SER A N   1 
ATOM   380  C CA  . SER A 1 57  ? 4.678   9.091   -20.092 1.00 52.69 ? 63   SER A CA  1 
ATOM   381  C C   . SER A 1 57  ? 4.376   10.270  -21.018 1.00 58.03 ? 63   SER A C   1 
ATOM   382  O O   . SER A 1 57  ? 4.262   10.112  -22.253 1.00 57.61 ? 63   SER A O   1 
ATOM   383  C CB  . SER A 1 57  ? 3.500   8.108   -20.074 1.00 50.13 ? 63   SER A CB  1 
ATOM   384  O OG  . SER A 1 57  ? 2.262   8.796   -20.065 1.00 53.54 ? 63   SER A OG  1 
ATOM   385  N N   . LEU A 1 58  ? 4.245   11.446  -20.413 1.00 57.71 ? 64   LEU A N   1 
ATOM   386  C CA  . LEU A 1 58  ? 4.021   12.676  -21.165 1.00 58.14 ? 64   LEU A CA  1 
ATOM   387  C C   . LEU A 1 58  ? 5.259   13.112  -21.949 1.00 56.51 ? 64   LEU A C   1 
ATOM   388  O O   . LEU A 1 58  ? 5.124   13.659  -23.020 1.00 53.59 ? 64   LEU A O   1 
ATOM   389  C CB  . LEU A 1 58  ? 3.538   13.789  -20.231 1.00 60.96 ? 64   LEU A CB  1 
ATOM   390  C CG  . LEU A 1 58  ? 2.143   13.583  -19.607 1.00 59.85 ? 64   LEU A CG  1 
ATOM   391  C CD1 . LEU A 1 58  ? 1.941   14.590  -18.483 1.00 58.75 ? 64   LEU A CD1 1 
ATOM   392  C CD2 . LEU A 1 58  ? 0.999   13.623  -20.636 1.00 53.08 ? 64   LEU A CD2 1 
ATOM   393  N N   . THR A 1 59  ? 6.446   12.848  -21.403 1.00 57.53 ? 65   THR A N   1 
ATOM   394  C CA  . THR A 1 59  ? 7.730   13.114  -22.070 1.00 59.00 ? 65   THR A CA  1 
ATOM   395  C C   . THR A 1 59  ? 8.406   11.847  -22.646 1.00 62.95 ? 65   THR A C   1 
ATOM   396  O O   . THR A 1 59  ? 9.425   11.940  -23.329 1.00 59.14 ? 65   THR A O   1 
ATOM   397  C CB  . THR A 1 59  ? 8.743   13.842  -21.139 1.00 62.25 ? 65   THR A CB  1 
ATOM   398  O OG1 . THR A 1 59  ? 8.919   13.106  -19.914 1.00 59.24 ? 65   THR A OG1 1 
ATOM   399  C CG2 . THR A 1 59  ? 8.292   15.282  -20.826 1.00 59.94 ? 65   THR A CG2 1 
ATOM   400  N N   . ASP A 1 60  ? 7.846   10.672  -22.357 1.00 63.88 ? 66   ASP A N   1 
ATOM   401  C CA  . ASP A 1 60  ? 8.312   9.411   -22.946 1.00 57.46 ? 66   ASP A CA  1 
ATOM   402  C C   . ASP A 1 60  ? 7.129   8.448   -23.083 1.00 59.62 ? 66   ASP A C   1 
ATOM   403  O O   . ASP A 1 60  ? 6.855   7.675   -22.158 1.00 63.61 ? 66   ASP A O   1 
ATOM   404  C CB  . ASP A 1 60  ? 9.439   8.801   -22.088 1.00 58.95 ? 66   ASP A CB  1 
ATOM   405  C CG  . ASP A 1 60  ? 10.043  7.522   -22.695 1.00 58.01 ? 66   ASP A CG  1 
ATOM   406  O OD1 . ASP A 1 60  ? 9.578   7.043   -23.752 1.00 57.05 ? 66   ASP A OD1 1 
ATOM   407  O OD2 . ASP A 1 60  ? 10.992  6.982   -22.095 1.00 55.55 ? 66   ASP A OD2 1 
ATOM   408  N N   . PRO A 1 61  ? 6.413   8.494   -24.228 1.00 58.18 ? 67   PRO A N   1 
ATOM   409  C CA  . PRO A 1 61  ? 5.223   7.628   -24.359 1.00 56.17 ? 67   PRO A CA  1 
ATOM   410  C C   . PRO A 1 61  ? 5.496   6.102   -24.335 1.00 54.30 ? 67   PRO A C   1 
ATOM   411  O O   . PRO A 1 61  ? 4.564   5.324   -24.104 1.00 51.73 ? 67   PRO A O   1 
ATOM   412  C CB  . PRO A 1 61  ? 4.610   8.066   -25.703 1.00 51.39 ? 67   PRO A CB  1 
ATOM   413  C CG  . PRO A 1 61  ? 5.154   9.444   -25.935 1.00 54.01 ? 67   PRO A CG  1 
ATOM   414  C CD  . PRO A 1 61  ? 6.561   9.385   -25.396 1.00 54.39 ? 67   PRO A CD  1 
ATOM   415  N N   . SER A 1 62  ? 6.747   5.686   -24.557 1.00 50.70 ? 68   SER A N   1 
ATOM   416  C CA  . SER A 1 62  ? 7.090   4.247   -24.552 1.00 51.67 ? 68   SER A CA  1 
ATOM   417  C C   . SER A 1 62  ? 7.012   3.634   -23.136 1.00 50.27 ? 68   SER A C   1 
ATOM   418  O O   . SER A 1 62  ? 6.845   2.417   -22.982 1.00 43.72 ? 68   SER A O   1 
ATOM   419  C CB  . SER A 1 62  ? 8.460   3.980   -25.212 1.00 50.94 ? 68   SER A CB  1 
ATOM   420  O OG  . SER A 1 62  ? 9.547   4.462   -24.429 1.00 48.48 ? 68   SER A OG  1 
ATOM   421  N N   . LYS A 1 63  ? 7.108   4.490   -22.110 1.00 46.38 ? 69   LYS A N   1 
ATOM   422  C CA  . LYS A 1 63  ? 6.814   4.084   -20.729 1.00 44.03 ? 69   LYS A CA  1 
ATOM   423  C C   . LYS A 1 63  ? 5.421   3.417   -20.543 1.00 39.57 ? 69   LYS A C   1 
ATOM   424  O O   . LYS A 1 63  ? 5.213   2.703   -19.576 1.00 38.67 ? 69   LYS A O   1 
ATOM   425  C CB  . LYS A 1 63  ? 7.034   5.246   -19.750 1.00 44.52 ? 69   LYS A CB  1 
ATOM   426  C CG  . LYS A 1 63  ? 8.509   5.482   -19.462 1.00 47.00 ? 69   LYS A CG  1 
ATOM   427  C CD  . LYS A 1 63  ? 8.767   6.779   -18.716 1.00 48.21 ? 69   LYS A CD  1 
ATOM   428  C CE  . LYS A 1 63  ? 10.264  7.061   -18.750 1.00 50.61 ? 69   LYS A CE  1 
ATOM   429  N NZ  . LYS A 1 63  ? 10.739  7.860   -17.591 1.00 47.10 ? 69   LYS A NZ  1 
ATOM   430  N N   . LEU A 1 64  ? 4.492   3.619   -21.473 1.00 36.75 ? 70   LEU A N   1 
ATOM   431  C CA  . LEU A 1 64  ? 3.237   2.839   -21.445 1.00 38.51 ? 70   LEU A CA  1 
ATOM   432  C C   . LEU A 1 64  ? 3.224   1.531   -22.272 1.00 38.32 ? 70   LEU A C   1 
ATOM   433  O O   . LEU A 1 64  ? 2.167   0.905   -22.405 1.00 39.23 ? 70   LEU A O   1 
ATOM   434  C CB  . LEU A 1 64  ? 2.037   3.712   -21.795 1.00 37.65 ? 70   LEU A CB  1 
ATOM   435  C CG  . LEU A 1 64  ? 1.705   4.857   -20.810 1.00 40.68 ? 70   LEU A CG  1 
ATOM   436  C CD1 . LEU A 1 64  ? 0.848   5.921   -21.503 1.00 37.46 ? 70   LEU A CD1 1 
ATOM   437  C CD2 . LEU A 1 64  ? 1.034   4.331   -19.529 1.00 36.18 ? 70   LEU A CD2 1 
ATOM   438  N N   . ASP A 1 65  ? 4.386   1.120   -22.796 1.00 37.97 ? 71   ASP A N   1 
ATOM   439  C CA  . ASP A 1 65  ? 4.513   -0.171  -23.530 1.00 41.62 ? 71   ASP A CA  1 
ATOM   440  C C   . ASP A 1 65  ? 4.180   -1.382  -22.660 1.00 42.14 ? 71   ASP A C   1 
ATOM   441  O O   . ASP A 1 65  ? 3.596   -2.355  -23.138 1.00 41.24 ? 71   ASP A O   1 
ATOM   442  C CB  . ASP A 1 65  ? 5.915   -0.357  -24.161 1.00 40.85 ? 71   ASP A CB  1 
ATOM   443  C CG  . ASP A 1 65  ? 6.161   0.589   -25.343 1.00 42.48 ? 71   ASP A CG  1 
ATOM   444  O OD1 . ASP A 1 65  ? 5.179   1.141   -25.896 1.00 46.27 ? 71   ASP A OD1 1 
ATOM   445  O OD2 . ASP A 1 65  ? 7.334   0.802   -25.706 1.00 42.26 ? 71   ASP A OD2 1 
ATOM   446  N N   . SER A 1 66  ? 4.551   -1.298  -21.381 1.00 41.96 ? 72   SER A N   1 
ATOM   447  C CA  . SER A 1 66  ? 4.271   -2.333  -20.384 1.00 39.80 ? 72   SER A CA  1 
ATOM   448  C C   . SER A 1 66  ? 2.796   -2.362  -19.924 1.00 42.08 ? 72   SER A C   1 
ATOM   449  O O   . SER A 1 66  ? 2.463   -3.031  -18.955 1.00 42.57 ? 72   SER A O   1 
ATOM   450  C CB  . SER A 1 66  ? 5.182   -2.081  -19.201 1.00 37.84 ? 72   SER A CB  1 
ATOM   451  O OG  . SER A 1 66  ? 5.124   -0.702  -18.828 1.00 36.95 ? 72   SER A OG  1 
ATOM   452  N N   . GLY A 1 67  ? 1.920   -1.627  -20.614 1.00 41.23 ? 73   GLY A N   1 
ATOM   453  C CA  . GLY A 1 67  ? 0.474   -1.667  -20.347 1.00 39.50 ? 73   GLY A CA  1 
ATOM   454  C C   . GLY A 1 67  ? -0.111  -0.260  -20.257 1.00 41.00 ? 73   GLY A C   1 
ATOM   455  O O   . GLY A 1 67  ? 0.370   0.573   -19.475 1.00 37.42 ? 73   GLY A O   1 
ATOM   456  N N   . LYS A 1 68  ? -1.155  -0.012  -21.044 1.00 43.07 ? 74   LYS A N   1 
ATOM   457  C CA  . LYS A 1 68  ? -1.778  1.306   -21.176 1.00 45.27 ? 74   LYS A CA  1 
ATOM   458  C C   . LYS A 1 68  ? -2.843  1.569   -20.130 1.00 42.43 ? 74   LYS A C   1 
ATOM   459  O O   . LYS A 1 68  ? -3.007  2.710   -19.714 1.00 38.81 ? 74   LYS A O   1 
ATOM   460  C CB  . LYS A 1 68  ? -2.415  1.472   -22.563 1.00 52.49 ? 74   LYS A CB  1 
ATOM   461  C CG  . LYS A 1 68  ? -1.433  1.839   -23.659 1.00 60.60 ? 74   LYS A CG  1 
ATOM   462  C CD  . LYS A 1 68  ? -2.127  1.969   -25.017 1.00 67.50 ? 74   LYS A CD  1 
ATOM   463  C CE  . LYS A 1 68  ? -1.145  2.385   -26.116 1.00 66.65 ? 74   LYS A CE  1 
ATOM   464  N NZ  . LYS A 1 68  ? -0.058  1.387   -26.362 1.00 62.94 ? 74   LYS A NZ  1 
ATOM   465  N N   . GLU A 1 69  ? -3.574  0.523   -19.728 1.00 39.03 ? 75   GLU A N   1 
ATOM   466  C CA  . GLU A 1 69  ? -4.721  0.680   -18.846 1.00 37.91 ? 75   GLU A CA  1 
ATOM   467  C C   . GLU A 1 69  ? -4.309  1.106   -17.412 1.00 34.74 ? 75   GLU A C   1 
ATOM   468  O O   . GLU A 1 69  ? -3.375  0.556   -16.828 1.00 32.11 ? 75   GLU A O   1 
ATOM   469  C CB  . GLU A 1 69  ? -5.528  -0.595  -18.826 1.00 42.20 ? 75   GLU A CB  1 
ATOM   470  C CG  . GLU A 1 69  ? -6.915  -0.448  -18.228 1.00 48.76 ? 75   GLU A CG  1 
ATOM   471  C CD  . GLU A 1 69  ? -7.613  -1.791  -18.052 1.00 56.71 ? 75   GLU A CD  1 
ATOM   472  O OE1 . GLU A 1 69  ? -6.997  -2.839  -18.391 1.00 53.18 ? 75   GLU A OE1 1 
ATOM   473  O OE2 . GLU A 1 69  ? -8.768  -1.793  -17.558 1.00 55.93 ? 75   GLU A OE2 1 
ATOM   474  N N   . LEU A 1 70  ? -5.007  2.098   -16.873 1.00 28.78 ? 76   LEU A N   1 
ATOM   475  C CA  . LEU A 1 70  ? -4.652  2.698   -15.588 1.00 27.24 ? 76   LEU A CA  1 
ATOM   476  C C   . LEU A 1 70  ? -5.835  2.528   -14.685 1.00 27.15 ? 76   LEU A C   1 
ATOM   477  O O   . LEU A 1 70  ? -6.846  3.199   -14.836 1.00 28.88 ? 76   LEU A O   1 
ATOM   478  C CB  . LEU A 1 70  ? -4.295  4.178   -15.737 1.00 26.34 ? 76   LEU A CB  1 
ATOM   479  C CG  . LEU A 1 70  ? -3.177  4.566   -16.685 1.00 26.23 ? 76   LEU A CG  1 
ATOM   480  C CD1 . LEU A 1 70  ? -2.910  6.059   -16.537 1.00 28.27 ? 76   LEU A CD1 1 
ATOM   481  C CD2 . LEU A 1 70  ? -1.894  3.776   -16.381 1.00 25.49 ? 76   LEU A CD2 1 
ATOM   482  N N   . HIS A 1 71  ? -5.733  1.590   -13.752 1.00 26.25 ? 77   HIS A N   1 
ATOM   483  C CA  . HIS A 1 71  ? -6.892  1.247   -12.924 1.00 25.47 ? 77   HIS A CA  1 
ATOM   484  C C   . HIS A 1 71  ? -6.414  0.521   -11.688 1.00 23.04 ? 77   HIS A C   1 
ATOM   485  O O   . HIS A 1 71  ? -5.179  0.343   -11.491 1.00 22.62 ? 77   HIS A O   1 
ATOM   486  C CB  . HIS A 1 71  ? -7.936  0.428   -13.739 1.00 25.10 ? 77   HIS A CB  1 
ATOM   487  C CG  . HIS A 1 71  ? -7.515  -1.008  -14.026 1.00 27.33 ? 77   HIS A CG  1 
ATOM   488  N ND1 . HIS A 1 71  ? -6.246  -1.346  -14.378 1.00 29.24 ? 77   HIS A ND1 1 
ATOM   489  C CD2 . HIS A 1 71  ? -8.237  -2.197  -14.006 1.00 26.57 ? 77   HIS A CD2 1 
ATOM   490  C CE1 . HIS A 1 71  ? -6.166  -2.671  -14.584 1.00 26.44 ? 77   HIS A CE1 1 
ATOM   491  N NE2 . HIS A 1 71  ? -7.371  -3.198  -14.330 1.00 27.46 ? 77   HIS A NE2 1 
ATOM   492  N N   . ILE A 1 72  ? -7.396  0.119   -10.871 1.00 21.01 ? 78   ILE A N   1 
ATOM   493  C CA  . ILE A 1 72  ? -7.217  -0.441  -9.549  1.00 20.48 ? 78   ILE A CA  1 
ATOM   494  C C   . ILE A 1 72  ? -8.209  -1.556  -9.383  1.00 21.84 ? 78   ILE A C   1 
ATOM   495  O O   . ILE A 1 72  ? -9.375  -1.365  -9.687  1.00 24.91 ? 78   ILE A O   1 
ATOM   496  C CB  . ILE A 1 72  ? -7.524  0.605   -8.435  1.00 20.22 ? 78   ILE A CB  1 
ATOM   497  C CG1 . ILE A 1 72  ? -6.619  1.835   -8.596  1.00 20.49 ? 78   ILE A CG1 1 
ATOM   498  C CG2 . ILE A 1 72  ? -7.309  0.018   -7.033  1.00 18.79 ? 78   ILE A CG2 1 
ATOM   499  C CD1 . ILE A 1 72  ? -6.958  2.981   -7.657  1.00 20.63 ? 78   ILE A CD1 1 
ATOM   500  N N   . ASN A 1 73  ? -7.764  -2.702  -8.845  1.00 22.79 ? 79   ASN A N   1 
ATOM   501  C CA  . ASN A 1 73  ? -8.645  -3.813  -8.457  1.00 20.77 ? 79   ASN A CA  1 
ATOM   502  C C   . ASN A 1 73  ? -8.536  -4.128  -7.016  1.00 20.44 ? 79   ASN A C   1 
ATOM   503  O O   . ASN A 1 73  ? -7.461  -4.068  -6.466  1.00 19.96 ? 79   ASN A O   1 
ATOM   504  C CB  . ASN A 1 73  ? -8.274  -5.071  -9.217  1.00 21.40 ? 79   ASN A CB  1 
ATOM   505  C CG  . ASN A 1 73  ? -8.440  -4.891  -10.708 1.00 23.62 ? 79   ASN A CG  1 
ATOM   506  O OD1 . ASN A 1 73  ? -9.328  -4.139  -11.165 1.00 22.96 ? 79   ASN A OD1 1 
ATOM   507  N ND2 . ASN A 1 73  ? -7.589  -5.550  -11.474 1.00 22.24 ? 79   ASN A ND2 1 
ATOM   508  N N   . LEU A 1 74  ? -9.662  -4.480  -6.411  1.00 21.34 ? 80   LEU A N   1 
ATOM   509  C CA  . LEU A 1 74  ? -9.693  -4.910  -5.024  1.00 21.66 ? 80   LEU A CA  1 
ATOM   510  C C   . LEU A 1 74  ? -10.083 -6.380  -5.068  1.00 21.05 ? 80   LEU A C   1 
ATOM   511  O O   . LEU A 1 74  ? -11.150 -6.712  -5.555  1.00 22.41 ? 80   LEU A O   1 
ATOM   512  C CB  . LEU A 1 74  ? -10.714 -4.089  -4.212  1.00 20.50 ? 80   LEU A CB  1 
ATOM   513  C CG  . LEU A 1 74  ? -10.612 -2.550  -4.236  1.00 20.49 ? 80   LEU A CG  1 
ATOM   514  C CD1 . LEU A 1 74  ? -11.731 -1.896  -3.413  1.00 17.75 ? 80   LEU A CD1 1 
ATOM   515  C CD2 . LEU A 1 74  ? -9.240  -2.070  -3.754  1.00 18.22 ? 80   LEU A CD2 1 
ATOM   516  N N   . ILE A 1 75  ? -9.215  -7.255  -4.564  1.00 21.35 ? 81   ILE A N   1 
ATOM   517  C CA  . ILE A 1 75  ? -9.415  -8.691  -4.665  1.00 20.54 ? 81   ILE A CA  1 
ATOM   518  C C   . ILE A 1 75  ? -9.401  -9.337  -3.295  1.00 21.97 ? 81   ILE A C   1 
ATOM   519  O O   . ILE A 1 75  ? -8.324  -9.580  -2.722  1.00 23.71 ? 81   ILE A O   1 
ATOM   520  C CB  . ILE A 1 75  ? -8.346  -9.352  -5.590  1.00 20.43 ? 81   ILE A CB  1 
ATOM   521  C CG1 . ILE A 1 75  ? -8.263  -8.619  -6.935  1.00 18.47 ? 81   ILE A CG1 1 
ATOM   522  C CG2 . ILE A 1 75  ? -8.635  -10.864 -5.809  1.00 19.70 ? 81   ILE A CG2 1 
ATOM   523  C CD1 . ILE A 1 75  ? -7.208  -9.200  -7.887  1.00 19.16 ? 81   ILE A CD1 1 
ATOM   524  N N   . PRO A 1 76  ? -10.583 -9.642  -2.747  1.00 23.46 ? 82   PRO A N   1 
ATOM   525  C CA  . PRO A 1 76  ? -10.649 -10.421 -1.498  1.00 24.76 ? 82   PRO A CA  1 
ATOM   526  C C   . PRO A 1 76  ? -10.542 -11.940 -1.743  1.00 26.98 ? 82   PRO A C   1 
ATOM   527  O O   . PRO A 1 76  ? -11.010 -12.442 -2.748  1.00 27.00 ? 82   PRO A O   1 
ATOM   528  C CB  . PRO A 1 76  ? -12.039 -10.071 -0.950  1.00 23.82 ? 82   PRO A CB  1 
ATOM   529  C CG  . PRO A 1 76  ? -12.850 -9.751  -2.132  1.00 21.85 ? 82   PRO A CG  1 
ATOM   530  C CD  . PRO A 1 76  ? -11.924 -9.240  -3.215  1.00 23.59 ? 82   PRO A CD  1 
ATOM   531  N N   . ASN A 1 77  ? -9.922  -12.664 -0.826  1.00 30.94 ? 83   ASN A N   1 
ATOM   532  C CA  . ASN A 1 77  ? -9.762  -14.099 -0.973  1.00 31.79 ? 83   ASN A CA  1 
ATOM   533  C C   . ASN A 1 77  ? -9.907  -14.710 0.421   1.00 35.53 ? 83   ASN A C   1 
ATOM   534  O O   . ASN A 1 77  ? -8.974  -14.647 1.232   1.00 34.08 ? 83   ASN A O   1 
ATOM   535  C CB  . ASN A 1 77  ? -8.411  -14.461 -1.625  1.00 31.25 ? 83   ASN A CB  1 
ATOM   536  C CG  . ASN A 1 77  ? -8.294  -15.974 -1.965  1.00 34.39 ? 83   ASN A CG  1 
ATOM   537  O OD1 . ASN A 1 77  ? -8.509  -16.861 -1.113  1.00 33.34 ? 83   ASN A OD1 1 
ATOM   538  N ND2 . ASN A 1 77  ? -7.937  -16.265 -3.208  1.00 31.13 ? 83   ASN A ND2 1 
ATOM   539  N N   . LYS A 1 78  ? -11.079 -15.294 0.693   1.00 35.93 ? 84   LYS A N   1 
ATOM   540  C CA  . LYS A 1 78  ? -11.395 -15.847 2.011   1.00 41.42 ? 84   LYS A CA  1 
ATOM   541  C C   . LYS A 1 78  ? -10.568 -17.077 2.321   1.00 40.70 ? 84   LYS A C   1 
ATOM   542  O O   . LYS A 1 78  ? -10.261 -17.333 3.470   1.00 35.97 ? 84   LYS A O   1 
ATOM   543  C CB  . LYS A 1 78  ? -12.889 -16.188 2.122   1.00 47.09 ? 84   LYS A CB  1 
ATOM   544  C CG  . LYS A 1 78  ? -13.771 -14.981 2.450   1.00 49.53 ? 84   LYS A CG  1 
ATOM   545  C CD  . LYS A 1 78  ? -15.248 -15.318 2.305   1.00 52.57 ? 84   LYS A CD  1 
ATOM   546  C CE  . LYS A 1 78  ? -16.140 -14.084 2.335   1.00 54.16 ? 84   LYS A CE  1 
ATOM   547  N NZ  . LYS A 1 78  ? -16.380 -13.601 3.723   1.00 51.49 ? 84   LYS A NZ  1 
ATOM   548  N N   . GLN A 1 79  ? -10.241 -17.836 1.276   1.00 46.24 ? 85   GLN A N   1 
ATOM   549  C CA  . GLN A 1 79  ? -9.387  -19.015 1.367   1.00 50.11 ? 85   GLN A CA  1 
ATOM   550  C C   . GLN A 1 79  ? -7.995  -18.673 1.932   1.00 47.72 ? 85   GLN A C   1 
ATOM   551  O O   . GLN A 1 79  ? -7.543  -19.262 2.924   1.00 45.18 ? 85   GLN A O   1 
ATOM   552  C CB  . GLN A 1 79  ? -9.254  -19.664 -0.016  1.00 56.44 ? 85   GLN A CB  1 
ATOM   553  C CG  . GLN A 1 79  ? -10.005 -20.968 -0.192  1.00 68.79 ? 85   GLN A CG  1 
ATOM   554  C CD  . GLN A 1 79  ? -9.260  -22.135 0.434   1.00 75.48 ? 85   GLN A CD  1 
ATOM   555  O OE1 . GLN A 1 79  ? -8.492  -22.828 -0.240  1.00 76.31 ? 85   GLN A OE1 1 
ATOM   556  N NE2 . GLN A 1 79  ? -9.460  -22.342 1.737   1.00 76.96 ? 85   GLN A NE2 1 
ATOM   557  N N   . ASP A 1 80  ? -7.331  -17.707 1.304   1.00 40.89 ? 86   ASP A N   1 
ATOM   558  C CA  . ASP A 1 80  ? -6.014  -17.276 1.758   1.00 38.70 ? 86   ASP A CA  1 
ATOM   559  C C   . ASP A 1 80  ? -6.081  -16.218 2.870   1.00 34.91 ? 86   ASP A C   1 
ATOM   560  O O   . ASP A 1 80  ? -5.055  -15.790 3.367   1.00 31.69 ? 86   ASP A O   1 
ATOM   561  C CB  . ASP A 1 80  ? -5.183  -16.786 0.573   1.00 39.27 ? 86   ASP A CB  1 
ATOM   562  C CG  . ASP A 1 80  ? -4.983  -17.873 -0.478  1.00 42.68 ? 86   ASP A CG  1 
ATOM   563  O OD1 . ASP A 1 80  ? -4.944  -19.071 -0.127  1.00 47.13 ? 86   ASP A OD1 1 
ATOM   564  O OD2 . ASP A 1 80  ? -4.872  -17.542 -1.658  1.00 41.41 ? 86   ASP A OD2 1 
ATOM   565  N N   . ARG A 1 81  ? -7.290  -15.838 3.275   1.00 32.60 ? 87   ARG A N   1 
ATOM   566  C CA  . ARG A 1 81  ? -7.510  -14.675 4.151   1.00 31.74 ? 87   ARG A CA  1 
ATOM   567  C C   . ARG A 1 81  ? -6.700  -13.417 3.716   1.00 29.02 ? 87   ARG A C   1 
ATOM   568  O O   . ARG A 1 81  ? -6.002  -12.796 4.535   1.00 25.61 ? 87   ARG A O   1 
ATOM   569  C CB  . ARG A 1 81  ? -7.232  -15.039 5.621   1.00 37.33 ? 87   ARG A CB  1 
ATOM   570  C CG  . ARG A 1 81  ? -7.937  -14.114 6.614   1.00 40.79 ? 87   ARG A CG  1 
ATOM   571  C CD  . ARG A 1 81  ? -7.243  -14.036 7.954   1.00 43.17 ? 87   ARG A CD  1 
ATOM   572  N NE  . ARG A 1 81  ? -7.302  -15.269 8.728   1.00 47.37 ? 87   ARG A NE  1 
ATOM   573  C CZ  . ARG A 1 81  ? -6.505  -15.539 9.771   1.00 48.91 ? 87   ARG A CZ  1 
ATOM   574  N NH1 . ARG A 1 81  ? -5.579  -14.669 10.179  1.00 41.48 ? 87   ARG A NH1 1 
ATOM   575  N NH2 . ARG A 1 81  ? -6.636  -16.694 10.412  1.00 48.22 ? 87   ARG A NH2 1 
ATOM   576  N N   . THR A 1 82  ? -6.752  -13.073 2.425   1.00 25.87 ? 88   THR A N   1 
ATOM   577  C CA  . THR A 1 82  ? -6.057  -11.875 1.945   1.00 26.12 ? 88   THR A CA  1 
ATOM   578  C C   . THR A 1 82  ? -7.017  -10.891 1.282   1.00 26.48 ? 88   THR A C   1 
ATOM   579  O O   . THR A 1 82  ? -8.034  -11.286 0.714   1.00 25.48 ? 88   THR A O   1 
ATOM   580  C CB  . THR A 1 82  ? -4.928  -12.186 0.934   1.00 26.81 ? 88   THR A CB  1 
ATOM   581  O OG1 . THR A 1 82  ? -5.476  -12.821 -0.235  1.00 25.75 ? 88   THR A OG1 1 
ATOM   582  C CG2 . THR A 1 82  ? -3.807  -13.051 1.563   1.00 24.16 ? 88   THR A CG2 1 
ATOM   583  N N   . LEU A 1 83  ? -6.679  -9.608  1.366   1.00 23.76 ? 89   LEU A N   1 
ATOM   584  C CA  . LEU A 1 83  ? -7.286  -8.595  0.527   1.00 21.33 ? 89   LEU A CA  1 
ATOM   585  C C   . LEU A 1 83  ? -6.136  -7.948  -0.228  1.00 21.60 ? 89   LEU A C   1 
ATOM   586  O O   . LEU A 1 83  ? -5.228  -7.387  0.409   1.00 20.75 ? 89   LEU A O   1 
ATOM   587  C CB  . LEU A 1 83  ? -7.966  -7.527  1.382   1.00 20.33 ? 89   LEU A CB  1 
ATOM   588  C CG  . LEU A 1 83  ? -8.505  -6.309  0.616   1.00 19.82 ? 89   LEU A CG  1 
ATOM   589  C CD1 . LEU A 1 83  ? -9.612  -6.727  -0.345  1.00 19.12 ? 89   LEU A CD1 1 
ATOM   590  C CD2 . LEU A 1 83  ? -8.999  -5.268  1.617   1.00 19.21 ? 89   LEU A CD2 1 
ATOM   591  N N   . THR A 1 84  ? -6.188  -8.005  -1.560  1.00 19.60 ? 90   THR A N   1 
ATOM   592  C CA  . THR A 1 84  ? -5.136  -7.479  -2.411  1.00 21.01 ? 90   THR A CA  1 
ATOM   593  C C   . THR A 1 84  ? -5.645  -6.220  -3.097  1.00 21.93 ? 90   THR A C   1 
ATOM   594  O O   . THR A 1 84  ? -6.747  -6.246  -3.673  1.00 22.29 ? 90   THR A O   1 
ATOM   595  C CB  . THR A 1 84  ? -4.711  -8.534  -3.448  1.00 20.43 ? 90   THR A CB  1 
ATOM   596  O OG1 . THR A 1 84  ? -4.428  -9.755  -2.756  1.00 24.06 ? 90   THR A OG1 1 
ATOM   597  C CG2 . THR A 1 84  ? -3.454  -8.116  -4.195  1.00 20.80 ? 90   THR A CG2 1 
ATOM   598  N N   . ILE A 1 85  ? -4.883  -5.120  -2.990  1.00 20.56 ? 91   ILE A N   1 
ATOM   599  C CA  . ILE A 1 85  ? -5.136  -3.894  -3.781  1.00 19.65 ? 91   ILE A CA  1 
ATOM   600  C C   . ILE A 1 85  ? -4.106  -3.840  -4.918  1.00 19.77 ? 91   ILE A C   1 
ATOM   601  O O   . ILE A 1 85  ? -2.874  -3.795  -4.669  1.00 18.68 ? 91   ILE A O   1 
ATOM   602  C CB  . ILE A 1 85  ? -4.983  -2.589  -2.959  1.00 20.42 ? 91   ILE A CB  1 
ATOM   603  C CG1 . ILE A 1 85  ? -5.971  -2.537  -1.808  1.00 20.52 ? 91   ILE A CG1 1 
ATOM   604  C CG2 . ILE A 1 85  ? -5.188  -1.364  -3.848  1.00 21.63 ? 91   ILE A CG2 1 
ATOM   605  C CD1 . ILE A 1 85  ? -5.655  -3.498  -0.684  1.00 21.72 ? 91   ILE A CD1 1 
ATOM   606  N N   . VAL A 1 86  ? -4.610  -3.829  -6.157  1.00 18.67 ? 92   VAL A N   1 
ATOM   607  C CA  . VAL A 1 86  ? -3.768  -3.914  -7.354  1.00 19.35 ? 92   VAL A CA  1 
ATOM   608  C C   . VAL A 1 86  ? -3.894  -2.622  -8.147  1.00 19.68 ? 92   VAL A C   1 
ATOM   609  O O   . VAL A 1 86  ? -5.004  -2.150  -8.384  1.00 20.87 ? 92   VAL A O   1 
ATOM   610  C CB  . VAL A 1 86  ? -4.186  -5.109  -8.275  1.00 19.74 ? 92   VAL A CB  1 
ATOM   611  C CG1 . VAL A 1 86  ? -3.243  -5.268  -9.472  1.00 19.85 ? 92   VAL A CG1 1 
ATOM   612  C CG2 . VAL A 1 86  ? -4.208  -6.420  -7.489  1.00 19.53 ? 92   VAL A CG2 1 
ATOM   613  N N   . ASP A 1 87  ? -2.770  -2.059  -8.578  1.00 19.80 ? 93   ASP A N   1 
ATOM   614  C CA  . ASP A 1 87  ? -2.811  -0.930  -9.495  1.00 20.28 ? 93   ASP A CA  1 
ATOM   615  C C   . ASP A 1 87  ? -1.830  -1.135  -10.608 1.00 20.78 ? 93   ASP A C   1 
ATOM   616  O O   . ASP A 1 87  ? -0.868  -1.850  -10.436 1.00 21.21 ? 93   ASP A O   1 
ATOM   617  C CB  . ASP A 1 87  ? -2.539  0.416   -8.784  1.00 19.52 ? 93   ASP A CB  1 
ATOM   618  C CG  . ASP A 1 87  ? -1.137  0.511   -8.202  1.00 20.46 ? 93   ASP A CG  1 
ATOM   619  O OD1 . ASP A 1 87  ? -0.152  0.629   -8.982  1.00 18.78 ? 93   ASP A OD1 1 
ATOM   620  O OD2 . ASP A 1 87  ? -1.023  0.503   -6.945  1.00 20.40 ? 93   ASP A OD2 1 
ATOM   621  N N   . THR A 1 88  ? -2.054  -0.465  -11.743 1.00 22.06 ? 94   THR A N   1 
ATOM   622  C CA  . THR A 1 88  ? -1.083  -0.455  -12.822 1.00 21.01 ? 94   THR A CA  1 
ATOM   623  C C   . THR A 1 88  ? -0.362  0.892   -12.812 1.00 22.99 ? 94   THR A C   1 
ATOM   624  O O   . THR A 1 88  ? -0.009  1.450   -13.878 1.00 23.61 ? 94   THR A O   1 
ATOM   625  C CB  . THR A 1 88  ? -1.782  -0.683  -14.159 1.00 22.54 ? 94   THR A CB  1 
ATOM   626  O OG1 . THR A 1 88  ? -2.948  0.173   -14.205 1.00 22.68 ? 94   THR A OG1 1 
ATOM   627  C CG2 . THR A 1 88  ? -2.241  -2.217  -14.313 1.00 20.40 ? 94   THR A CG2 1 
ATOM   628  N N   . GLY A 1 89  ? -0.110  1.418   -11.614 1.00 21.49 ? 95   GLY A N   1 
ATOM   629  C CA  . GLY A 1 89  ? 0.609   2.702   -11.476 1.00 23.05 ? 95   GLY A CA  1 
ATOM   630  C C   . GLY A 1 89  ? 2.046   2.515   -11.884 1.00 25.66 ? 95   GLY A C   1 
ATOM   631  O O   . GLY A 1 89  ? 2.381   1.515   -12.526 1.00 28.79 ? 95   GLY A O   1 
ATOM   632  N N   . ILE A 1 90  ? 2.924   3.428   -11.487 1.00 25.52 ? 96   ILE A N   1 
ATOM   633  C CA  . ILE A 1 90  ? 4.313   3.406   -11.999 1.00 24.58 ? 96   ILE A CA  1 
ATOM   634  C C   . ILE A 1 90  ? 5.205   2.285   -11.453 1.00 25.23 ? 96   ILE A C   1 
ATOM   635  O O   . ILE A 1 90  ? 6.185   1.894   -12.105 1.00 24.75 ? 96   ILE A O   1 
ATOM   636  C CB  . ILE A 1 90  ? 4.996   4.773   -11.804 1.00 24.52 ? 96   ILE A CB  1 
ATOM   637  C CG1 . ILE A 1 90  ? 6.306   4.856   -12.611 1.00 26.55 ? 96   ILE A CG1 1 
ATOM   638  C CG2 . ILE A 1 90  ? 5.190   5.080   -10.314 1.00 25.27 ? 96   ILE A CG2 1 
ATOM   639  C CD1 . ILE A 1 90  ? 6.730   6.267   -12.973 1.00 27.40 ? 96   ILE A CD1 1 
ATOM   640  N N   . GLY A 1 91  ? 4.892   1.772   -10.262 1.00 23.77 ? 97   GLY A N   1 
ATOM   641  C CA  . GLY A 1 91  ? 5.685   0.696   -9.714  1.00 23.20 ? 97   GLY A CA  1 
ATOM   642  C C   . GLY A 1 91  ? 6.821   1.282   -8.907  1.00 27.08 ? 97   GLY A C   1 
ATOM   643  O O   . GLY A 1 91  ? 7.025   2.500   -8.852  1.00 25.22 ? 97   GLY A O   1 
ATOM   644  N N   . MET A 1 92  ? 7.567   0.399   -8.264  1.00 27.12 ? 98   MET A N   1 
ATOM   645  C CA  . MET A 1 92  ? 8.646   0.814   -7.417  1.00 27.75 ? 98   MET A CA  1 
ATOM   646  C C   . MET A 1 92  ? 9.891   0.019   -7.810  1.00 29.39 ? 98   MET A C   1 
ATOM   647  O O   . MET A 1 92  ? 9.811   -1.193  -8.106  1.00 28.56 ? 98   MET A O   1 
ATOM   648  C CB  . MET A 1 92  ? 8.271   0.621   -5.934  1.00 26.64 ? 98   MET A CB  1 
ATOM   649  C CG  . MET A 1 92  ? 7.194   1.573   -5.443  1.00 23.16 ? 98   MET A CG  1 
ATOM   650  S SD  . MET A 1 92  ? 6.596   1.211   -3.794  1.00 24.27 ? 98   MET A SD  1 
ATOM   651  C CE  . MET A 1 92  ? 5.641   -0.287  -4.098  1.00 22.58 ? 98   MET A CE  1 
ATOM   652  N N   . THR A 1 93  ? 11.027  0.713   -7.856  1.00 29.85 ? 99   THR A N   1 
ATOM   653  C CA  . THR A 1 93  ? 12.313  0.052   -8.091  1.00 29.66 ? 99   THR A CA  1 
ATOM   654  C C   . THR A 1 93  ? 12.883  -0.559  -6.788  1.00 29.93 ? 99   THR A C   1 
ATOM   655  O O   . THR A 1 93  ? 12.356  -0.342  -5.678  1.00 29.81 ? 99   THR A O   1 
ATOM   656  C CB  . THR A 1 93  ? 13.359  1.028   -8.638  1.00 28.58 ? 99   THR A CB  1 
ATOM   657  O OG1 . THR A 1 93  ? 13.710  1.922   -7.584  1.00 28.98 ? 99   THR A OG1 1 
ATOM   658  C CG2 . THR A 1 93  ? 12.845  1.819   -9.878  1.00 26.36 ? 99   THR A CG2 1 
ATOM   659  N N   . LYS A 1 94  ? 13.976  -1.306  -6.932  1.00 30.05 ? 100  LYS A N   1 
ATOM   660  C CA  . LYS A 1 94  ? 14.712  -1.827  -5.787  1.00 31.38 ? 100  LYS A CA  1 
ATOM   661  C C   . LYS A 1 94  ? 15.127  -0.696  -4.859  1.00 32.05 ? 100  LYS A C   1 
ATOM   662  O O   . LYS A 1 94  ? 15.016  -0.790  -3.627  1.00 31.43 ? 100  LYS A O   1 
ATOM   663  C CB  . LYS A 1 94  ? 15.976  -2.563  -6.229  1.00 32.28 ? 100  LYS A CB  1 
ATOM   664  C CG  . LYS A 1 94  ? 16.195  -3.806  -5.396  1.00 37.78 ? 100  LYS A CG  1 
ATOM   665  C CD  . LYS A 1 94  ? 17.651  -4.199  -5.228  1.00 40.93 ? 100  LYS A CD  1 
ATOM   666  C CE  . LYS A 1 94  ? 17.687  -5.456  -4.369  1.00 43.71 ? 100  LYS A CE  1 
ATOM   667  N NZ  . LYS A 1 94  ? 19.009  -6.132  -4.361  1.00 41.82 ? 100  LYS A NZ  1 
ATOM   668  N N   . ALA A 1 95  ? 15.627  0.374   -5.469  1.00 31.55 ? 101  ALA A N   1 
ATOM   669  C CA  . ALA A 1 95  ? 16.124  1.496   -4.723  1.00 29.90 ? 101  ALA A CA  1 
ATOM   670  C C   . ALA A 1 95  ? 14.954  2.161   -3.989  1.00 28.13 ? 101  ALA A C   1 
ATOM   671  O O   . ALA A 1 95  ? 15.137  2.619   -2.876  1.00 30.11 ? 101  ALA A O   1 
ATOM   672  C CB  . ALA A 1 95  ? 16.911  2.463   -5.626  1.00 27.18 ? 101  ALA A CB  1 
ATOM   673  N N   . ASP A 1 96  ? 13.752  2.166   -4.568  1.00 27.06 ? 102  ASP A N   1 
ATOM   674  C CA  . ASP A 1 96  ? 12.588  2.705   -3.853  1.00 26.27 ? 102  ASP A CA  1 
ATOM   675  C C   . ASP A 1 96  ? 12.352  1.866   -2.601  1.00 28.03 ? 102  ASP A C   1 
ATOM   676  O O   . ASP A 1 96  ? 12.147  2.406   -1.504  1.00 28.88 ? 102  ASP A O   1 
ATOM   677  C CB  . ASP A 1 96  ? 11.300  2.665   -4.698  1.00 26.68 ? 102  ASP A CB  1 
ATOM   678  C CG  . ASP A 1 96  ? 11.265  3.704   -5.841  1.00 28.39 ? 102  ASP A CG  1 
ATOM   679  O OD1 . ASP A 1 96  ? 11.845  4.799   -5.707  1.00 28.76 ? 102  ASP A OD1 1 
ATOM   680  O OD2 . ASP A 1 96  ? 10.625  3.421   -6.890  1.00 26.93 ? 102  ASP A OD2 1 
ATOM   681  N N   . LEU A 1 97  ? 12.353  0.542   -2.782  1.00 27.14 ? 103  LEU A N   1 
ATOM   682  C CA  . LEU A 1 97  ? 11.985  -0.385  -1.735  1.00 26.67 ? 103  LEU A CA  1 
ATOM   683  C C   . LEU A 1 97  ? 12.949  -0.353  -0.545  1.00 28.79 ? 103  LEU A C   1 
ATOM   684  O O   . LEU A 1 97  ? 12.516  -0.469  0.612   1.00 27.98 ? 103  LEU A O   1 
ATOM   685  C CB  . LEU A 1 97  ? 11.870  -1.803  -2.308  1.00 26.41 ? 103  LEU A CB  1 
ATOM   686  C CG  . LEU A 1 97  ? 10.725  -2.118  -3.264  1.00 25.86 ? 103  LEU A CG  1 
ATOM   687  C CD1 . LEU A 1 97  ? 10.825  -3.592  -3.638  1.00 28.62 ? 103  LEU A CD1 1 
ATOM   688  C CD2 . LEU A 1 97  ? 9.364   -1.850  -2.618  1.00 26.18 ? 103  LEU A CD2 1 
ATOM   689  N N   . ILE A 1 98  ? 14.233  -0.151  -0.825  1.00 29.58 ? 104  ILE A N   1 
ATOM   690  C CA  . ILE A 1 98  ? 15.269  -0.175  0.209   1.00 32.64 ? 104  ILE A CA  1 
ATOM   691  C C   . ILE A 1 98  ? 15.748  1.185   0.701   1.00 36.46 ? 104  ILE A C   1 
ATOM   692  O O   . ILE A 1 98  ? 16.225  1.280   1.829   1.00 38.09 ? 104  ILE A O   1 
ATOM   693  C CB  . ILE A 1 98  ? 16.532  -0.934  -0.251  1.00 34.32 ? 104  ILE A CB  1 
ATOM   694  C CG1 . ILE A 1 98  ? 16.208  -2.388  -0.505  1.00 37.50 ? 104  ILE A CG1 1 
ATOM   695  C CG2 . ILE A 1 98  ? 17.589  -0.904  0.842   1.00 38.13 ? 104  ILE A CG2 1 
ATOM   696  C CD1 . ILE A 1 98  ? 16.252  -2.744  -1.968  1.00 41.01 ? 104  ILE A CD1 1 
ATOM   697  N N   . ASN A 1 99  ? 15.696  2.206   -0.157  1.00 35.26 ? 105  ASN A N   1 
ATOM   698  C CA  . ASN A 1 99  ? 16.196  3.531   0.178   1.00 35.86 ? 105  ASN A CA  1 
ATOM   699  C C   . ASN A 1 99  ? 15.115  4.612   0.152   1.00 33.76 ? 105  ASN A C   1 
ATOM   700  O O   . ASN A 1 99  ? 14.868  5.260   1.173   1.00 33.40 ? 105  ASN A O   1 
ATOM   701  C CB  . ASN A 1 99  ? 17.320  3.967   -0.783  1.00 43.00 ? 105  ASN A CB  1 
ATOM   702  C CG  . ASN A 1 99  ? 18.640  3.256   -0.532  1.00 51.19 ? 105  ASN A CG  1 
ATOM   703  O OD1 . ASN A 1 99  ? 19.157  2.553   -1.406  1.00 54.96 ? 105  ASN A OD1 1 
ATOM   704  N ND2 . ASN A 1 99  ? 19.208  3.460   0.654   1.00 55.23 ? 105  ASN A ND2 1 
ATOM   705  N N   . ASN A 1 100 ? 14.495  4.845   -1.012  1.00 28.25 ? 106  ASN A N   1 
ATOM   706  C CA  . ASN A 1 100 ? 13.709  6.083   -1.179  1.00 29.87 ? 106  ASN A CA  1 
ATOM   707  C C   . ASN A 1 100 ? 12.474  6.146   -0.324  1.00 29.17 ? 106  ASN A C   1 
ATOM   708  O O   . ASN A 1 100 ? 12.145  7.217   0.189   1.00 29.75 ? 106  ASN A O   1 
ATOM   709  C CB  . ASN A 1 100 ? 13.348  6.386   -2.650  1.00 28.35 ? 106  ASN A CB  1 
ATOM   710  C CG  . ASN A 1 100 ? 14.570  6.394   -3.546  1.00 30.60 ? 106  ASN A CG  1 
ATOM   711  O OD1 . ASN A 1 100 ? 15.641  6.837   -3.120  1.00 30.94 ? 106  ASN A OD1 1 
ATOM   712  N ND2 . ASN A 1 100 ? 14.433  5.867   -4.776  1.00 27.75 ? 106  ASN A ND2 1 
ATOM   713  N N   . LEU A 1 101 ? 11.791  5.007   -0.199  1.00 29.15 ? 107  LEU A N   1 
ATOM   714  C CA  . LEU A 1 101 ? 10.567  4.905   0.614   1.00 32.03 ? 107  LEU A CA  1 
ATOM   715  C C   . LEU A 1 101 ? 10.832  5.204   2.079   1.00 31.01 ? 107  LEU A C   1 
ATOM   716  O O   . LEU A 1 101 ? 10.019  5.857   2.709   1.00 26.70 ? 107  LEU A O   1 
ATOM   717  C CB  . LEU A 1 101 ? 9.938   3.510   0.489   1.00 31.29 ? 107  LEU A CB  1 
ATOM   718  C CG  . LEU A 1 101 ? 9.308   3.135   -0.856  1.00 32.35 ? 107  LEU A CG  1 
ATOM   719  C CD1 . LEU A 1 101 ? 8.897   1.663   -0.816  1.00 28.71 ? 107  LEU A CD1 1 
ATOM   720  C CD2 . LEU A 1 101 ? 8.146   4.082   -1.212  1.00 29.77 ? 107  LEU A CD2 1 
ATOM   721  N N   . GLY A 1 102 ? 11.966  4.696   2.593   1.00 32.34 ? 108  GLY A N   1 
ATOM   722  C CA  . GLY A 1 102 ? 12.483  5.017   3.934   1.00 32.36 ? 108  GLY A CA  1 
ATOM   723  C C   . GLY A 1 102 ? 12.772  6.506   4.126   1.00 32.05 ? 108  GLY A C   1 
ATOM   724  O O   . GLY A 1 102 ? 12.485  7.062   5.164   1.00 32.86 ? 108  GLY A O   1 
ATOM   725  N N   . THR A 1 103 ? 13.325  7.166   3.120   1.00 31.72 ? 109  THR A N   1 
ATOM   726  C CA  . THR A 1 103 ? 13.609  8.596   3.219   1.00 32.92 ? 109  THR A CA  1 
ATOM   727  C C   . THR A 1 103 ? 12.279  9.381   3.349   1.00 35.13 ? 109  THR A C   1 
ATOM   728  O O   . THR A 1 103 ? 12.104  10.161  4.288   1.00 31.74 ? 109  THR A O   1 
ATOM   729  C CB  . THR A 1 103 ? 14.399  9.042   1.988   1.00 31.46 ? 109  THR A CB  1 
ATOM   730  O OG1 . THR A 1 103 ? 15.559  8.219   1.858   1.00 25.22 ? 109  THR A OG1 1 
ATOM   731  C CG2 . THR A 1 103 ? 14.773  10.543  2.052   1.00 31.71 ? 109  THR A CG2 1 
ATOM   732  N N   . ILE A 1 104 ? 11.352  9.140   2.412   1.00 38.68 ? 110  ILE A N   1 
ATOM   733  C CA  . ILE A 1 104 ? 9.968   9.685   2.439   1.00 38.30 ? 110  ILE A CA  1 
ATOM   734  C C   . ILE A 1 104 ? 9.280   9.422   3.780   1.00 37.13 ? 110  ILE A C   1 
ATOM   735  O O   . ILE A 1 104 ? 8.703   10.319  4.379   1.00 41.12 ? 110  ILE A O   1 
ATOM   736  C CB  . ILE A 1 104 ? 9.113   9.053   1.306   1.00 40.71 ? 110  ILE A CB  1 
ATOM   737  C CG1 . ILE A 1 104 ? 9.625   9.504   -0.064  1.00 37.79 ? 110  ILE A CG1 1 
ATOM   738  C CG2 . ILE A 1 104 ? 7.609   9.349   1.484   1.00 41.28 ? 110  ILE A CG2 1 
ATOM   739  C CD1 . ILE A 1 104 ? 9.166   8.598   -1.200  1.00 39.54 ? 110  ILE A CD1 1 
ATOM   740  N N   . ALA A 1 105 ? 9.347   8.185   4.247   1.00 37.92 ? 111  ALA A N   1 
ATOM   741  C CA  . ALA A 1 105 ? 8.731   7.816   5.516   1.00 39.82 ? 111  ALA A CA  1 
ATOM   742  C C   . ALA A 1 105 ? 9.326   8.508   6.771   1.00 42.57 ? 111  ALA A C   1 
ATOM   743  O O   . ALA A 1 105 ? 8.591   8.722   7.751   1.00 48.14 ? 111  ALA A O   1 
ATOM   744  C CB  . ALA A 1 105 ? 8.711   6.308   5.684   1.00 37.56 ? 111  ALA A CB  1 
ATOM   745  N N   . LYS A 1 106 ? 10.618  8.851   6.746   1.00 37.41 ? 112  LYS A N   1 
ATOM   746  C CA  . LYS A 1 106 ? 11.285  9.511   7.887   1.00 40.12 ? 112  LYS A CA  1 
ATOM   747  C C   . LYS A 1 106 ? 10.694  10.906  8.214   1.00 37.26 ? 112  LYS A C   1 
ATOM   748  O O   . LYS A 1 106 ? 10.213  11.143  9.333   1.00 32.97 ? 112  LYS A O   1 
ATOM   749  C CB  . LYS A 1 106 ? 12.819  9.565   7.682   1.00 42.63 ? 112  LYS A CB  1 
ATOM   750  C CG  . LYS A 1 106 ? 13.651  9.934   8.921   1.00 43.54 ? 112  LYS A CG  1 
ATOM   751  C CD  . LYS A 1 106 ? 15.093  9.457   8.762   1.00 47.03 ? 112  LYS A CD  1 
ATOM   752  C CE  . LYS A 1 106 ? 16.128  10.442  9.299   1.00 49.77 ? 112  LYS A CE  1 
ATOM   753  N NZ  . LYS A 1 106 ? 16.465  10.282  10.741  1.00 42.76 ? 112  LYS A NZ  1 
ATOM   754  N N   . SER A 1 107 ? 10.692  11.811  7.239   1.00 35.69 ? 113  SER A N   1 
ATOM   755  C CA  . SER A 1 107 ? 10.144  13.150  7.464   1.00 35.23 ? 113  SER A CA  1 
ATOM   756  C C   . SER A 1 107 ? 8.629   13.142  7.642   1.00 34.59 ? 113  SER A C   1 
ATOM   757  O O   . SER A 1 107 ? 8.084   13.974  8.385   1.00 34.19 ? 113  SER A O   1 
ATOM   758  C CB  . SER A 1 107 ? 10.523  14.103  6.328   1.00 37.85 ? 113  SER A CB  1 
ATOM   759  O OG  . SER A 1 107 ? 10.742  13.356  5.144   1.00 45.59 ? 113  SER A OG  1 
ATOM   760  N N   . GLY A 1 108 ? 7.950   12.209  6.975   1.00 31.60 ? 114  GLY A N   1 
ATOM   761  C CA  . GLY A 1 108 ? 6.505   12.079  7.137   1.00 30.22 ? 114  GLY A CA  1 
ATOM   762  C C   . GLY A 1 108 ? 6.090   11.567  8.527   1.00 29.79 ? 114  GLY A C   1 
ATOM   763  O O   . GLY A 1 108 ? 5.086   12.019  9.094   1.00 27.26 ? 114  GLY A O   1 
ATOM   764  N N   . THR A 1 109 ? 6.850   10.615  9.066   1.00 30.99 ? 115  THR A N   1 
ATOM   765  C CA  . THR A 1 109 ? 6.588   10.099  10.406  1.00 31.66 ? 115  THR A CA  1 
ATOM   766  C C   . THR A 1 109 ? 6.722   11.180  11.473  1.00 31.62 ? 115  THR A C   1 
ATOM   767  O O   . THR A 1 109 ? 5.911   11.247  12.388  1.00 32.22 ? 115  THR A O   1 
ATOM   768  C CB  . THR A 1 109 ? 7.528   8.931   10.769  1.00 31.50 ? 115  THR A CB  1 
ATOM   769  O OG1 . THR A 1 109 ? 7.245   7.825   9.906   1.00 37.01 ? 115  THR A OG1 1 
ATOM   770  C CG2 . THR A 1 109 ? 7.323   8.479   12.234  1.00 28.65 ? 115  THR A CG2 1 
ATOM   771  N N   . LYS A 1 110 ? 7.747   12.006  11.349  1.00 34.03 ? 116  LYS A N   1 
ATOM   772  C CA  . LYS A 1 110 ? 8.062   13.012  12.344  1.00 38.18 ? 116  LYS A CA  1 
ATOM   773  C C   . LYS A 1 110 ? 6.907   13.992  12.441  1.00 39.05 ? 116  LYS A C   1 
ATOM   774  O O   . LYS A 1 110 ? 6.378   14.222  13.531  1.00 41.46 ? 116  LYS A O   1 
ATOM   775  C CB  . LYS A 1 110 ? 9.355   13.735  11.963  1.00 43.00 ? 116  LYS A CB  1 
ATOM   776  C CG  . LYS A 1 110 ? 9.861   14.705  13.026  1.00 52.35 ? 116  LYS A CG  1 
ATOM   777  C CD  . LYS A 1 110 ? 11.029  15.543  12.499  1.00 57.52 ? 116  LYS A CD  1 
ATOM   778  C CE  . LYS A 1 110 ? 10.969  16.986  12.998  1.00 59.13 ? 116  LYS A CE  1 
ATOM   779  N NZ  . LYS A 1 110 ? 10.848  17.080  14.484  1.00 61.55 ? 116  LYS A NZ  1 
ATOM   780  N N   . ALA A 1 111 ? 6.497   14.520  11.284  1.00 38.37 ? 117  ALA A N   1 
ATOM   781  C CA  . ALA A 1 111 ? 5.355   15.436  11.172  1.00 36.92 ? 117  ALA A CA  1 
ATOM   782  C C   . ALA A 1 111 ? 4.090   14.784  11.709  1.00 35.33 ? 117  ALA A C   1 
ATOM   783  O O   . ALA A 1 111 ? 3.304   15.430  12.410  1.00 36.93 ? 117  ALA A O   1 
ATOM   784  C CB  . ALA A 1 111 ? 5.165   15.863  9.711   1.00 34.50 ? 117  ALA A CB  1 
ATOM   785  N N   . PHE A 1 112 ? 3.888   13.500  11.408  1.00 32.02 ? 118  PHE A N   1 
ATOM   786  C CA  . PHE A 1 112 ? 2.645   12.834  11.857  1.00 30.47 ? 118  PHE A CA  1 
ATOM   787  C C   . PHE A 1 112 ? 2.633   12.739  13.387  1.00 34.40 ? 118  PHE A C   1 
ATOM   788  O O   . PHE A 1 112 ? 1.583   12.980  14.016  1.00 33.99 ? 118  PHE A O   1 
ATOM   789  C CB  . PHE A 1 112 ? 2.473   11.449  11.198  1.00 27.11 ? 118  PHE A CB  1 
ATOM   790  C CG  . PHE A 1 112 ? 1.198   10.705  11.584  1.00 26.29 ? 118  PHE A CG  1 
ATOM   791  C CD1 . PHE A 1 112 ? -0.055  11.315  11.527  1.00 23.87 ? 118  PHE A CD1 1 
ATOM   792  C CD2 . PHE A 1 112 ? 1.255   9.364   11.959  1.00 26.74 ? 118  PHE A CD2 1 
ATOM   793  C CE1 . PHE A 1 112 ? -1.220  10.608  11.865  1.00 23.47 ? 118  PHE A CE1 1 
ATOM   794  C CE2 . PHE A 1 112 ? 0.103   8.654   12.283  1.00 28.07 ? 118  PHE A CE2 1 
ATOM   795  C CZ  . PHE A 1 112 ? -1.146  9.284   12.239  1.00 25.17 ? 118  PHE A CZ  1 
ATOM   796  N N   . MET A 1 113 ? 3.800   12.399  13.963  1.00 35.96 ? 119  MET A N   1 
ATOM   797  C CA  . MET A 1 113 ? 3.993   12.285  15.413  1.00 41.60 ? 119  MET A CA  1 
ATOM   798  C C   . MET A 1 113 ? 3.653   13.582  16.125  1.00 43.35 ? 119  MET A C   1 
ATOM   799  O O   . MET A 1 113 ? 2.917   13.570  17.100  1.00 46.71 ? 119  MET A O   1 
ATOM   800  C CB  . MET A 1 113 ? 5.434   11.893  15.769  1.00 44.09 ? 119  MET A CB  1 
ATOM   801  C CG  . MET A 1 113 ? 5.821   10.455  15.466  1.00 44.87 ? 119  MET A CG  1 
ATOM   802  S SD  . MET A 1 113 ? 4.478   9.295   15.790  1.00 51.63 ? 119  MET A SD  1 
ATOM   803  C CE  . MET A 1 113 ? 5.454   7.771   15.807  1.00 47.60 ? 119  MET A CE  1 
ATOM   804  N N   . GLU A 1 114 ? 4.190   14.689  15.619  1.00 50.46 ? 120  GLU A N   1 
ATOM   805  C CA  . GLU A 1 114 ? 3.972   16.018  16.201  1.00 60.53 ? 120  GLU A CA  1 
ATOM   806  C C   . GLU A 1 114 ? 2.485   16.402  16.246  1.00 61.53 ? 120  GLU A C   1 
ATOM   807  O O   . GLU A 1 114 ? 1.996   16.896  17.267  1.00 60.65 ? 120  GLU A O   1 
ATOM   808  C CB  . GLU A 1 114 ? 4.773   17.066  15.428  1.00 63.03 ? 120  GLU A CB  1 
ATOM   809  C CG  . GLU A 1 114 ? 6.265   17.036  15.712  1.00 69.16 ? 120  GLU A CG  1 
ATOM   810  C CD  . GLU A 1 114 ? 7.034   18.041  14.870  1.00 78.04 ? 120  GLU A CD  1 
ATOM   811  O OE1 . GLU A 1 114 ? 6.396   18.969  14.309  1.00 77.79 ? 120  GLU A OE1 1 
ATOM   812  O OE2 . GLU A 1 114 ? 8.276   17.901  14.772  1.00 76.67 ? 120  GLU A OE2 1 
ATOM   813  N N   . ALA A 1 115 ? 1.781   16.156  15.139  1.00 60.67 ? 121  ALA A N   1 
ATOM   814  C CA  . ALA A 1 115 ? 0.334   16.353  15.082  1.00 59.81 ? 121  ALA A CA  1 
ATOM   815  C C   . ALA A 1 115 ? -0.419  15.433  16.052  1.00 57.79 ? 121  ALA A C   1 
ATOM   816  O O   . ALA A 1 115 ? -1.317  15.884  16.758  1.00 59.26 ? 121  ALA A O   1 
ATOM   817  C CB  . ALA A 1 115 ? -0.177  16.191  13.653  1.00 54.67 ? 121  ALA A CB  1 
ATOM   818  N N   . LEU A 1 116 ? -0.039  14.156  16.107  1.00 59.40 ? 122  LEU A N   1 
ATOM   819  C CA  . LEU A 1 116 ? -0.733  13.169  16.951  1.00 62.20 ? 122  LEU A CA  1 
ATOM   820  C C   . LEU A 1 116 ? -0.755  13.493  18.441  1.00 68.13 ? 122  LEU A C   1 
ATOM   821  O O   . LEU A 1 116 ? -1.759  13.240  19.114  1.00 69.45 ? 122  LEU A O   1 
ATOM   822  C CB  . LEU A 1 116 ? -0.141  11.780  16.774  1.00 58.39 ? 122  LEU A CB  1 
ATOM   823  C CG  . LEU A 1 116 ? -0.816  10.794  15.830  1.00 57.20 ? 122  LEU A CG  1 
ATOM   824  C CD1 . LEU A 1 116 ? 0.030   9.530   15.826  1.00 52.34 ? 122  LEU A CD1 1 
ATOM   825  C CD2 . LEU A 1 116 ? -2.254  10.479  16.230  1.00 57.34 ? 122  LEU A CD2 1 
ATOM   826  N N   . GLN A 1 117 ? 0.365   14.012  18.949  1.00 72.70 ? 123  GLN A N   1 
ATOM   827  C CA  . GLN A 1 117 ? 0.495   14.436  20.347  1.00 73.40 ? 123  GLN A CA  1 
ATOM   828  C C   . GLN A 1 117 ? -0.152  15.804  20.582  1.00 70.29 ? 123  GLN A C   1 
ATOM   829  O O   . GLN A 1 117 ? -0.366  16.208  21.721  1.00 67.25 ? 123  GLN A O   1 
ATOM   830  C CB  . GLN A 1 117 ? 1.973   14.457  20.777  1.00 77.32 ? 123  GLN A CB  1 
ATOM   831  C CG  . GLN A 1 117 ? 2.467   13.141  21.373  1.00 80.44 ? 123  GLN A CG  1 
ATOM   832  C CD  . GLN A 1 117 ? 1.962   12.901  22.793  1.00 84.96 ? 123  GLN A CD  1 
ATOM   833  O OE1 . GLN A 1 117 ? 2.070   13.769  23.667  1.00 86.98 ? 123  GLN A OE1 1 
ATOM   834  N NE2 . GLN A 1 117 ? 1.410   11.718  23.029  1.00 84.11 ? 123  GLN A NE2 1 
ATOM   835  N N   . ALA A 1 118 ? -0.468  16.503  19.496  1.00 66.52 ? 124  ALA A N   1 
ATOM   836  C CA  . ALA A 1 118 ? -1.094  17.811  19.590  1.00 63.90 ? 124  ALA A CA  1 
ATOM   837  C C   . ALA A 1 118 ? -2.540  17.827  19.043  1.00 63.49 ? 124  ALA A C   1 
ATOM   838  O O   . ALA A 1 118 ? -2.942  18.773  18.354  1.00 68.78 ? 124  ALA A O   1 
ATOM   839  C CB  . ALA A 1 118 ? -0.219  18.847  18.899  1.00 58.38 ? 124  ALA A CB  1 
ATOM   840  N N   . GLY A 1 119 ? -3.313  16.778  19.332  1.00 58.08 ? 125  GLY A N   1 
ATOM   841  C CA  . GLY A 1 119 ? -4.724  16.751  18.938  1.00 56.58 ? 125  GLY A CA  1 
ATOM   842  C C   . GLY A 1 119 ? -5.227  15.880  17.782  1.00 59.26 ? 125  GLY A C   1 
ATOM   843  O O   . GLY A 1 119 ? -6.390  15.463  17.810  1.00 57.24 ? 125  GLY A O   1 
ATOM   844  N N   . ALA A 1 120 ? -4.395  15.608  16.763  1.00 55.72 ? 126  ALA A N   1 
ATOM   845  C CA  . ALA A 1 120 ? -4.840  14.802  15.584  1.00 51.99 ? 126  ALA A CA  1 
ATOM   846  C C   . ALA A 1 120 ? -5.047  13.308  15.882  1.00 49.13 ? 126  ALA A C   1 
ATOM   847  O O   . ALA A 1 120 ? -4.753  12.831  16.994  1.00 50.64 ? 126  ALA A O   1 
ATOM   848  C CB  . ALA A 1 120 ? -3.918  14.993  14.379  1.00 46.74 ? 126  ALA A CB  1 
ATOM   849  N N   . ASP A 1 121 ? -5.581  12.577  14.904  1.00 43.45 ? 127  ASP A N   1 
ATOM   850  C CA  . ASP A 1 121 ? -5.772  11.141  15.071  1.00 45.64 ? 127  ASP A CA  1 
ATOM   851  C C   . ASP A 1 121 ? -5.257  10.335  13.868  1.00 39.97 ? 127  ASP A C   1 
ATOM   852  O O   . ASP A 1 121 ? -4.854  10.907  12.871  1.00 34.55 ? 127  ASP A O   1 
ATOM   853  C CB  . ASP A 1 121 ? -7.232  10.803  15.414  1.00 47.76 ? 127  ASP A CB  1 
ATOM   854  C CG  . ASP A 1 121 ? -8.179  11.019  14.248  1.00 52.67 ? 127  ASP A CG  1 
ATOM   855  O OD1 . ASP A 1 121 ? -8.067  12.055  13.544  1.00 48.13 ? 127  ASP A OD1 1 
ATOM   856  O OD2 . ASP A 1 121 ? -9.035  10.134  14.048  1.00 57.47 ? 127  ASP A OD2 1 
ATOM   857  N N   . ILE A 1 122 ? -5.291  9.006   14.009  1.00 39.05 ? 128  ILE A N   1 
ATOM   858  C CA  . ILE A 1 122 ? -4.738  8.053   13.046  1.00 36.50 ? 128  ILE A CA  1 
ATOM   859  C C   . ILE A 1 122 ? -5.355  8.184   11.636  1.00 37.12 ? 128  ILE A C   1 
ATOM   860  O O   . ILE A 1 122 ? -4.660  7.945   10.646  1.00 38.08 ? 128  ILE A O   1 
ATOM   861  C CB  . ILE A 1 122 ? -4.751  6.608   13.654  1.00 36.05 ? 128  ILE A CB  1 
ATOM   862  C CG1 . ILE A 1 122 ? -3.537  6.401   14.564  1.00 35.00 ? 128  ILE A CG1 1 
ATOM   863  C CG2 . ILE A 1 122 ? -4.703  5.494   12.614  1.00 34.32 ? 128  ILE A CG2 1 
ATOM   864  C CD1 . ILE A 1 122 ? -3.781  5.404   15.691  1.00 38.65 ? 128  ILE A CD1 1 
ATOM   865  N N   . SER A 1 123 ? -6.620  8.624   11.537  1.00 34.89 ? 129  SER A N   1 
ATOM   866  C CA  . SER A 1 123 ? -7.290  8.850   10.226  1.00 33.57 ? 129  SER A CA  1 
ATOM   867  C C   . SER A 1 123 ? -6.625  9.935   9.349   1.00 33.23 ? 129  SER A C   1 
ATOM   868  O O   . SER A 1 123 ? -6.868  10.024  8.148   1.00 34.12 ? 129  SER A O   1 
ATOM   869  C CB  . SER A 1 123 ? -8.774  9.181   10.419  1.00 32.28 ? 129  SER A CB  1 
ATOM   870  O OG  . SER A 1 123 ? -8.922  10.494  10.940  1.00 29.34 ? 129  SER A OG  1 
ATOM   871  N N   . MET A 1 124 ? -5.767  10.753  9.935   1.00 33.42 ? 130  MET A N   1 
ATOM   872  C CA  . MET A 1 124 ? -5.088  11.794  9.143   1.00 32.71 ? 130  MET A CA  1 
ATOM   873  C C   . MET A 1 124 ? -3.710  11.369  8.609   1.00 31.22 ? 130  MET A C   1 
ATOM   874  O O   . MET A 1 124 ? -2.996  12.176  8.009   1.00 30.24 ? 130  MET A O   1 
ATOM   875  C CB  . MET A 1 124 ? -5.012  13.072  9.976   1.00 37.12 ? 130  MET A CB  1 
ATOM   876  C CG  . MET A 1 124 ? -6.386  13.525  10.483  1.00 42.05 ? 130  MET A CG  1 
ATOM   877  S SD  . MET A 1 124 ? -6.365  14.788  11.782  1.00 47.02 ? 130  MET A SD  1 
ATOM   878  C CE  . MET A 1 124 ? -5.461  16.019  10.851  1.00 39.73 ? 130  MET A CE  1 
ATOM   879  N N   . ILE A 1 125 ? -3.355  10.090  8.798   1.00 27.48 ? 131  ILE A N   1 
ATOM   880  C CA  . ILE A 1 125 ? -2.034  9.561   8.406   1.00 26.72 ? 131  ILE A CA  1 
ATOM   881  C C   . ILE A 1 125 ? -1.593  9.842   6.950   1.00 26.63 ? 131  ILE A C   1 
ATOM   882  O O   . ILE A 1 125 ? -0.409  10.162  6.694   1.00 26.46 ? 131  ILE A O   1 
ATOM   883  C CB  . ILE A 1 125 ? -1.887  8.053   8.780   1.00 24.81 ? 131  ILE A CB  1 
ATOM   884  C CG1 . ILE A 1 125 ? -0.457  7.569   8.545   1.00 25.12 ? 131  ILE A CG1 1 
ATOM   885  C CG2 . ILE A 1 125 ? -2.891  7.171   8.019   1.00 24.13 ? 131  ILE A CG2 1 
ATOM   886  C CD1 . ILE A 1 125 ? -0.148  6.247   9.250   1.00 27.17 ? 131  ILE A CD1 1 
ATOM   887  N N   . GLY A 1 126 ? -2.533  9.754   6.008   1.00 27.16 ? 132  GLY A N   1 
ATOM   888  C CA  . GLY A 1 126 ? -2.252  10.044  4.575   1.00 26.21 ? 132  GLY A CA  1 
ATOM   889  C C   . GLY A 1 126 ? -1.852  11.472  4.233   1.00 28.23 ? 132  GLY A C   1 
ATOM   890  O O   . GLY A 1 126 ? -1.160  11.741  3.238   1.00 28.69 ? 132  GLY A O   1 
ATOM   891  N N   . GLN A 1 127 ? -2.230  12.410  5.087   1.00 32.64 ? 133  GLN A N   1 
ATOM   892  C CA  . GLN A 1 127 ? -1.792  13.779  4.879   1.00 33.88 ? 133  GLN A CA  1 
ATOM   893  C C   . GLN A 1 127 ? -0.311  13.928  5.168   1.00 34.76 ? 133  GLN A C   1 
ATOM   894  O O   . GLN A 1 127 ? 0.289   14.957  4.851   1.00 33.28 ? 133  GLN A O   1 
ATOM   895  C CB  . GLN A 1 127 ? -2.560  14.698  5.784   1.00 37.33 ? 133  GLN A CB  1 
ATOM   896  C CG  . GLN A 1 127 ? -4.063  14.598  5.625   1.00 36.58 ? 133  GLN A CG  1 
ATOM   897  C CD  . GLN A 1 127 ? -4.709  15.744  6.362   1.00 40.15 ? 133  GLN A CD  1 
ATOM   898  O OE1 . GLN A 1 127 ? -4.180  16.871  6.349   1.00 41.66 ? 133  GLN A OE1 1 
ATOM   899  N NE2 . GLN A 1 127 ? -5.825  15.474  7.029   1.00 37.61 ? 133  GLN A NE2 1 
ATOM   900  N N   . PHE A 1 128 ? 0.292   12.902  5.769   1.00 31.52 ? 134  PHE A N   1 
ATOM   901  C CA  . PHE A 1 128 ? 1.702   13.015  6.092   1.00 30.36 ? 134  PHE A CA  1 
ATOM   902  C C   . PHE A 1 128 ? 2.573   12.111  5.216   1.00 28.45 ? 134  PHE A C   1 
ATOM   903  O O   . PHE A 1 128 ? 3.748   11.965  5.480   1.00 27.91 ? 134  PHE A O   1 
ATOM   904  C CB  . PHE A 1 128 ? 1.919   12.782  7.599   1.00 32.97 ? 134  PHE A CB  1 
ATOM   905  C CG  . PHE A 1 128 ? 1.099   13.700  8.473   1.00 30.44 ? 134  PHE A CG  1 
ATOM   906  C CD1 . PHE A 1 128 ? -0.223  13.409  8.756   1.00 30.53 ? 134  PHE A CD1 1 
ATOM   907  C CD2 . PHE A 1 128 ? 1.649   14.870  8.980   1.00 33.01 ? 134  PHE A CD2 1 
ATOM   908  C CE1 . PHE A 1 128 ? -0.995  14.257  9.541   1.00 33.64 ? 134  PHE A CE1 1 
ATOM   909  C CE2 . PHE A 1 128 ? 0.894   15.725  9.773   1.00 33.55 ? 134  PHE A CE2 1 
ATOM   910  C CZ  . PHE A 1 128 ? -0.432  15.425  10.048  1.00 33.36 ? 134  PHE A CZ  1 
ATOM   911  N N   . GLY A 1 129 ? 1.981   11.488  4.196   1.00 29.05 ? 135  GLY A N   1 
ATOM   912  C CA  . GLY A 1 129 ? 2.750   10.696  3.223   1.00 28.01 ? 135  GLY A CA  1 
ATOM   913  C C   . GLY A 1 129 ? 3.215   9.344   3.740   1.00 28.41 ? 135  GLY A C   1 
ATOM   914  O O   . GLY A 1 129 ? 4.157   8.755   3.204   1.00 27.33 ? 135  GLY A O   1 
ATOM   915  N N   . VAL A 1 130 ? 2.575   8.854   4.801   1.00 28.90 ? 136  VAL A N   1 
ATOM   916  C CA  . VAL A 1 130 ? 2.894   7.505   5.330   1.00 25.62 ? 136  VAL A CA  1 
ATOM   917  C C   . VAL A 1 130 ? 1.646   6.629   5.490   1.00 25.07 ? 136  VAL A C   1 
ATOM   918  O O   . VAL A 1 130 ? 1.627   5.717   6.337   1.00 24.62 ? 136  VAL A O   1 
ATOM   919  C CB  . VAL A 1 130 ? 3.743   7.554   6.619   1.00 25.37 ? 136  VAL A CB  1 
ATOM   920  C CG1 . VAL A 1 130 ? 5.151   8.002   6.279   1.00 26.78 ? 136  VAL A CG1 1 
ATOM   921  C CG2 . VAL A 1 130 ? 3.155   8.505   7.657   1.00 24.96 ? 136  VAL A CG2 1 
ATOM   922  N N   . GLY A 1 131 ? 0.612   6.914   4.682   1.00 20.95 ? 137  GLY A N   1 
ATOM   923  C CA  . GLY A 1 131 ? -0.628  6.123   4.709   1.00 19.92 ? 137  GLY A CA  1 
ATOM   924  C C   . GLY A 1 131 ? -0.476  4.620   4.477   1.00 19.22 ? 137  GLY A C   1 
ATOM   925  O O   . GLY A 1 131 ? -1.242  3.831   5.033   1.00 18.26 ? 137  GLY A O   1 
ATOM   926  N N   . PHE A 1 132 ? 0.508   4.205   3.672   1.00 19.22 ? 138  PHE A N   1 
ATOM   927  C CA  . PHE A 1 132 ? 0.772   2.756   3.491   1.00 18.88 ? 138  PHE A CA  1 
ATOM   928  C C   . PHE A 1 132 ? 0.773   1.997   4.810   1.00 19.40 ? 138  PHE A C   1 
ATOM   929  O O   . PHE A 1 132 ? 0.149   0.942   4.910   1.00 19.70 ? 138  PHE A O   1 
ATOM   930  C CB  . PHE A 1 132 ? 2.112   2.504   2.748   1.00 18.12 ? 138  PHE A CB  1 
ATOM   931  C CG  . PHE A 1 132 ? 2.558   1.067   2.786   1.00 17.51 ? 138  PHE A CG  1 
ATOM   932  C CD1 . PHE A 1 132 ? 2.044   0.139   1.898   1.00 17.85 ? 138  PHE A CD1 1 
ATOM   933  C CD2 . PHE A 1 132 ? 3.484   0.636   3.725   1.00 17.49 ? 138  PHE A CD2 1 
ATOM   934  C CE1 . PHE A 1 132 ? 2.449   -1.202  1.947   1.00 17.49 ? 138  PHE A CE1 1 
ATOM   935  C CE2 . PHE A 1 132 ? 3.901   -0.694  3.773   1.00 17.97 ? 138  PHE A CE2 1 
ATOM   936  C CZ  . PHE A 1 132 ? 3.372   -1.626  2.897   1.00 17.11 ? 138  PHE A CZ  1 
ATOM   937  N N   . TYR A 1 133 ? 1.446   2.530   5.844   1.00 20.56 ? 139  TYR A N   1 
ATOM   938  C CA  . TYR A 1 133 ? 1.618   1.776   7.126   1.00 19.27 ? 139  TYR A CA  1 
ATOM   939  C C   . TYR A 1 133 ? 0.310   1.598   7.878   1.00 20.25 ? 139  TYR A C   1 
ATOM   940  O O   . TYR A 1 133 ? 0.205   0.759   8.796   1.00 21.40 ? 139  TYR A O   1 
ATOM   941  C CB  . TYR A 1 133 ? 2.713   2.405   8.000   1.00 19.57 ? 139  TYR A CB  1 
ATOM   942  C CG  . TYR A 1 133 ? 3.998   2.519   7.206   1.00 20.39 ? 139  TYR A CG  1 
ATOM   943  C CD1 . TYR A 1 133 ? 4.907   1.422   7.115   1.00 21.49 ? 139  TYR A CD1 1 
ATOM   944  C CD2 . TYR A 1 133 ? 4.278   3.669   6.475   1.00 18.45 ? 139  TYR A CD2 1 
ATOM   945  C CE1 . TYR A 1 133 ? 6.070   1.505   6.324   1.00 20.85 ? 139  TYR A CE1 1 
ATOM   946  C CE2 . TYR A 1 133 ? 5.438   3.767   5.707   1.00 19.63 ? 139  TYR A CE2 1 
ATOM   947  C CZ  . TYR A 1 133 ? 6.305   2.690   5.612   1.00 20.91 ? 139  TYR A CZ  1 
ATOM   948  O OH  . TYR A 1 133 ? 7.424   2.826   4.832   1.00 23.32 ? 139  TYR A OH  1 
ATOM   949  N N   . SER A 1 134 ? -0.725  2.322   7.465   1.00 20.61 ? 140  SER A N   1 
ATOM   950  C CA  . SER A 1 134 ? -2.061  2.072   8.067   1.00 21.03 ? 140  SER A CA  1 
ATOM   951  C C   . SER A 1 134 ? -2.549  0.647   7.748   1.00 20.01 ? 140  SER A C   1 
ATOM   952  O O   . SER A 1 134 ? -3.497  0.145   8.383   1.00 21.97 ? 140  SER A O   1 
ATOM   953  C CB  . SER A 1 134 ? -3.074  3.117   7.614   1.00 21.47 ? 140  SER A CB  1 
ATOM   954  O OG  . SER A 1 134 ? -3.354  2.952   6.236   1.00 23.40 ? 140  SER A OG  1 
ATOM   955  N N   . ALA A 1 135 ? -1.886  -0.024  6.800   1.00 19.57 ? 141  ALA A N   1 
ATOM   956  C CA  . ALA A 1 135 ? -2.260  -1.413  6.448   1.00 19.77 ? 141  ALA A CA  1 
ATOM   957  C C   . ALA A 1 135 ? -2.137  -2.282  7.674   1.00 19.85 ? 141  ALA A C   1 
ATOM   958  O O   . ALA A 1 135 ? -2.838  -3.281  7.799   1.00 20.58 ? 141  ALA A O   1 
ATOM   959  C CB  . ALA A 1 135 ? -1.372  -1.969  5.341   1.00 19.27 ? 141  ALA A CB  1 
ATOM   960  N N   . TYR A 1 136 ? -1.232  -1.892  8.575   1.00 19.65 ? 142  TYR A N   1 
ATOM   961  C CA  . TYR A 1 136 ? -0.971  -2.685  9.793   1.00 19.33 ? 142  TYR A CA  1 
ATOM   962  C C   . TYR A 1 136 ? -2.050  -2.597  10.881  1.00 20.35 ? 142  TYR A C   1 
ATOM   963  O O   . TYR A 1 136 ? -1.963  -3.337  11.856  1.00 20.22 ? 142  TYR A O   1 
ATOM   964  C CB  . TYR A 1 136 ? 0.444   -2.424  10.348  1.00 18.92 ? 142  TYR A CB  1 
ATOM   965  C CG  . TYR A 1 136 ? 1.476   -3.047  9.434   1.00 18.33 ? 142  TYR A CG  1 
ATOM   966  C CD1 . TYR A 1 136 ? 1.814   -4.393  9.553   1.00 18.11 ? 142  TYR A CD1 1 
ATOM   967  C CD2 . TYR A 1 136 ? 2.027   -2.320  8.384   1.00 18.88 ? 142  TYR A CD2 1 
ATOM   968  C CE1 . TYR A 1 136 ? 2.730   -4.987  8.674   1.00 18.57 ? 142  TYR A CE1 1 
ATOM   969  C CE2 . TYR A 1 136 ? 2.942   -2.902  7.495   1.00 18.77 ? 142  TYR A CE2 1 
ATOM   970  C CZ  . TYR A 1 136 ? 3.286   -4.237  7.646   1.00 18.99 ? 142  TYR A CZ  1 
ATOM   971  O OH  . TYR A 1 136 ? 4.191   -4.817  6.764   1.00 18.79 ? 142  TYR A OH  1 
ATOM   972  N N   . LEU A 1 137 ? -3.070  -1.744  10.676  1.00 19.29 ? 143  LEU A N   1 
ATOM   973  C CA  . LEU A 1 137 ? -4.302  -1.777  11.470  1.00 19.99 ? 143  LEU A CA  1 
ATOM   974  C C   . LEU A 1 137 ? -5.063  -3.078  11.254  1.00 21.40 ? 143  LEU A C   1 
ATOM   975  O O   . LEU A 1 137 ? -5.696  -3.575  12.187  1.00 22.97 ? 143  LEU A O   1 
ATOM   976  C CB  . LEU A 1 137 ? -5.236  -0.620  11.081  1.00 19.92 ? 143  LEU A CB  1 
ATOM   977  C CG  . LEU A 1 137 ? -4.651  0.769   11.318  1.00 19.88 ? 143  LEU A CG  1 
ATOM   978  C CD1 . LEU A 1 137 ? -5.461  1.807   10.591  1.00 19.42 ? 143  LEU A CD1 1 
ATOM   979  C CD2 . LEU A 1 137 ? -4.605  1.014   12.819  1.00 20.18 ? 143  LEU A CD2 1 
ATOM   980  N N   . VAL A 1 138 ? -5.020  -3.623  10.034  1.00 20.91 ? 144  VAL A N   1 
ATOM   981  C CA  . VAL A 1 138 ? -5.778  -4.836  9.740   1.00 21.92 ? 144  VAL A CA  1 
ATOM   982  C C   . VAL A 1 138 ? -4.965  -6.055  9.352   1.00 22.75 ? 144  VAL A C   1 
ATOM   983  O O   . VAL A 1 138 ? -5.506  -7.168  9.395   1.00 23.02 ? 144  VAL A O   1 
ATOM   984  C CB  . VAL A 1 138 ? -6.891  -4.584  8.669   1.00 21.94 ? 144  VAL A CB  1 
ATOM   985  C CG1 . VAL A 1 138 ? -7.801  -3.421  9.136   1.00 20.37 ? 144  VAL A CG1 1 
ATOM   986  C CG2 . VAL A 1 138 ? -6.279  -4.310  7.294   1.00 19.28 ? 144  VAL A CG2 1 
ATOM   987  N N   . ALA A 1 139 ? -3.682  -5.869  9.005   1.00 22.24 ? 145  ALA A N   1 
ATOM   988  C CA  . ALA A 1 139 ? -2.871  -6.981  8.490   1.00 23.18 ? 145  ALA A CA  1 
ATOM   989  C C   . ALA A 1 139 ? -1.788  -7.426  9.470   1.00 25.67 ? 145  ALA A C   1 
ATOM   990  O O   . ALA A 1 139 ? -1.073  -6.597  10.046  1.00 26.35 ? 145  ALA A O   1 
ATOM   991  C CB  . ALA A 1 139 ? -2.235  -6.585  7.160   1.00 22.59 ? 145  ALA A CB  1 
ATOM   992  N N   . GLU A 1 140 ? -1.620  -8.725  9.645   1.00 27.13 ? 146  GLU A N   1 
ATOM   993  C CA  . GLU A 1 140 ? -0.476  -9.215  10.432  1.00 29.56 ? 146  GLU A CA  1 
ATOM   994  C C   . GLU A 1 140 ? 0.852   -9.242  9.604   1.00 28.28 ? 146  GLU A C   1 
ATOM   995  O O   . GLU A 1 140 ? 1.940   -9.265  10.185  1.00 29.01 ? 146  GLU A O   1 
ATOM   996  C CB  . GLU A 1 140 ? -0.775  -10.594 11.045  1.00 31.21 ? 146  GLU A CB  1 
ATOM   997  C CG  . GLU A 1 140 ? -0.965  -11.672 9.993   1.00 38.20 ? 146  GLU A CG  1 
ATOM   998  C CD  . GLU A 1 140 ? -1.638  -12.939 10.522  1.00 48.44 ? 146  GLU A CD  1 
ATOM   999  O OE1 . GLU A 1 140 ? -1.845  -13.099 11.769  1.00 49.39 ? 146  GLU A OE1 1 
ATOM   1000 O OE2 . GLU A 1 140 ? -1.966  -13.792 9.661   1.00 47.57 ? 146  GLU A OE2 1 
ATOM   1001 N N   . LYS A 1 141 ? 0.730   -9.260  8.273   1.00 24.78 ? 147  LYS A N   1 
ATOM   1002 C CA  . LYS A 1 141 ? 1.848   -9.350  7.323   1.00 23.64 ? 147  LYS A CA  1 
ATOM   1003 C C   . LYS A 1 141 ? 1.393   -8.642  6.051   1.00 22.44 ? 147  LYS A C   1 
ATOM   1004 O O   . LYS A 1 141 ? 0.253   -8.790  5.655   1.00 23.12 ? 147  LYS A O   1 
ATOM   1005 C CB  . LYS A 1 141 ? 2.220   -10.836 6.993   1.00 24.35 ? 147  LYS A CB  1 
ATOM   1006 C CG  . LYS A 1 141 ? 3.428   -10.994 6.054   1.00 26.52 ? 147  LYS A CG  1 
ATOM   1007 C CD  . LYS A 1 141 ? 3.998   -12.415 5.901   1.00 26.18 ? 147  LYS A CD  1 
ATOM   1008 C CE  . LYS A 1 141 ? 2.954   -13.410 5.376   1.00 31.07 ? 147  LYS A CE  1 
ATOM   1009 N NZ  . LYS A 1 141 ? 3.427   -14.845 5.259   1.00 31.04 ? 147  LYS A NZ  1 
ATOM   1010 N N   . VAL A 1 142 ? 2.276   -7.885  5.406   1.00 21.12 ? 148  VAL A N   1 
ATOM   1011 C CA  . VAL A 1 142 ? 1.957   -7.298  4.122   1.00 18.74 ? 148  VAL A CA  1 
ATOM   1012 C C   . VAL A 1 142 ? 3.047   -7.716  3.153   1.00 19.83 ? 148  VAL A C   1 
ATOM   1013 O O   . VAL A 1 142 ? 4.235   -7.580  3.455   1.00 19.41 ? 148  VAL A O   1 
ATOM   1014 C CB  . VAL A 1 142 ? 1.860   -5.752  4.208   1.00 19.37 ? 148  VAL A CB  1 
ATOM   1015 C CG1 . VAL A 1 142 ? 1.553   -5.161  2.831   1.00 17.47 ? 148  VAL A CG1 1 
ATOM   1016 C CG2 . VAL A 1 142 ? 0.804   -5.329  5.270   1.00 18.72 ? 148  VAL A CG2 1 
ATOM   1017 N N   . THR A 1 143 ? 2.627   -8.225  2.006   1.00 18.00 ? 149  THR A N   1 
ATOM   1018 C CA  . THR A 1 143 ? 3.486   -8.568  0.911   1.00 20.62 ? 149  THR A CA  1 
ATOM   1019 C C   . THR A 1 143 ? 3.187   -7.562  -0.211  1.00 20.78 ? 149  THR A C   1 
ATOM   1020 O O   . THR A 1 143 ? 2.042   -7.417  -0.601  1.00 18.37 ? 149  THR A O   1 
ATOM   1021 C CB  . THR A 1 143 ? 3.170   -10.008 0.395   1.00 21.30 ? 149  THR A CB  1 
ATOM   1022 O OG1 . THR A 1 143 ? 3.152   -10.884 1.510   1.00 22.44 ? 149  THR A OG1 1 
ATOM   1023 C CG2 . THR A 1 143 ? 4.244   -10.528 -0.580  1.00 22.86 ? 149  THR A CG2 1 
ATOM   1024 N N   . VAL A 1 144 ? 4.212   -6.908  -0.750  1.00 19.86 ? 150  VAL A N   1 
ATOM   1025 C CA  . VAL A 1 144 ? 3.998   -5.983  -1.853  1.00 20.11 ? 150  VAL A CA  1 
ATOM   1026 C C   . VAL A 1 144 ? 4.813   -6.509  -3.044  1.00 21.23 ? 150  VAL A C   1 
ATOM   1027 O O   . VAL A 1 144 ? 6.046   -6.709  -2.919  1.00 19.30 ? 150  VAL A O   1 
ATOM   1028 C CB  . VAL A 1 144 ? 4.460   -4.542  -1.486  1.00 20.60 ? 150  VAL A CB  1 
ATOM   1029 C CG1 . VAL A 1 144 ? 4.278   -3.598  -2.660  1.00 18.34 ? 150  VAL A CG1 1 
ATOM   1030 C CG2 . VAL A 1 144 ? 3.752   -4.027  -0.229  1.00 18.56 ? 150  VAL A CG2 1 
ATOM   1031 N N   . ILE A 1 145 ? 4.112   -6.769  -4.155  1.00 20.58 ? 151  ILE A N   1 
ATOM   1032 C CA  . ILE A 1 145 ? 4.718   -7.209  -5.415  1.00 20.91 ? 151  ILE A CA  1 
ATOM   1033 C C   . ILE A 1 145 ? 4.689   -5.993  -6.318  1.00 20.19 ? 151  ILE A C   1 
ATOM   1034 O O   . ILE A 1 145 ? 3.640   -5.375  -6.514  1.00 19.57 ? 151  ILE A O   1 
ATOM   1035 C CB  . ILE A 1 145 ? 3.921   -8.331  -6.132  1.00 22.42 ? 151  ILE A CB  1 
ATOM   1036 C CG1 . ILE A 1 145 ? 3.504   -9.461  -5.182  1.00 22.55 ? 151  ILE A CG1 1 
ATOM   1037 C CG2 . ILE A 1 145 ? 4.735   -8.880  -7.315  1.00 21.71 ? 151  ILE A CG2 1 
ATOM   1038 C CD1 . ILE A 1 145 ? 4.667   -10.248 -4.592  1.00 24.76 ? 151  ILE A CD1 1 
ATOM   1039 N N   . THR A 1 146 ? 5.843   -5.600  -6.821  1.00 20.05 ? 152  THR A N   1 
ATOM   1040 C CA  . THR A 1 146 ? 5.891   -4.390  -7.568  1.00 21.74 ? 152  THR A CA  1 
ATOM   1041 C C   . THR A 1 146 ? 6.767   -4.593  -8.817  1.00 23.29 ? 152  THR A C   1 
ATOM   1042 O O   . THR A 1 146 ? 7.775   -5.307  -8.764  1.00 23.65 ? 152  THR A O   1 
ATOM   1043 C CB  . THR A 1 146 ? 6.401   -3.228  -6.673  1.00 20.71 ? 152  THR A CB  1 
ATOM   1044 O OG1 . THR A 1 146 ? 6.192   -1.961  -7.338  1.00 18.84 ? 152  THR A OG1 1 
ATOM   1045 C CG2 . THR A 1 146 ? 7.878   -3.388  -6.365  1.00 20.35 ? 152  THR A CG2 1 
ATOM   1046 N N   . LYS A 1 147 ? 6.367   -3.975  -9.922  1.00 26.16 ? 153  LYS A N   1 
ATOM   1047 C CA  . LYS A 1 147 ? 7.153   -3.967  -11.177 1.00 27.11 ? 153  LYS A CA  1 
ATOM   1048 C C   . LYS A 1 147 ? 7.260   -2.543  -11.755 1.00 27.46 ? 153  LYS A C   1 
ATOM   1049 O O   . LYS A 1 147 ? 6.261   -1.899  -12.086 1.00 28.79 ? 153  LYS A O   1 
ATOM   1050 C CB  . LYS A 1 147 ? 6.567   -4.944  -12.225 1.00 26.40 ? 153  LYS A CB  1 
ATOM   1051 C CG  . LYS A 1 147 ? 7.244   -4.917  -13.617 1.00 26.91 ? 153  LYS A CG  1 
ATOM   1052 C CD  . LYS A 1 147 ? 8.536   -5.725  -13.715 1.00 29.31 ? 153  LYS A CD  1 
ATOM   1053 C CE  . LYS A 1 147 ? 9.079   -5.801  -15.166 1.00 29.85 ? 153  LYS A CE  1 
ATOM   1054 N NZ  . LYS A 1 147 ? 9.735   -4.527  -15.614 1.00 29.52 ? 153  LYS A NZ  1 
ATOM   1055 N N   . HIS A 1 148 ? 8.481   -2.059  -11.859 1.00 27.23 ? 154  HIS A N   1 
ATOM   1056 C CA  . HIS A 1 148 ? 8.756   -0.761  -12.484 1.00 30.41 ? 154  HIS A CA  1 
ATOM   1057 C C   . HIS A 1 148 ? 9.444   -1.001  -13.816 1.00 29.92 ? 154  HIS A C   1 
ATOM   1058 O O   . HIS A 1 148 ? 10.190  -1.977  -13.956 1.00 29.08 ? 154  HIS A O   1 
ATOM   1059 C CB  . HIS A 1 148 ? 9.647   0.050   -11.536 1.00 28.90 ? 154  HIS A CB  1 
ATOM   1060 C CG  . HIS A 1 148 ? 9.854   1.491   -11.943 1.00 30.76 ? 154  HIS A CG  1 
ATOM   1061 N ND1 . HIS A 1 148 ? 10.744  1.858   -12.884 1.00 31.17 ? 154  HIS A ND1 1 
ATOM   1062 C CD2 . HIS A 1 148 ? 9.293   2.676   -11.447 1.00 30.73 ? 154  HIS A CD2 1 
ATOM   1063 C CE1 . HIS A 1 148 ? 10.729  3.192   -13.022 1.00 31.21 ? 154  HIS A CE1 1 
ATOM   1064 N NE2 . HIS A 1 148 ? 9.854   3.695   -12.119 1.00 32.62 ? 154  HIS A NE2 1 
ATOM   1065 N N   . ASN A 1 149 ? 9.227   -0.101  -14.775 1.00 32.97 ? 155  ASN A N   1 
ATOM   1066 C CA  . ASN A 1 149 ? 9.662   -0.248  -16.200 1.00 40.62 ? 155  ASN A CA  1 
ATOM   1067 C C   . ASN A 1 149 ? 11.065  -0.713  -16.595 1.00 47.91 ? 155  ASN A C   1 
ATOM   1068 O O   . ASN A 1 149 ? 11.225  -1.546  -17.521 1.00 53.40 ? 155  ASN A O   1 
ATOM   1069 C CB  . ASN A 1 149 ? 9.363   1.010   -17.016 1.00 36.92 ? 155  ASN A CB  1 
ATOM   1070 C CG  . ASN A 1 149 ? 7.989   0.982   -17.611 1.00 36.31 ? 155  ASN A CG  1 
ATOM   1071 O OD1 . ASN A 1 149 ? 7.431   -0.082  -17.831 1.00 34.13 ? 155  ASN A OD1 1 
ATOM   1072 N ND2 . ASN A 1 149 ? 7.419   2.152   -17.854 1.00 37.47 ? 155  ASN A ND2 1 
ATOM   1073 N N   . ASP A 1 150 ? 12.103  -0.195  -15.978 1.00 47.50 ? 156  ASP A N   1 
ATOM   1074 C CA  . ASP A 1 150 ? 13.378  -0.692  -16.495 1.00 49.51 ? 156  ASP A CA  1 
ATOM   1075 C C   . ASP A 1 150 ? 14.103  -1.585  -15.495 1.00 53.67 ? 156  ASP A C   1 
ATOM   1076 O O   . ASP A 1 150 ? 15.307  -1.832  -15.609 1.00 54.77 ? 156  ASP A O   1 
ATOM   1077 C CB  . ASP A 1 150 ? 14.192  0.461   -17.079 1.00 49.29 ? 156  ASP A CB  1 
ATOM   1078 C CG  . ASP A 1 150 ? 13.472  1.111   -18.277 1.00 50.80 ? 156  ASP A CG  1 
ATOM   1079 O OD1 . ASP A 1 150 ? 13.311  0.442   -19.327 1.00 48.96 ? 156  ASP A OD1 1 
ATOM   1080 O OD2 . ASP A 1 150 ? 13.010  2.261   -18.152 1.00 48.04 ? 156  ASP A OD2 1 
ATOM   1081 N N   . ASP A 1 151 ? 13.313  -2.112  -14.550 1.00 47.20 ? 157  ASP A N   1 
ATOM   1082 C CA  . ASP A 1 151 ? 13.799  -2.882  -13.419 1.00 43.01 ? 157  ASP A CA  1 
ATOM   1083 C C   . ASP A 1 151 ? 13.044  -4.208  -13.404 1.00 39.07 ? 157  ASP A C   1 
ATOM   1084 O O   . ASP A 1 151 ? 12.076  -4.401  -14.145 1.00 39.67 ? 157  ASP A O   1 
ATOM   1085 C CB  . ASP A 1 151 ? 13.569  -2.091  -12.110 1.00 41.54 ? 157  ASP A CB  1 
ATOM   1086 C CG  . ASP A 1 151 ? 14.570  -2.449  -10.979 1.00 44.99 ? 157  ASP A CG  1 
ATOM   1087 O OD1 . ASP A 1 151 ? 15.040  -3.617  -10.899 1.00 46.29 ? 157  ASP A OD1 1 
ATOM   1088 O OD2 . ASP A 1 151 ? 14.893  -1.548  -10.151 1.00 41.89 ? 157  ASP A OD2 1 
ATOM   1089 N N   . GLU A 1 152 ? 13.491  -5.115  -12.554 1.00 36.47 ? 158  GLU A N   1 
ATOM   1090 C CA  . GLU A 1 152 ? 12.835  -6.392  -12.369 1.00 37.35 ? 158  GLU A CA  1 
ATOM   1091 C C   . GLU A 1 152 ? 11.578  -6.343  -11.456 1.00 35.16 ? 158  GLU A C   1 
ATOM   1092 O O   . GLU A 1 152 ? 11.193  -5.288  -10.924 1.00 31.32 ? 158  GLU A O   1 
ATOM   1093 C CB  . GLU A 1 152 ? 13.858  -7.387  -11.837 1.00 43.05 ? 158  GLU A CB  1 
ATOM   1094 C CG  . GLU A 1 152 ? 14.887  -7.798  -12.887 1.00 53.53 ? 158  GLU A CG  1 
ATOM   1095 C CD  . GLU A 1 152 ? 16.162  -8.289  -12.241 1.00 61.87 ? 158  GLU A CD  1 
ATOM   1096 O OE1 . GLU A 1 152 ? 17.023  -7.443  -11.899 1.00 65.05 ? 158  GLU A OE1 1 
ATOM   1097 O OE2 . GLU A 1 152 ? 16.288  -9.518  -12.031 1.00 65.17 ? 158  GLU A OE2 1 
ATOM   1098 N N   . GLN A 1 153 ? 10.931  -7.494  -11.316 1.00 30.43 ? 159  GLN A N   1 
ATOM   1099 C CA  . GLN A 1 153 ? 9.815   -7.651  -10.425 1.00 28.76 ? 159  GLN A CA  1 
ATOM   1100 C C   . GLN A 1 153 ? 10.334  -8.010  -9.046  1.00 28.70 ? 159  GLN A C   1 
ATOM   1101 O O   . GLN A 1 153 ? 11.177  -8.907  -8.911  1.00 30.63 ? 159  GLN A O   1 
ATOM   1102 C CB  . GLN A 1 153 ? 8.869   -8.734  -10.933 1.00 27.85 ? 159  GLN A CB  1 
ATOM   1103 C CG  . GLN A 1 153 ? 7.528   -8.693  -10.210 1.00 29.88 ? 159  GLN A CG  1 
ATOM   1104 C CD  . GLN A 1 153 ? 6.435   -9.423  -10.963 1.00 29.13 ? 159  GLN A CD  1 
ATOM   1105 O OE1 . GLN A 1 153 ? 6.077   -9.043  -12.077 1.00 31.31 ? 159  GLN A OE1 1 
ATOM   1106 N NE2 . GLN A 1 153 ? 5.878   -10.456 -10.344 1.00 26.76 ? 159  GLN A NE2 1 
ATOM   1107 N N   . TYR A 1 154 ? 9.835   -7.308  -8.023  1.00 26.53 ? 160  TYR A N   1 
ATOM   1108 C CA  . TYR A 1 154 ? 10.230  -7.558  -6.641  1.00 24.95 ? 160  TYR A CA  1 
ATOM   1109 C C   . TYR A 1 154 ? 9.074   -7.919  -5.723  1.00 25.81 ? 160  TYR A C   1 
ATOM   1110 O O   . TYR A 1 154 ? 7.944   -7.467  -5.910  1.00 23.94 ? 160  TYR A O   1 
ATOM   1111 C CB  . TYR A 1 154 ? 10.943  -6.328  -6.077  1.00 27.33 ? 160  TYR A CB  1 
ATOM   1112 C CG  . TYR A 1 154 ? 12.217  -5.984  -6.825  1.00 27.29 ? 160  TYR A CG  1 
ATOM   1113 C CD1 . TYR A 1 154 ? 13.389  -6.703  -6.610  1.00 28.52 ? 160  TYR A CD1 1 
ATOM   1114 C CD2 . TYR A 1 154 ? 12.245  -4.944  -7.738  1.00 28.85 ? 160  TYR A CD2 1 
ATOM   1115 C CE1 . TYR A 1 154 ? 14.566  -6.410  -7.314  1.00 30.03 ? 160  TYR A CE1 1 
ATOM   1116 C CE2 . TYR A 1 154 ? 13.412  -4.637  -8.447  1.00 29.51 ? 160  TYR A CE2 1 
ATOM   1117 C CZ  . TYR A 1 154 ? 14.564  -5.369  -8.227  1.00 31.05 ? 160  TYR A CZ  1 
ATOM   1118 O OH  . TYR A 1 154 ? 15.719  -5.047  -8.916  1.00 32.95 ? 160  TYR A OH  1 
ATOM   1119 N N   . ALA A 1 155 ? 9.370   -8.730  -4.712  1.00 26.06 ? 161  ALA A N   1 
ATOM   1120 C CA  . ALA A 1 155 ? 8.468   -8.910  -3.611  1.00 23.44 ? 161  ALA A CA  1 
ATOM   1121 C C   . ALA A 1 155 ? 9.149   -8.303  -2.390  1.00 26.91 ? 161  ALA A C   1 
ATOM   1122 O O   . ALA A 1 155 ? 10.290  -8.696  -2.048  1.00 27.52 ? 161  ALA A O   1 
ATOM   1123 C CB  . ALA A 1 155 ? 8.146   -10.373 -3.401  1.00 21.96 ? 161  ALA A CB  1 
ATOM   1124 N N   . TRP A 1 156 ? 8.437   -7.356  -1.753  1.00 23.86 ? 162  TRP A N   1 
ATOM   1125 C CA  . TRP A 1 156 ? 8.757   -6.798  -0.442  1.00 22.74 ? 162  TRP A CA  1 
ATOM   1126 C C   . TRP A 1 156 ? 7.826   -7.404  0.550   1.00 22.71 ? 162  TRP A C   1 
ATOM   1127 O O   . TRP A 1 156 ? 6.679   -7.694  0.241   1.00 25.39 ? 162  TRP A O   1 
ATOM   1128 C CB  . TRP A 1 156 ? 8.549   -5.279  -0.515  1.00 22.64 ? 162  TRP A CB  1 
ATOM   1129 C CG  . TRP A 1 156 ? 8.703   -4.427  0.734   1.00 21.59 ? 162  TRP A CG  1 
ATOM   1130 C CD1 . TRP A 1 156 ? 9.722   -3.507  1.015   1.00 22.18 ? 162  TRP A CD1 1 
ATOM   1131 C CD2 . TRP A 1 156 ? 7.734   -4.273  1.847   1.00 21.00 ? 162  TRP A CD2 1 
ATOM   1132 N NE1 . TRP A 1 156 ? 9.471   -2.848  2.198   1.00 20.95 ? 162  TRP A NE1 1 
ATOM   1133 C CE2 . TRP A 1 156 ? 8.302   -3.273  2.750   1.00 20.32 ? 162  TRP A CE2 1 
ATOM   1134 C CE3 . TRP A 1 156 ? 6.492   -4.833  2.149   1.00 19.76 ? 162  TRP A CE3 1 
ATOM   1135 C CZ2 . TRP A 1 156 ? 7.649   -2.880  3.913   1.00 19.92 ? 162  TRP A CZ2 1 
ATOM   1136 C CZ3 . TRP A 1 156 ? 5.853   -4.455  3.339   1.00 20.21 ? 162  TRP A CZ3 1 
ATOM   1137 C CH2 . TRP A 1 156 ? 6.421   -3.499  4.201   1.00 21.15 ? 162  TRP A CH2 1 
ATOM   1138 N N   . GLU A 1 157 ? 8.269   -7.595  1.779   1.00 23.74 ? 163  GLU A N   1 
ATOM   1139 C CA  . GLU A 1 157 ? 7.390   -8.234  2.743   1.00 24.14 ? 163  GLU A CA  1 
ATOM   1140 C C   . GLU A 1 157 ? 7.801   -7.905  4.167   1.00 24.38 ? 163  GLU A C   1 
ATOM   1141 O O   . GLU A 1 157 ? 9.001   -7.882  4.482   1.00 23.11 ? 163  GLU A O   1 
ATOM   1142 C CB  . GLU A 1 157 ? 7.439   -9.758  2.551   1.00 26.50 ? 163  GLU A CB  1 
ATOM   1143 C CG  . GLU A 1 157 ? 6.461   -10.549 3.409   1.00 28.94 ? 163  GLU A CG  1 
ATOM   1144 C CD  . GLU A 1 157 ? 6.268   -11.959 2.870   1.00 31.87 ? 163  GLU A CD  1 
ATOM   1145 O OE1 . GLU A 1 157 ? 7.201   -12.759 3.025   1.00 32.93 ? 163  GLU A OE1 1 
ATOM   1146 O OE2 . GLU A 1 157 ? 5.192   -12.264 2.281   1.00 32.08 ? 163  GLU A OE2 1 
ATOM   1147 N N   . SER A 1 158 ? 6.804   -7.663  5.025   1.00 21.26 ? 164  SER A N   1 
ATOM   1148 C CA  . SER A 1 158 ? 7.077   -7.415  6.401   1.00 21.69 ? 164  SER A CA  1 
ATOM   1149 C C   . SER A 1 158 ? 5.906   -7.767  7.327   1.00 23.89 ? 164  SER A C   1 
ATOM   1150 O O   . SER A 1 158 ? 4.713   -7.512  7.013   1.00 25.01 ? 164  SER A O   1 
ATOM   1151 C CB  . SER A 1 158 ? 7.474   -5.945  6.611   1.00 21.54 ? 164  SER A CB  1 
ATOM   1152 O OG  . SER A 1 158 ? 7.774   -5.756  7.991   1.00 21.47 ? 164  SER A OG  1 
ATOM   1153 N N   . SER A 1 159 ? 6.254   -8.322  8.474   1.00 22.33 ? 165  SER A N   1 
ATOM   1154 C CA  . SER A 1 159 ? 5.291   -8.504  9.537   1.00 25.99 ? 165  SER A CA  1 
ATOM   1155 C C   . SER A 1 159 ? 5.630   -7.526  10.630  1.00 24.10 ? 165  SER A C   1 
ATOM   1156 O O   . SER A 1 159 ? 5.335   -7.784  11.770  1.00 24.55 ? 165  SER A O   1 
ATOM   1157 C CB  . SER A 1 159 ? 5.319   -9.939  10.118  1.00 26.79 ? 165  SER A CB  1 
ATOM   1158 O OG  . SER A 1 159 ? 5.168   -10.912 9.099   1.00 32.15 ? 165  SER A OG  1 
ATOM   1159 N N   . ALA A 1 160 ? 6.249   -6.415  10.264  1.00 24.32 ? 166  ALA A N   1 
ATOM   1160 C CA  . ALA A 1 160 ? 6.711   -5.434  11.227  1.00 29.69 ? 166  ALA A CA  1 
ATOM   1161 C C   . ALA A 1 160 ? 7.731   -6.116  12.157  1.00 30.07 ? 166  ALA A C   1 
ATOM   1162 O O   . ALA A 1 160 ? 8.426   -7.067  11.743  1.00 30.06 ? 166  ALA A O   1 
ATOM   1163 C CB  . ALA A 1 160 ? 5.528   -4.833  12.011  1.00 28.74 ? 166  ALA A CB  1 
ATOM   1164 N N   . GLY A 1 161 ? 7.799   -5.666  13.401  1.00 29.02 ? 167  GLY A N   1 
ATOM   1165 C CA  . GLY A 1 161 ? 8.845   -6.124  14.311  1.00 27.12 ? 167  GLY A CA  1 
ATOM   1166 C C   . GLY A 1 161 ? 10.224  -5.594  13.952  1.00 26.31 ? 167  GLY A C   1 
ATOM   1167 O O   . GLY A 1 161 ? 11.234  -6.152  14.397  1.00 26.29 ? 167  GLY A O   1 
ATOM   1168 N N   . GLY A 1 162 ? 10.291  -4.516  13.171  1.00 24.82 ? 168  GLY A N   1 
ATOM   1169 C CA  . GLY A 1 162 ? 11.593  -3.857  12.922  1.00 23.32 ? 168  GLY A CA  1 
ATOM   1170 C C   . GLY A 1 162 ? 12.301  -4.230  11.629  1.00 24.05 ? 168  GLY A C   1 
ATOM   1171 O O   . GLY A 1 162 ? 13.317  -3.616  11.276  1.00 22.02 ? 168  GLY A O   1 
ATOM   1172 N N   . SER A 1 163 ? 11.777  -5.226  10.904  1.00 23.38 ? 169  SER A N   1 
ATOM   1173 C CA  . SER A 1 163 ? 12.441  -5.620  9.658   1.00 25.52 ? 169  SER A CA  1 
ATOM   1174 C C   . SER A 1 163 ? 11.498  -5.957  8.498   1.00 25.36 ? 169  SER A C   1 
ATOM   1175 O O   . SER A 1 163 ? 10.291  -6.229  8.700   1.00 25.77 ? 169  SER A O   1 
ATOM   1176 C CB  . SER A 1 163 ? 13.395  -6.801  9.893   1.00 21.99 ? 169  SER A CB  1 
ATOM   1177 O OG  . SER A 1 163 ? 12.655  -7.989  9.905   1.00 21.75 ? 169  SER A OG  1 
ATOM   1178 N N   . PHE A 1 164 ? 12.089  -5.936  7.301   1.00 24.10 ? 170  PHE A N   1 
ATOM   1179 C CA  . PHE A 1 164 ? 11.419  -6.329  6.068   1.00 23.81 ? 170  PHE A CA  1 
ATOM   1180 C C   . PHE A 1 164 ? 12.333  -7.132  5.144   1.00 24.22 ? 170  PHE A C   1 
ATOM   1181 O O   . PHE A 1 164 ? 13.559  -7.081  5.286   1.00 23.37 ? 170  PHE A O   1 
ATOM   1182 C CB  . PHE A 1 164 ? 10.823  -5.115  5.353   1.00 19.89 ? 170  PHE A CB  1 
ATOM   1183 C CG  . PHE A 1 164 ? 11.837  -4.134  4.816   1.00 19.47 ? 170  PHE A CG  1 
ATOM   1184 C CD1 . PHE A 1 164 ? 12.310  -3.082  5.607   1.00 17.73 ? 170  PHE A CD1 1 
ATOM   1185 C CD2 . PHE A 1 164 ? 12.265  -4.212  3.491   1.00 18.83 ? 170  PHE A CD2 1 
ATOM   1186 C CE1 . PHE A 1 164 ? 13.213  -2.163  5.092   1.00 18.39 ? 170  PHE A CE1 1 
ATOM   1187 C CE2 . PHE A 1 164 ? 13.186  -3.298  2.980   1.00 17.61 ? 170  PHE A CE2 1 
ATOM   1188 C CZ  . PHE A 1 164 ? 13.663  -2.265  3.777   1.00 17.97 ? 170  PHE A CZ  1 
ATOM   1189 N N   . THR A 1 165 ? 11.737  -7.889  4.217   1.00 23.43 ? 171  THR A N   1 
ATOM   1190 C CA  . THR A 1 165 ? 12.537  -8.559  3.225   1.00 25.23 ? 171  THR A CA  1 
ATOM   1191 C C   . THR A 1 165 ? 12.236  -8.022  1.847   1.00 27.24 ? 171  THR A C   1 
ATOM   1192 O O   . THR A 1 165 ? 11.151  -7.460  1.604   1.00 28.07 ? 171  THR A O   1 
ATOM   1193 C CB  . THR A 1 165 ? 12.331  -10.076 3.231   1.00 24.54 ? 171  THR A CB  1 
ATOM   1194 O OG1 . THR A 1 165 ? 10.989  -10.373 2.838   1.00 25.18 ? 171  THR A OG1 1 
ATOM   1195 C CG2 . THR A 1 165 ? 12.673  -10.696 4.621   1.00 21.91 ? 171  THR A CG2 1 
ATOM   1196 N N   . VAL A 1 166 ? 13.219  -8.184  0.966   1.00 26.71 ? 172  VAL A N   1 
ATOM   1197 C CA  . VAL A 1 166 ? 13.083  -7.957  -0.473  1.00 29.60 ? 172  VAL A CA  1 
ATOM   1198 C C   . VAL A 1 166 ? 13.699  -9.177  -1.192  1.00 34.65 ? 172  VAL A C   1 
ATOM   1199 O O   . VAL A 1 166 ? 14.777  -9.643  -0.816  1.00 33.83 ? 172  VAL A O   1 
ATOM   1200 C CB  . VAL A 1 166 ? 13.784  -6.661  -0.920  1.00 28.01 ? 172  VAL A CB  1 
ATOM   1201 C CG1 . VAL A 1 166 ? 13.692  -6.473  -2.429  1.00 29.74 ? 172  VAL A CG1 1 
ATOM   1202 C CG2 . VAL A 1 166 ? 13.206  -5.452  -0.212  1.00 25.37 ? 172  VAL A CG2 1 
ATOM   1203 N N   . ARG A 1 167 ? 12.988  -9.710  -2.190  1.00 36.86 ? 173  ARG A N   1 
ATOM   1204 C CA  . ARG A 1 167 ? 13.520  -10.724 -3.107  1.00 36.86 ? 173  ARG A CA  1 
ATOM   1205 C C   . ARG A 1 167 ? 13.030  -10.396 -4.504  1.00 39.98 ? 173  ARG A C   1 
ATOM   1206 O O   . ARG A 1 167 ? 11.929  -9.837  -4.683  1.00 36.29 ? 173  ARG A O   1 
ATOM   1207 C CB  . ARG A 1 167 ? 13.074  -12.157 -2.729  1.00 39.75 ? 173  ARG A CB  1 
ATOM   1208 C CG  . ARG A 1 167 ? 11.557  -12.376 -2.624  1.00 40.50 ? 173  ARG A CG  1 
ATOM   1209 C CD  . ARG A 1 167 ? 11.171  -13.827 -2.370  1.00 46.14 ? 173  ARG A CD  1 
ATOM   1210 N NE  . ARG A 1 167 ? 9.766   -13.954 -1.947  1.00 51.28 ? 173  ARG A NE  1 
ATOM   1211 C CZ  . ARG A 1 167 ? 8.699   -14.093 -2.760  1.00 51.38 ? 173  ARG A CZ  1 
ATOM   1212 N NH1 . ARG A 1 167 ? 8.820   -14.143 -4.096  1.00 41.13 ? 173  ARG A NH1 1 
ATOM   1213 N NH2 . ARG A 1 167 ? 7.482   -14.168 -2.219  1.00 49.21 ? 173  ARG A NH2 1 
ATOM   1214 N N   . THR A 1 168 ? 13.849  -10.757 -5.493  1.00 40.79 ? 174  THR A N   1 
ATOM   1215 C CA  . THR A 1 168 ? 13.425  -10.873 -6.882  1.00 40.14 ? 174  THR A CA  1 
ATOM   1216 C C   . THR A 1 168 ? 12.254  -11.864 -6.946  1.00 38.93 ? 174  THR A C   1 
ATOM   1217 O O   . THR A 1 168 ? 12.350  -12.971 -6.417  1.00 40.67 ? 174  THR A O   1 
ATOM   1218 C CB  . THR A 1 168 ? 14.624  -11.313 -7.745  1.00 42.25 ? 174  THR A CB  1 
ATOM   1219 O OG1 . THR A 1 168 ? 15.673  -10.350 -7.574  1.00 41.18 ? 174  THR A OG1 1 
ATOM   1220 C CG2 . THR A 1 168 ? 14.264  -11.384 -9.228  1.00 41.39 ? 174  THR A CG2 1 
ATOM   1221 N N   . ASP A 1 169 ? 11.136  -11.456 -7.548  1.00 36.31 ? 175  ASP A N   1 
ATOM   1222 C CA  . ASP A 1 169 ? 9.915   -12.279 -7.520  1.00 40.26 ? 175  ASP A CA  1 
ATOM   1223 C C   . ASP A 1 169 ? 9.796   -13.238 -8.723  1.00 47.32 ? 175  ASP A C   1 
ATOM   1224 O O   . ASP A 1 169 ? 9.973   -12.830 -9.887  1.00 45.37 ? 175  ASP A O   1 
ATOM   1225 C CB  . ASP A 1 169 ? 8.666   -11.387 -7.420  1.00 36.95 ? 175  ASP A CB  1 
ATOM   1226 C CG  . ASP A 1 169 ? 7.353   -12.190 -7.361  1.00 38.84 ? 175  ASP A CG  1 
ATOM   1227 O OD1 . ASP A 1 169 ? 7.274   -13.207 -6.617  1.00 35.76 ? 175  ASP A OD1 1 
ATOM   1228 O OD2 . ASP A 1 169 ? 6.392   -11.778 -8.058  1.00 33.53 ? 175  ASP A OD2 1 
ATOM   1229 N N   . THR A 1 170 ? 9.480   -14.503 -8.446  1.00 52.79 ? 176  THR A N   1 
ATOM   1230 C CA  . THR A 1 170 ? 9.349   -15.487 -9.535  1.00 63.44 ? 176  THR A CA  1 
ATOM   1231 C C   . THR A 1 170 ? 7.907   -15.841 -9.876  1.00 64.74 ? 176  THR A C   1 
ATOM   1232 O O   . THR A 1 170 ? 7.682   -16.645 -10.781 1.00 68.95 ? 176  THR A O   1 
ATOM   1233 C CB  . THR A 1 170 ? 10.140  -16.800 -9.289  1.00 64.15 ? 176  THR A CB  1 
ATOM   1234 O OG1 . THR A 1 170 ? 9.816   -17.324 -7.992  1.00 59.85 ? 176  THR A OG1 1 
ATOM   1235 C CG2 . THR A 1 170 ? 11.668  -16.571 -9.444  1.00 61.69 ? 176  THR A CG2 1 
ATOM   1236 N N   . GLY A 1 171 ? 6.946   -15.247 -9.165  1.00 62.30 ? 177  GLY A N   1 
ATOM   1237 C CA  . GLY A 1 171 ? 5.516   -15.469 -9.432  1.00 60.95 ? 177  GLY A CA  1 
ATOM   1238 C C   . GLY A 1 171 ? 5.130   -15.047 -10.845 1.00 58.71 ? 177  GLY A C   1 
ATOM   1239 O O   . GLY A 1 171 ? 5.987   -14.801 -11.686 1.00 55.86 ? 177  GLY A O   1 
ATOM   1240 N N   . GLU A 1 172 ? 3.839   -14.963 -11.119 1.00 56.37 ? 178  GLU A N   1 
ATOM   1241 C CA  . GLU A 1 172 ? 3.416   -14.542 -12.434 1.00 57.45 ? 178  GLU A CA  1 
ATOM   1242 C C   . GLU A 1 172 ? 3.911   -13.105 -12.691 1.00 55.08 ? 178  GLU A C   1 
ATOM   1243 O O   . GLU A 1 172 ? 3.756   -12.224 -11.835 1.00 50.53 ? 178  GLU A O   1 
ATOM   1244 C CB  . GLU A 1 172 ? 1.892   -14.648 -12.572 1.00 64.06 ? 178  GLU A CB  1 
ATOM   1245 C CG  . GLU A 1 172 ? 1.372   -14.489 -14.005 1.00 72.53 ? 178  GLU A CG  1 
ATOM   1246 C CD  . GLU A 1 172 ? 1.096   -15.809 -14.742 1.00 76.61 ? 178  GLU A CD  1 
ATOM   1247 O OE1 . GLU A 1 172 ? 1.862   -16.808 -14.623 1.00 76.03 ? 178  GLU A OE1 1 
ATOM   1248 O OE2 . GLU A 1 172 ? 0.091   -15.831 -15.479 1.00 71.31 ? 178  GLU A OE2 1 
ATOM   1249 N N   . PRO A 1 173 ? 4.541   -12.877 -13.858 1.00 50.48 ? 179  PRO A N   1 
ATOM   1250 C CA  . PRO A 1 173 ? 4.931   -11.519 -14.205 1.00 50.82 ? 179  PRO A CA  1 
ATOM   1251 C C   . PRO A 1 173 ? 3.666   -10.665 -14.225 1.00 49.60 ? 179  PRO A C   1 
ATOM   1252 O O   . PRO A 1 173 ? 2.613   -11.185 -14.573 1.00 45.48 ? 179  PRO A O   1 
ATOM   1253 C CB  . PRO A 1 173 ? 5.511   -11.680 -15.614 1.00 53.49 ? 179  PRO A CB  1 
ATOM   1254 C CG  . PRO A 1 173 ? 5.985   -13.102 -15.655 1.00 51.84 ? 179  PRO A CG  1 
ATOM   1255 C CD  . PRO A 1 173 ? 4.938   -13.848 -14.894 1.00 49.45 ? 179  PRO A CD  1 
ATOM   1256 N N   . MET A 1 174 ? 3.745   -9.392  -13.829 1.00 45.88 ? 180  MET A N   1 
ATOM   1257 C CA  . MET A 1 174 ? 2.523   -8.577  -13.713 1.00 46.16 ? 180  MET A CA  1 
ATOM   1258 C C   . MET A 1 174 ? 2.419   -7.336  -14.610 1.00 46.03 ? 180  MET A C   1 
ATOM   1259 O O   . MET A 1 174 ? 1.402   -6.626  -14.558 1.00 56.35 ? 180  MET A O   1 
ATOM   1260 C CB  . MET A 1 174 ? 2.218   -8.238  -12.241 1.00 47.98 ? 180  MET A CB  1 
ATOM   1261 C CG  . MET A 1 174 ? 3.357   -7.544  -11.506 1.00 49.94 ? 180  MET A CG  1 
ATOM   1262 S SD  . MET A 1 174 ? 2.872   -6.880  -9.910  1.00 45.24 ? 180  MET A SD  1 
ATOM   1263 C CE  . MET A 1 174 ? 1.989   -5.410  -10.410 1.00 43.79 ? 180  MET A CE  1 
ATOM   1264 N N   . GLY A 1 175 ? 3.452   -7.064  -15.409 1.00 39.83 ? 181  GLY A N   1 
ATOM   1265 C CA  . GLY A 1 175 ? 3.403   -6.003  -16.420 1.00 38.55 ? 181  GLY A CA  1 
ATOM   1266 C C   . GLY A 1 175 ? 4.005   -4.659  -16.010 1.00 39.49 ? 181  GLY A C   1 
ATOM   1267 O O   . GLY A 1 175 ? 5.014   -4.198  -16.592 1.00 40.28 ? 181  GLY A O   1 
ATOM   1268 N N   . ARG A 1 176 ? 3.385   -4.038  -15.009 1.00 30.63 ? 182  ARG A N   1 
ATOM   1269 C CA  . ARG A 1 176 ? 3.829   -2.762  -14.437 1.00 27.65 ? 182  ARG A CA  1 
ATOM   1270 C C   . ARG A 1 176 ? 2.816   -2.387  -13.364 1.00 24.81 ? 182  ARG A C   1 
ATOM   1271 O O   . ARG A 1 176 ? 1.620   -2.492  -13.585 1.00 26.22 ? 182  ARG A O   1 
ATOM   1272 C CB  . ARG A 1 176 ? 3.908   -1.633  -15.486 1.00 26.55 ? 182  ARG A CB  1 
ATOM   1273 C CG  . ARG A 1 176 ? 4.497   -0.348  -14.909 1.00 24.58 ? 182  ARG A CG  1 
ATOM   1274 C CD  . ARG A 1 176 ? 4.134   0.899   -15.677 1.00 24.39 ? 182  ARG A CD  1 
ATOM   1275 N NE  . ARG A 1 176 ? 2.698   1.105   -15.730 1.00 26.54 ? 182  ARG A NE  1 
ATOM   1276 C CZ  . ARG A 1 176 ? 1.943   1.077   -16.818 1.00 24.51 ? 182  ARG A CZ  1 
ATOM   1277 N NH1 . ARG A 1 176 ? 2.459   0.856   -18.027 1.00 23.85 ? 182  ARG A NH1 1 
ATOM   1278 N NH2 . ARG A 1 176 ? 0.650   1.302   -16.681 1.00 25.10 ? 182  ARG A NH2 1 
ATOM   1279 N N   . GLY A 1 177 ? 3.300   -2.008  -12.185 1.00 23.77 ? 183  GLY A N   1 
ATOM   1280 C CA  . GLY A 1 177 ? 2.444   -1.539  -11.111 1.00 21.03 ? 183  GLY A CA  1 
ATOM   1281 C C   . GLY A 1 177 ? 2.815   -2.225  -9.821  1.00 21.12 ? 183  GLY A C   1 
ATOM   1282 O O   . GLY A 1 177 ? 3.942   -2.724  -9.684  1.00 19.83 ? 183  GLY A O   1 
ATOM   1283 N N   . THR A 1 178 ? 1.821   -2.322  -8.932  1.00 19.78 ? 184  THR A N   1 
ATOM   1284 C CA  . THR A 1 178 ? 1.969   -2.811  -7.564  1.00 19.85 ? 184  THR A CA  1 
ATOM   1285 C C   . THR A 1 178 ? 0.741   -3.573  -7.079  1.00 19.36 ? 184  THR A C   1 
ATOM   1286 O O   . THR A 1 178 ? -0.401  -3.164  -7.348  1.00 18.92 ? 184  THR A O   1 
ATOM   1287 C CB  . THR A 1 178 ? 2.186   -1.606  -6.634  1.00 19.64 ? 184  THR A CB  1 
ATOM   1288 O OG1 . THR A 1 178 ? 3.324   -0.879  -7.108  1.00 21.60 ? 184  THR A OG1 1 
ATOM   1289 C CG2 . THR A 1 178 ? 2.415   -2.014  -5.184  1.00 19.56 ? 184  THR A CG2 1 
ATOM   1290 N N   . LYS A 1 179 ? 0.981   -4.706  -6.418  1.00 19.56 ? 185  LYS A N   1 
ATOM   1291 C CA  . LYS A 1 179 ? -0.042  -5.402  -5.654  1.00 22.05 ? 185  LYS A CA  1 
ATOM   1292 C C   . LYS A 1 179 ? 0.337   -5.335  -4.189  1.00 21.99 ? 185  LYS A C   1 
ATOM   1293 O O   . LYS A 1 179 ? 1.417   -5.776  -3.826  1.00 24.21 ? 185  LYS A O   1 
ATOM   1294 C CB  . LYS A 1 179 ? -0.092  -6.883  -5.985  1.00 22.32 ? 185  LYS A CB  1 
ATOM   1295 C CG  . LYS A 1 179 ? -0.183  -7.228  -7.438  1.00 28.32 ? 185  LYS A CG  1 
ATOM   1296 C CD  . LYS A 1 179 ? -0.932  -8.547  -7.574  1.00 35.10 ? 185  LYS A CD  1 
ATOM   1297 C CE  . LYS A 1 179 ? -0.007  -9.757  -7.445  1.00 41.34 ? 185  LYS A CE  1 
ATOM   1298 N NZ  . LYS A 1 179 ? 0.292   -10.334 -8.802  1.00 44.81 ? 185  LYS A NZ  1 
ATOM   1299 N N   . VAL A 1 180 ? -0.566  -4.846  -3.353  1.00 21.03 ? 186  VAL A N   1 
ATOM   1300 C CA  . VAL A 1 180 ? -0.379  -4.853  -1.897  1.00 19.41 ? 186  VAL A CA  1 
ATOM   1301 C C   . VAL A 1 180 ? -1.260  -5.973  -1.346  1.00 19.98 ? 186  VAL A C   1 
ATOM   1302 O O   . VAL A 1 180 ? -2.493  -5.945  -1.455  1.00 19.75 ? 186  VAL A O   1 
ATOM   1303 C CB  . VAL A 1 180 ? -0.761  -3.482  -1.277  1.00 18.09 ? 186  VAL A CB  1 
ATOM   1304 C CG1 . VAL A 1 180 ? -0.787  -3.532  0.259   1.00 16.70 ? 186  VAL A CG1 1 
ATOM   1305 C CG2 . VAL A 1 180 ? 0.192   -2.402  -1.773  1.00 16.86 ? 186  VAL A CG2 1 
ATOM   1306 N N   . ILE A 1 181 ? -0.638  -6.967  -0.740  1.00 19.95 ? 187  ILE A N   1 
ATOM   1307 C CA  . ILE A 1 181 ? -1.366  -8.151  -0.357  1.00 19.91 ? 187  ILE A CA  1 
ATOM   1308 C C   . ILE A 1 181 ? -1.439  -8.105  1.155   1.00 20.79 ? 187  ILE A C   1 
ATOM   1309 O O   . ILE A 1 181 ? -0.431  -8.208  1.808   1.00 20.28 ? 187  ILE A O   1 
ATOM   1310 C CB  . ILE A 1 181 ? -0.667  -9.452  -0.820  1.00 19.90 ? 187  ILE A CB  1 
ATOM   1311 C CG1 . ILE A 1 181 ? -0.486  -9.520  -2.342  1.00 19.44 ? 187  ILE A CG1 1 
ATOM   1312 C CG2 . ILE A 1 181 ? -1.430  -10.682 -0.314  1.00 20.27 ? 187  ILE A CG2 1 
ATOM   1313 C CD1 . ILE A 1 181 ? 0.323   -10.758 -2.788  1.00 20.01 ? 187  ILE A CD1 1 
ATOM   1314 N N   . LEU A 1 182 ? -2.649  -7.963  1.695   1.00 21.32 ? 188  LEU A N   1 
ATOM   1315 C CA  . LEU A 1 182 ? -2.857  -7.786  3.111   1.00 22.08 ? 188  LEU A CA  1 
ATOM   1316 C C   . LEU A 1 182 ? -3.275  -9.114  3.722   1.00 24.62 ? 188  LEU A C   1 
ATOM   1317 O O   . LEU A 1 182 ? -4.390  -9.584  3.431   1.00 25.66 ? 188  LEU A O   1 
ATOM   1318 C CB  . LEU A 1 182 ? -3.998  -6.779  3.315   1.00 19.68 ? 188  LEU A CB  1 
ATOM   1319 C CG  . LEU A 1 182 ? -3.884  -5.368  2.757   1.00 18.61 ? 188  LEU A CG  1 
ATOM   1320 C CD1 . LEU A 1 182 ? -5.172  -4.588  3.062   1.00 19.65 ? 188  LEU A CD1 1 
ATOM   1321 C CD2 . LEU A 1 182 ? -2.726  -4.695  3.450   1.00 17.48 ? 188  LEU A CD2 1 
ATOM   1322 N N   . HIS A 1 183 ? -2.400  -9.732  4.537   1.00 25.06 ? 189  HIS A N   1 
ATOM   1323 C CA  . HIS A 1 183 ? -2.740  -11.006 5.254   1.00 23.56 ? 189  HIS A CA  1 
ATOM   1324 C C   . HIS A 1 183 ? -3.457  -10.589 6.496   1.00 23.99 ? 189  HIS A C   1 
ATOM   1325 O O   . HIS A 1 183 ? -2.834  -10.087 7.415   1.00 23.02 ? 189  HIS A O   1 
ATOM   1326 C CB  . HIS A 1 183 ? -1.483  -11.850 5.556   1.00 24.50 ? 189  HIS A CB  1 
ATOM   1327 C CG  . HIS A 1 183 ? -0.642  -12.163 4.310   1.00 24.84 ? 189  HIS A CG  1 
ATOM   1328 N ND1 . HIS A 1 183 ? -0.740  -13.346 3.626   1.00 24.56 ? 189  HIS A ND1 1 
ATOM   1329 C CD2 . HIS A 1 183 ? 0.293   -11.374 3.607   1.00 25.18 ? 189  HIS A CD2 1 
ATOM   1330 C CE1 . HIS A 1 183 ? 0.095   -13.334 2.556   1.00 23.79 ? 189  HIS A CE1 1 
ATOM   1331 N NE2 . HIS A 1 183 ? 0.749   -12.126 2.548   1.00 27.57 ? 189  HIS A NE2 1 
ATOM   1332 N N   . LEU A 1 184 ? -4.788  -10.709 6.517   1.00 23.75 ? 190  LEU A N   1 
ATOM   1333 C CA  . LEU A 1 184 ? -5.584  -10.042 7.566   1.00 24.55 ? 190  LEU A CA  1 
ATOM   1334 C C   . LEU A 1 184 ? -5.450  -10.704 8.915   1.00 26.51 ? 190  LEU A C   1 
ATOM   1335 O O   . LEU A 1 184 ? -5.338  -11.935 8.996   1.00 28.73 ? 190  LEU A O   1 
ATOM   1336 C CB  . LEU A 1 184 ? -7.073  -10.003 7.169   1.00 23.99 ? 190  LEU A CB  1 
ATOM   1337 C CG  . LEU A 1 184 ? -7.337  -9.264  5.856   1.00 23.67 ? 190  LEU A CG  1 
ATOM   1338 C CD1 . LEU A 1 184 ? -8.815  -9.258  5.503   1.00 22.08 ? 190  LEU A CD1 1 
ATOM   1339 C CD2 . LEU A 1 184 ? -6.752  -7.841  5.937   1.00 24.10 ? 190  LEU A CD2 1 
ATOM   1340 N N   . LYS A 1 185 ? -5.496  -9.916  9.976   1.00 27.57 ? 191  LYS A N   1 
ATOM   1341 C CA  . LYS A 1 185 ? -5.531  -10.509 11.328  1.00 31.92 ? 191  LYS A CA  1 
ATOM   1342 C C   . LYS A 1 185 ? -6.810  -11.367 11.417  1.00 33.77 ? 191  LYS A C   1 
ATOM   1343 O O   . LYS A 1 185 ? -7.744  -11.205 10.597  1.00 32.19 ? 191  LYS A O   1 
ATOM   1344 C CB  . LYS A 1 185 ? -5.494  -9.423  12.438  1.00 31.09 ? 191  LYS A CB  1 
ATOM   1345 C CG  . LYS A 1 185 ? -4.297  -8.445  12.437  1.00 36.73 ? 191  LYS A CG  1 
ATOM   1346 C CD  . LYS A 1 185 ? -4.335  -7.406  13.601  1.00 38.23 ? 191  LYS A CD  1 
ATOM   1347 C CE  . LYS A 1 185 ? -3.639  -6.070  13.231  1.00 42.77 ? 191  LYS A CE  1 
ATOM   1348 N NZ  . LYS A 1 185 ? -3.356  -4.940  14.239  1.00 36.25 ? 191  LYS A NZ  1 
ATOM   1349 N N   . GLU A 1 186 ? -6.880  -12.262 12.399  1.00 36.72 ? 192  GLU A N   1 
ATOM   1350 C CA  . GLU A 1 186 ? -8.043  -13.145 12.528  1.00 39.10 ? 192  GLU A CA  1 
ATOM   1351 C C   . GLU A 1 186 ? -9.367  -12.417 12.857  1.00 38.59 ? 192  GLU A C   1 
ATOM   1352 O O   . GLU A 1 186 ? -10.445 -12.837 12.433  1.00 37.87 ? 192  GLU A O   1 
ATOM   1353 C CB  . GLU A 1 186 ? -7.776  -14.233 13.571  1.00 45.67 ? 192  GLU A CB  1 
ATOM   1354 C CG  . GLU A 1 186 ? -8.501  -15.524 13.238  1.00 54.72 ? 192  GLU A CG  1 
ATOM   1355 C CD  . GLU A 1 186 ? -9.107  -16.195 14.453  1.00 64.63 ? 192  GLU A CD  1 
ATOM   1356 O OE1 . GLU A 1 186 ? -9.808  -15.503 15.224  1.00 69.74 ? 192  GLU A OE1 1 
ATOM   1357 O OE2 . GLU A 1 186 ? -8.898  -17.420 14.624  1.00 66.73 ? 192  GLU A OE2 1 
ATOM   1358 N N   . ASP A 1 187 ? -9.268  -11.333 13.611  1.00 38.28 ? 193  ASP A N   1 
ATOM   1359 C CA  . ASP A 1 187 ? -10.413 -10.513 13.989  1.00 42.43 ? 193  ASP A CA  1 
ATOM   1360 C C   . ASP A 1 187 ? -10.891 -9.536  12.888  1.00 38.19 ? 193  ASP A C   1 
ATOM   1361 O O   . ASP A 1 187 ? -11.837 -8.791  13.122  1.00 37.61 ? 193  ASP A O   1 
ATOM   1362 C CB  . ASP A 1 187 ? -10.092 -9.739  15.300  1.00 48.98 ? 193  ASP A CB  1 
ATOM   1363 C CG  . ASP A 1 187 ? -8.731  -9.006  15.251  1.00 59.38 ? 193  ASP A CG  1 
ATOM   1364 O OD1 . ASP A 1 187 ? -7.768  -9.574  14.690  1.00 60.43 ? 193  ASP A OD1 1 
ATOM   1365 O OD2 . ASP A 1 187 ? -8.605  -7.870  15.781  1.00 64.25 ? 193  ASP A OD2 1 
ATOM   1366 N N   . GLN A 1 188 ? -10.264 -9.545  11.705  1.00 32.64 ? 194  GLN A N   1 
ATOM   1367 C CA  . GLN A 1 188 ? -10.544 -8.523  10.680  1.00 30.14 ? 194  GLN A CA  1 
ATOM   1368 C C   . GLN A 1 188 ? -11.033 -9.067  9.344   1.00 30.16 ? 194  GLN A C   1 
ATOM   1369 O O   . GLN A 1 188 ? -10.853 -8.439  8.308   1.00 30.97 ? 194  GLN A O   1 
ATOM   1370 C CB  . GLN A 1 188 ? -9.306  -7.659  10.421  1.00 29.49 ? 194  GLN A CB  1 
ATOM   1371 C CG  . GLN A 1 188 ? -8.664  -7.043  11.641  1.00 26.19 ? 194  GLN A CG  1 
ATOM   1372 C CD  . GLN A 1 188 ? -9.600  -6.080  12.356  1.00 29.69 ? 194  GLN A CD  1 
ATOM   1373 O OE1 . GLN A 1 188 ? -10.307 -5.269  11.721  1.00 27.97 ? 194  GLN A OE1 1 
ATOM   1374 N NE2 . GLN A 1 188 ? -9.597  -6.145  13.683  1.00 27.53 ? 194  GLN A NE2 1 
ATOM   1375 N N   . THR A 1 189 ? -11.630 -10.248 9.351   1.00 31.28 ? 195  THR A N   1 
ATOM   1376 C CA  . THR A 1 189 ? -12.134 -10.842 8.121   1.00 32.66 ? 195  THR A CA  1 
ATOM   1377 C C   . THR A 1 189 ? -13.366 -10.101 7.563   1.00 29.56 ? 195  THR A C   1 
ATOM   1378 O O   . THR A 1 189 ? -13.757 -10.329 6.436   1.00 30.55 ? 195  THR A O   1 
ATOM   1379 C CB  . THR A 1 189 ? -12.459 -12.330 8.319   1.00 32.81 ? 195  THR A CB  1 
ATOM   1380 O OG1 . THR A 1 189 ? -13.326 -12.446 9.449   1.00 35.08 ? 195  THR A OG1 1 
ATOM   1381 C CG2 . THR A 1 189 ? -11.164 -13.113 8.613   1.00 36.39 ? 195  THR A CG2 1 
ATOM   1382 N N   . GLU A 1 190 ? -13.968 -9.206  8.333   1.00 28.82 ? 196  GLU A N   1 
ATOM   1383 C CA  . GLU A 1 190 ? -15.022 -8.334  7.769   1.00 30.16 ? 196  GLU A CA  1 
ATOM   1384 C C   . GLU A 1 190 ? -14.597 -7.654  6.435   1.00 29.62 ? 196  GLU A C   1 
ATOM   1385 O O   . GLU A 1 190 ? -15.437 -7.428  5.548   1.00 28.90 ? 196  GLU A O   1 
ATOM   1386 C CB  . GLU A 1 190 ? -15.479 -7.293  8.800   1.00 32.09 ? 196  GLU A CB  1 
ATOM   1387 C CG  . GLU A 1 190 ? -14.521 -6.117  8.996   1.00 32.61 ? 196  GLU A CG  1 
ATOM   1388 C CD  . GLU A 1 190 ? -14.976 -5.177  10.112  1.00 33.63 ? 196  GLU A CD  1 
ATOM   1389 O OE1 . GLU A 1 190 ? -14.711 -5.481  11.294  1.00 33.34 ? 196  GLU A OE1 1 
ATOM   1390 O OE2 . GLU A 1 190 ? -15.611 -4.136  9.812   1.00 34.02 ? 196  GLU A OE2 1 
ATOM   1391 N N   . TYR A 1 191 ? -13.298 -7.344  6.307   1.00 26.07 ? 197  TYR A N   1 
ATOM   1392 C CA  . TYR A 1 191 ? -12.755 -6.689  5.127   1.00 25.51 ? 197  TYR A CA  1 
ATOM   1393 C C   . TYR A 1 191 ? -12.593 -7.610  3.924   1.00 28.00 ? 197  TYR A C   1 
ATOM   1394 O O   . TYR A 1 191 ? -12.039 -7.216  2.913   1.00 29.46 ? 197  TYR A O   1 
ATOM   1395 C CB  . TYR A 1 191 ? -11.467 -5.901  5.458   1.00 24.12 ? 197  TYR A CB  1 
ATOM   1396 C CG  . TYR A 1 191 ? -11.710 -4.885  6.577   1.00 23.59 ? 197  TYR A CG  1 
ATOM   1397 C CD1 . TYR A 1 191 ? -12.554 -3.796  6.381   1.00 22.88 ? 197  TYR A CD1 1 
ATOM   1398 C CD2 . TYR A 1 191 ? -11.158 -5.063  7.851   1.00 24.01 ? 197  TYR A CD2 1 
ATOM   1399 C CE1 . TYR A 1 191 ? -12.807 -2.879  7.404   1.00 23.50 ? 197  TYR A CE1 1 
ATOM   1400 C CE2 . TYR A 1 191 ? -11.430 -4.166  8.890   1.00 23.49 ? 197  TYR A CE2 1 
ATOM   1401 C CZ  . TYR A 1 191 ? -12.257 -3.076  8.670   1.00 23.89 ? 197  TYR A CZ  1 
ATOM   1402 O OH  . TYR A 1 191 ? -12.523 -2.170  9.719   1.00 23.84 ? 197  TYR A OH  1 
ATOM   1403 N N   . LEU A 1 192 ? -13.096 -8.840  4.040   1.00 30.52 ? 198  LEU A N   1 
ATOM   1404 C CA  . LEU A 1 192 ? -13.163 -9.756  2.921   1.00 32.11 ? 198  LEU A CA  1 
ATOM   1405 C C   . LEU A 1 192 ? -14.578 -9.814  2.353   1.00 35.42 ? 198  LEU A C   1 
ATOM   1406 O O   . LEU A 1 192 ? -14.817 -10.466 1.325   1.00 35.15 ? 198  LEU A O   1 
ATOM   1407 C CB  . LEU A 1 192 ? -12.692 -11.157 3.344   1.00 31.61 ? 198  LEU A CB  1 
ATOM   1408 C CG  . LEU A 1 192 ? -11.206 -11.320 3.662   1.00 33.54 ? 198  LEU A CG  1 
ATOM   1409 C CD1 . LEU A 1 192 ? -10.943 -12.714 4.222   1.00 34.47 ? 198  LEU A CD1 1 
ATOM   1410 C CD2 . LEU A 1 192 ? -10.361 -11.039 2.431   1.00 31.93 ? 198  LEU A CD2 1 
ATOM   1411 N N   . GLU A 1 193 ? -15.506 -9.126  3.016   1.00 36.80 ? 199  GLU A N   1 
ATOM   1412 C CA  . GLU A 1 193 ? -16.930 -9.152  2.638   1.00 39.37 ? 199  GLU A CA  1 
ATOM   1413 C C   . GLU A 1 193 ? -17.233 -8.088  1.619   1.00 39.46 ? 199  GLU A C   1 
ATOM   1414 O O   . GLU A 1 193 ? -16.952 -6.898  1.838   1.00 38.18 ? 199  GLU A O   1 
ATOM   1415 C CB  . GLU A 1 193 ? -17.830 -8.972  3.861   1.00 41.06 ? 199  GLU A CB  1 
ATOM   1416 C CG  . GLU A 1 193 ? -17.833 -10.168 4.809   1.00 47.81 ? 199  GLU A CG  1 
ATOM   1417 C CD  . GLU A 1 193 ? -18.340 -9.807  6.193   1.00 55.44 ? 199  GLU A CD  1 
ATOM   1418 O OE1 . GLU A 1 193 ? -19.102 -8.809  6.326   1.00 66.05 ? 199  GLU A OE1 1 
ATOM   1419 O OE2 . GLU A 1 193 ? -17.970 -10.514 7.156   1.00 56.07 ? 199  GLU A OE2 1 
ATOM   1420 N N   . GLU A 1 194 ? -17.790 -8.522  0.490   1.00 41.18 ? 200  GLU A N   1 
ATOM   1421 C CA  . GLU A 1 194 ? -18.170 -7.621  -0.589  1.00 40.63 ? 200  GLU A CA  1 
ATOM   1422 C C   . GLU A 1 194 ? -18.840 -6.337  -0.062  1.00 38.24 ? 200  GLU A C   1 
ATOM   1423 O O   . GLU A 1 194 ? -18.528 -5.215  -0.463  1.00 39.96 ? 200  GLU A O   1 
ATOM   1424 C CB  . GLU A 1 194 ? -19.113 -8.351  -1.571  1.00 40.71 ? 200  GLU A CB  1 
ATOM   1425 C CG  . GLU A 1 194 ? -19.379 -7.536  -2.828  1.00 43.95 ? 200  GLU A CG  1 
ATOM   1426 C CD  . GLU A 1 194 ? -20.390 -8.153  -3.798  1.00 52.23 ? 200  GLU A CD  1 
ATOM   1427 O OE1 . GLU A 1 194 ? -20.850 -9.327  -3.637  1.00 48.92 ? 200  GLU A OE1 1 
ATOM   1428 O OE2 . GLU A 1 194 ? -20.717 -7.429  -4.761  1.00 56.84 ? 200  GLU A OE2 1 
ATOM   1429 N N   . ARG A 1 195 ? -19.767 -6.531  0.851   1.00 36.51 ? 201  ARG A N   1 
ATOM   1430 C CA  . ARG A 1 195 ? -20.662 -5.492  1.298   1.00 38.43 ? 201  ARG A CA  1 
ATOM   1431 C C   . ARG A 1 195 ? -19.946 -4.499  2.223   1.00 33.10 ? 201  ARG A C   1 
ATOM   1432 O O   . ARG A 1 195 ? -20.144 -3.290  2.137   1.00 31.51 ? 201  ARG A O   1 
ATOM   1433 C CB  . ARG A 1 195 ? -21.746 -6.218  2.057   1.00 44.55 ? 201  ARG A CB  1 
ATOM   1434 C CG  . ARG A 1 195 ? -23.064 -5.522  2.244   1.00 51.22 ? 201  ARG A CG  1 
ATOM   1435 C CD  . ARG A 1 195 ? -23.876 -6.490  3.096   1.00 58.58 ? 201  ARG A CD  1 
ATOM   1436 N NE  . ARG A 1 195 ? -22.984 -7.223  4.005   1.00 59.63 ? 201  ARG A NE  1 
ATOM   1437 C CZ  . ARG A 1 195 ? -23.370 -8.126  4.904   1.00 63.19 ? 201  ARG A CZ  1 
ATOM   1438 N NH1 . ARG A 1 195 ? -24.660 -8.437  5.050   1.00 60.94 ? 201  ARG A NH1 1 
ATOM   1439 N NH2 . ARG A 1 195 ? -22.455 -8.712  5.674   1.00 62.69 ? 201  ARG A NH2 1 
ATOM   1440 N N   . ARG A 1 196 ? -19.111 -5.018  3.112   1.00 30.64 ? 202  ARG A N   1 
ATOM   1441 C CA  . ARG A 1 196 ? -18.250 -4.173  3.926   1.00 28.29 ? 202  ARG A CA  1 
ATOM   1442 C C   . ARG A 1 196 ? -17.332 -3.344  3.020   1.00 25.38 ? 202  ARG A C   1 
ATOM   1443 O O   . ARG A 1 196 ? -17.190 -2.143  3.221   1.00 26.10 ? 202  ARG A O   1 
ATOM   1444 C CB  . ARG A 1 196 ? -17.423 -5.039  4.891   1.00 28.19 ? 202  ARG A CB  1 
ATOM   1445 C CG  . ARG A 1 196 ? -16.595 -4.251  5.909   1.00 27.36 ? 202  ARG A CG  1 
ATOM   1446 C CD  . ARG A 1 196 ? -17.491 -3.418  6.827   1.00 25.11 ? 202  ARG A CD  1 
ATOM   1447 N NE  . ARG A 1 196 ? -16.733 -2.831  7.917   1.00 24.41 ? 202  ARG A NE  1 
ATOM   1448 C CZ  . ARG A 1 196 ? -16.630 -1.531  8.167   1.00 23.95 ? 202  ARG A CZ  1 
ATOM   1449 N NH1 . ARG A 1 196 ? -17.233 -0.627  7.388   1.00 21.51 ? 202  ARG A NH1 1 
ATOM   1450 N NH2 . ARG A 1 196 ? -15.892 -1.131  9.198   1.00 22.32 ? 202  ARG A NH2 1 
ATOM   1451 N N   . ILE A 1 197 ? -16.752 -3.957  1.993   1.00 23.98 ? 203  ILE A N   1 
ATOM   1452 C CA  . ILE A 1 197 ? -15.758 -3.236  1.185   1.00 24.94 ? 203  ILE A CA  1 
ATOM   1453 C C   . ILE A 1 197 ? -16.432 -2.154  0.371   1.00 25.18 ? 203  ILE A C   1 
ATOM   1454 O O   . ILE A 1 197 ? -15.888 -1.049  0.210   1.00 24.47 ? 203  ILE A O   1 
ATOM   1455 C CB  . ILE A 1 197 ? -14.992 -4.145  0.220   1.00 25.82 ? 203  ILE A CB  1 
ATOM   1456 C CG1 . ILE A 1 197 ? -14.095 -5.098  0.980   1.00 24.09 ? 203  ILE A CG1 1 
ATOM   1457 C CG2 . ILE A 1 197 ? -14.169 -3.303  -0.764  1.00 26.52 ? 203  ILE A CG2 1 
ATOM   1458 C CD1 . ILE A 1 197 ? -13.763 -6.344  0.182   1.00 23.88 ? 203  ILE A CD1 1 
ATOM   1459 N N   . LYS A 1 198 ? -17.602 -2.499  -0.147  1.00 26.07 ? 204  LYS A N   1 
ATOM   1460 C CA  . LYS A 1 198 ? -18.379 -1.619  -0.990  1.00 29.82 ? 204  LYS A CA  1 
ATOM   1461 C C   . LYS A 1 198 ? -18.844 -0.434  -0.164  1.00 29.32 ? 204  LYS A C   1 
ATOM   1462 O O   . LYS A 1 198 ? -18.699 0.713   -0.606  1.00 30.95 ? 204  LYS A O   1 
ATOM   1463 C CB  . LYS A 1 198 ? -19.585 -2.364  -1.592  1.00 35.05 ? 204  LYS A CB  1 
ATOM   1464 C CG  . LYS A 1 198 ? -19.980 -1.896  -2.988  1.00 42.88 ? 204  LYS A CG  1 
ATOM   1465 C CD  . LYS A 1 198 ? -21.159 -2.700  -3.560  1.00 45.12 ? 204  LYS A CD  1 
ATOM   1466 C CE  . LYS A 1 198 ? -20.759 -4.133  -3.915  1.00 45.35 ? 204  LYS A CE  1 
ATOM   1467 N NZ  . LYS A 1 198 ? -21.860 -4.917  -4.572  1.00 45.31 ? 204  LYS A NZ  1 
ATOM   1468 N N   . GLU A 1 199 ? -19.353 -0.695  1.050   1.00 27.15 ? 205  GLU A N   1 
ATOM   1469 C CA  . GLU A 1 199 ? -19.680 0.398   1.992   1.00 27.31 ? 205  GLU A CA  1 
ATOM   1470 C C   . GLU A 1 199 ? -18.478 1.344   2.254   1.00 27.25 ? 205  GLU A C   1 
ATOM   1471 O O   . GLU A 1 199 ? -18.633 2.567   2.268   1.00 28.31 ? 205  GLU A O   1 
ATOM   1472 C CB  . GLU A 1 199 ? -20.213 -0.175  3.319   1.00 27.42 ? 205  GLU A CB  1 
ATOM   1473 C CG  . GLU A 1 199 ? -20.536 0.868   4.395   1.00 30.17 ? 205  GLU A CG  1 
ATOM   1474 C CD  . GLU A 1 199 ? -20.696 0.240   5.767   1.00 32.81 ? 205  GLU A CD  1 
ATOM   1475 O OE1 . GLU A 1 199 ? -19.815 -0.584  6.132   1.00 32.57 ? 205  GLU A OE1 1 
ATOM   1476 O OE2 . GLU A 1 199 ? -21.706 0.546   6.464   1.00 32.37 ? 205  GLU A OE2 1 
ATOM   1477 N N   . ILE A 1 200 ? -17.293 0.771   2.463   1.00 24.59 ? 206  ILE A N   1 
ATOM   1478 C CA  . ILE A 1 200 ? -16.088 1.557   2.738   1.00 27.01 ? 206  ILE A CA  1 
ATOM   1479 C C   . ILE A 1 200 ? -15.614 2.397   1.531   1.00 29.37 ? 206  ILE A C   1 
ATOM   1480 O O   . ILE A 1 200 ? -15.261 3.562   1.687   1.00 29.16 ? 206  ILE A O   1 
ATOM   1481 C CB  . ILE A 1 200 ? -14.943 0.629   3.205   1.00 27.21 ? 206  ILE A CB  1 
ATOM   1482 C CG1 . ILE A 1 200 ? -15.299 -0.026  4.554   1.00 27.17 ? 206  ILE A CG1 1 
ATOM   1483 C CG2 . ILE A 1 200 ? -13.645 1.389   3.310   1.00 25.78 ? 206  ILE A CG2 1 
ATOM   1484 C CD1 . ILE A 1 200 ? -14.356 -1.165  4.924   1.00 28.69 ? 206  ILE A CD1 1 
ATOM   1485 N N   . VAL A 1 201 ? -15.609 1.801   0.337   1.00 28.60 ? 207  VAL A N   1 
ATOM   1486 C CA  . VAL A 1 201 ? -15.223 2.501   -0.878  1.00 29.20 ? 207  VAL A CA  1 
ATOM   1487 C C   . VAL A 1 201 ? -16.161 3.690   -1.111  1.00 31.87 ? 207  VAL A C   1 
ATOM   1488 O O   . VAL A 1 201 ? -15.702 4.792   -1.370  1.00 32.14 ? 207  VAL A O   1 
ATOM   1489 C CB  . VAL A 1 201 ? -15.229 1.524   -2.087  1.00 29.31 ? 207  VAL A CB  1 
ATOM   1490 C CG1 . VAL A 1 201 ? -15.165 2.253   -3.413  1.00 26.33 ? 207  VAL A CG1 1 
ATOM   1491 C CG2 . VAL A 1 201 ? -14.053 0.571   -1.967  1.00 29.80 ? 207  VAL A CG2 1 
ATOM   1492 N N   . LYS A 1 202 ? -17.465 3.442   -1.004  1.00 35.47 ? 208  LYS A N   1 
ATOM   1493 C CA  . LYS A 1 202 ? -18.519 4.437   -1.206  1.00 40.84 ? 208  LYS A CA  1 
ATOM   1494 C C   . LYS A 1 202 ? -18.359 5.656   -0.284  1.00 42.33 ? 208  LYS A C   1 
ATOM   1495 O O   . LYS A 1 202 ? -18.470 6.790   -0.728  1.00 38.87 ? 208  LYS A O   1 
ATOM   1496 C CB  . LYS A 1 202 ? -19.893 3.772   -0.988  1.00 44.52 ? 208  LYS A CB  1 
ATOM   1497 C CG  . LYS A 1 202 ? -21.118 4.597   -1.379  1.00 51.00 ? 208  LYS A CG  1 
ATOM   1498 C CD  . LYS A 1 202 ? -22.400 3.782   -1.196  1.00 58.12 ? 208  LYS A CD  1 
ATOM   1499 C CE  . LYS A 1 202 ? -23.644 4.666   -1.053  1.00 64.05 ? 208  LYS A CE  1 
ATOM   1500 N NZ  . LYS A 1 202 ? -24.907 3.881   -0.880  1.00 61.02 ? 208  LYS A NZ  1 
ATOM   1501 N N   . LYS A 1 203 ? -18.092 5.406   0.993   1.00 47.14 ? 209  LYS A N   1 
ATOM   1502 C CA  . LYS A 1 203 ? -17.945 6.466   2.003   1.00 50.38 ? 209  LYS A CA  1 
ATOM   1503 C C   . LYS A 1 203 ? -16.670 7.294   1.875   1.00 51.34 ? 209  LYS A C   1 
ATOM   1504 O O   . LYS A 1 203 ? -16.691 8.515   2.086   1.00 51.85 ? 209  LYS A O   1 
ATOM   1505 C CB  . LYS A 1 203 ? -17.973 5.861   3.408   1.00 55.20 ? 209  LYS A CB  1 
ATOM   1506 C CG  . LYS A 1 203 ? -19.260 6.088   4.185   1.00 65.84 ? 209  LYS A CG  1 
ATOM   1507 C CD  . LYS A 1 203 ? -19.128 5.526   5.597   1.00 71.87 ? 209  LYS A CD  1 
ATOM   1508 C CE  . LYS A 1 203 ? -17.849 6.031   6.268   1.00 72.98 ? 209  LYS A CE  1 
ATOM   1509 N NZ  . LYS A 1 203 ? -17.536 5.340   7.552   1.00 70.58 ? 209  LYS A NZ  1 
ATOM   1510 N N   . HIS A 1 204 ? -15.558 6.639   1.548   1.00 49.70 ? 210  HIS A N   1 
ATOM   1511 C CA  . HIS A 1 204 ? -14.251 7.297   1.635   1.00 47.89 ? 210  HIS A CA  1 
ATOM   1512 C C   . HIS A 1 204 ? -13.449 7.437   0.376   1.00 43.14 ? 210  HIS A C   1 
ATOM   1513 O O   . HIS A 1 204 ? -12.483 8.189   0.366   1.00 41.96 ? 210  HIS A O   1 
ATOM   1514 C CB  . HIS A 1 204 ? -13.389 6.619   2.696   1.00 58.20 ? 210  HIS A CB  1 
ATOM   1515 C CG  . HIS A 1 204 ? -13.763 6.980   4.104   1.00 65.37 ? 210  HIS A CG  1 
ATOM   1516 N ND1 . HIS A 1 204 ? -14.163 8.221   4.451   1.00 66.57 ? 210  HIS A ND1 1 
ATOM   1517 C CD2 . HIS A 1 204 ? -13.763 6.218   5.273   1.00 69.27 ? 210  HIS A CD2 1 
ATOM   1518 C CE1 . HIS A 1 204 ? -14.421 8.249   5.774   1.00 75.01 ? 210  HIS A CE1 1 
ATOM   1519 N NE2 . HIS A 1 204 ? -14.176 7.022   6.276   1.00 75.29 ? 210  HIS A NE2 1 
ATOM   1520 N N   . SER A 1 205 ? -13.815 6.718   -0.683  1.00 40.71 ? 211  SER A N   1 
ATOM   1521 C CA  . SER A 1 205 ? -13.013 6.683   -1.912  1.00 40.10 ? 211  SER A CA  1 
ATOM   1522 C C   . SER A 1 205 ? -13.845 6.831   -3.180  1.00 39.28 ? 211  SER A C   1 
ATOM   1523 O O   . SER A 1 205 ? -13.529 6.213   -4.189  1.00 39.67 ? 211  SER A O   1 
ATOM   1524 C CB  . SER A 1 205 ? -12.223 5.357   -1.993  1.00 36.03 ? 211  SER A CB  1 
ATOM   1525 O OG  . SER A 1 205 ? -11.245 5.254   -0.977  1.00 33.94 ? 211  SER A OG  1 
ATOM   1526 N N   . GLN A 1 206 ? -14.886 7.660   -3.141  1.00 42.30 ? 212  GLN A N   1 
ATOM   1527 C CA  . GLN A 1 206 ? -15.855 7.746   -4.243  1.00 42.42 ? 212  GLN A CA  1 
ATOM   1528 C C   . GLN A 1 206 ? -15.466 8.668   -5.420  1.00 42.27 ? 212  GLN A C   1 
ATOM   1529 O O   . GLN A 1 206 ? -16.204 8.736   -6.419  1.00 43.24 ? 212  GLN A O   1 
ATOM   1530 C CB  . GLN A 1 206 ? -17.224 8.161   -3.698  1.00 48.40 ? 212  GLN A CB  1 
ATOM   1531 C CG  . GLN A 1 206 ? -17.241 9.582   -3.147  1.00 54.02 ? 212  GLN A CG  1 
ATOM   1532 C CD  . GLN A 1 206 ? -18.366 9.841   -2.157  1.00 62.94 ? 212  GLN A CD  1 
ATOM   1533 O OE1 . GLN A 1 206 ? -19.547 9.867   -2.524  1.00 70.17 ? 212  GLN A OE1 1 
ATOM   1534 N NE2 . GLN A 1 206 ? -18.002 10.050  -0.893  1.00 62.68 ? 212  GLN A NE2 1 
ATOM   1535 N N   . PHE A 1 207 ? -14.336 9.370   -5.314  1.00 37.58 ? 213  PHE A N   1 
ATOM   1536 C CA  . PHE A 1 207 ? -13.961 10.363  -6.331  1.00 36.43 ? 213  PHE A CA  1 
ATOM   1537 C C   . PHE A 1 207 ? -12.561 10.144  -6.904  1.00 36.29 ? 213  PHE A C   1 
ATOM   1538 O O   . PHE A 1 207 ? -11.893 11.081  -7.382  1.00 37.42 ? 213  PHE A O   1 
ATOM   1539 C CB  . PHE A 1 207 ? -14.130 11.797  -5.781  1.00 35.82 ? 213  PHE A CB  1 
ATOM   1540 C CG  . PHE A 1 207 ? -15.564 12.164  -5.506  1.00 38.62 ? 213  PHE A CG  1 
ATOM   1541 C CD1 . PHE A 1 207 ? -16.529 12.057  -6.511  1.00 38.03 ? 213  PHE A CD1 1 
ATOM   1542 C CD2 . PHE A 1 207 ? -15.956 12.612  -4.243  1.00 43.23 ? 213  PHE A CD2 1 
ATOM   1543 C CE1 . PHE A 1 207 ? -17.848 12.390  -6.265  1.00 42.78 ? 213  PHE A CE1 1 
ATOM   1544 C CE2 . PHE A 1 207 ? -17.282 12.943  -3.988  1.00 44.51 ? 213  PHE A CE2 1 
ATOM   1545 C CZ  . PHE A 1 207 ? -18.228 12.835  -5.000  1.00 44.14 ? 213  PHE A CZ  1 
ATOM   1546 N N   . ILE A 1 208 ? -12.132 8.888   -6.880  1.00 33.13 ? 214  ILE A N   1 
ATOM   1547 C CA  . ILE A 1 208 ? -10.861 8.521   -7.455  1.00 30.63 ? 214  ILE A CA  1 
ATOM   1548 C C   . ILE A 1 208 ? -10.956 8.644   -8.983  1.00 31.97 ? 214  ILE A C   1 
ATOM   1549 O O   . ILE A 1 208 ? -11.953 8.251   -9.601  1.00 30.81 ? 214  ILE A O   1 
ATOM   1550 C CB  . ILE A 1 208 ? -10.405 7.121   -6.949  1.00 29.95 ? 214  ILE A CB  1 
ATOM   1551 C CG1 . ILE A 1 208 ? -10.121 7.153   -5.419  1.00 28.68 ? 214  ILE A CG1 1 
ATOM   1552 C CG2 . ILE A 1 208 ? -9.195  6.599   -7.719  1.00 29.11 ? 214  ILE A CG2 1 
ATOM   1553 C CD1 . ILE A 1 208 ? -9.151  8.233   -4.916  1.00 25.49 ? 214  ILE A CD1 1 
ATOM   1554 N N   . GLY A 1 209 ? -9.912  9.207   -9.589  1.00 30.31 ? 215  GLY A N   1 
ATOM   1555 C CA  . GLY A 1 209 ? -9.921  9.452   -11.039 1.00 30.64 ? 215  GLY A CA  1 
ATOM   1556 C C   . GLY A 1 209 ? -9.495  8.272   -11.892 1.00 31.18 ? 215  GLY A C   1 
ATOM   1557 O O   . GLY A 1 209 ? -9.037  8.466   -13.001 1.00 31.29 ? 215  GLY A O   1 
ATOM   1558 N N   . TYR A 1 210 ? -9.659  7.049   -11.378 1.00 31.54 ? 216  TYR A N   1 
ATOM   1559 C CA  . TYR A 1 210 ? -9.306  5.803   -12.095 1.00 28.13 ? 216  TYR A CA  1 
ATOM   1560 C C   . TYR A 1 210 ? -10.376 4.788   -11.777 1.00 26.75 ? 216  TYR A C   1 
ATOM   1561 O O   . TYR A 1 210 ? -10.955 4.857   -10.704 1.00 30.35 ? 216  TYR A O   1 
ATOM   1562 C CB  . TYR A 1 210 ? -7.919  5.322   -11.671 1.00 27.03 ? 216  TYR A CB  1 
ATOM   1563 C CG  . TYR A 1 210 ? -6.825  6.332   -11.999 1.00 27.86 ? 216  TYR A CG  1 
ATOM   1564 C CD1 . TYR A 1 210 ? -6.241  6.386   -13.288 1.00 27.46 ? 216  TYR A CD1 1 
ATOM   1565 C CD2 . TYR A 1 210 ? -6.377  7.245   -11.037 1.00 25.76 ? 216  TYR A CD2 1 
ATOM   1566 C CE1 . TYR A 1 210 ? -5.267  7.348   -13.595 1.00 26.83 ? 216  TYR A CE1 1 
ATOM   1567 C CE2 . TYR A 1 210 ? -5.404  8.193   -11.343 1.00 27.00 ? 216  TYR A CE2 1 
ATOM   1568 C CZ  . TYR A 1 210 ? -4.862  8.242   -12.616 1.00 27.25 ? 216  TYR A CZ  1 
ATOM   1569 O OH  . TYR A 1 210 ? -3.885  9.167   -12.898 1.00 34.15 ? 216  TYR A OH  1 
ATOM   1570 N N   . PRO A 1 211 ? -10.702 3.871   -12.710 1.00 26.15 ? 217  PRO A N   1 
ATOM   1571 C CA  . PRO A 1 211 ? -11.727 2.891   -12.332 1.00 26.06 ? 217  PRO A CA  1 
ATOM   1572 C C   . PRO A 1 211 ? -11.243 1.968   -11.202 1.00 26.25 ? 217  PRO A C   1 
ATOM   1573 O O   . PRO A 1 211 ? -10.041 1.634   -11.134 1.00 25.71 ? 217  PRO A O   1 
ATOM   1574 C CB  . PRO A 1 211 ? -11.929 2.068   -13.620 1.00 27.62 ? 217  PRO A CB  1 
ATOM   1575 C CG  . PRO A 1 211 ? -11.390 2.914   -14.750 1.00 27.98 ? 217  PRO A CG  1 
ATOM   1576 C CD  . PRO A 1 211 ? -10.273 3.718   -14.117 1.00 29.73 ? 217  PRO A CD  1 
ATOM   1577 N N   . ILE A 1 212 ? -12.162 1.608   -10.311 1.00 25.93 ? 218  ILE A N   1 
ATOM   1578 C CA  . ILE A 1 212 ? -11.902 0.694   -9.217  1.00 27.71 ? 218  ILE A CA  1 
ATOM   1579 C C   . ILE A 1 212 ? -12.876 -0.460  -9.394  1.00 28.52 ? 218  ILE A C   1 
ATOM   1580 O O   . ILE A 1 212 ? -14.087 -0.244  -9.353  1.00 27.18 ? 218  ILE A O   1 
ATOM   1581 C CB  . ILE A 1 212 ? -12.182 1.326   -7.834  1.00 29.19 ? 218  ILE A CB  1 
ATOM   1582 C CG1 . ILE A 1 212 ? -11.433 2.655   -7.637  1.00 31.24 ? 218  ILE A CG1 1 
ATOM   1583 C CG2 . ILE A 1 212 ? -11.859 0.343   -6.705  1.00 28.32 ? 218  ILE A CG2 1 
ATOM   1584 C CD1 . ILE A 1 212 ? -11.804 3.376   -6.348  1.00 28.59 ? 218  ILE A CD1 1 
ATOM   1585 N N   . THR A 1 213 ? -12.362 -1.681  -9.555  1.00 25.85 ? 219  THR A N   1 
ATOM   1586 C CA  . THR A 1 213 ? -13.236 -2.848  -9.673  1.00 23.56 ? 219  THR A CA  1 
ATOM   1587 C C   . THR A 1 213 ? -13.141 -3.709  -8.420  1.00 23.30 ? 219  THR A C   1 
ATOM   1588 O O   . THR A 1 213 ? -12.066 -4.148  -8.016  1.00 23.16 ? 219  THR A O   1 
ATOM   1589 C CB  . THR A 1 213 ? -12.802 -3.705  -10.859 1.00 23.63 ? 219  THR A CB  1 
ATOM   1590 O OG1 . THR A 1 213 ? -12.711 -2.879  -12.010 1.00 22.64 ? 219  THR A OG1 1 
ATOM   1591 C CG2 . THR A 1 213 ? -13.762 -4.859  -11.119 1.00 23.14 ? 219  THR A CG2 1 
ATOM   1592 N N   . LEU A 1 214 ? -14.280 -3.996  -7.837  1.00 23.43 ? 220  LEU A N   1 
ATOM   1593 C CA  . LEU A 1 214 ? -14.338 -4.840  -6.695  1.00 25.16 ? 220  LEU A CA  1 
ATOM   1594 C C   . LEU A 1 214 ? -14.635 -6.284  -7.124  1.00 27.28 ? 220  LEU A C   1 
ATOM   1595 O O   . LEU A 1 214 ? -15.740 -6.557  -7.547  1.00 29.31 ? 220  LEU A O   1 
ATOM   1596 C CB  . LEU A 1 214 ? -15.420 -4.315  -5.759  1.00 25.11 ? 220  LEU A CB  1 
ATOM   1597 C CG  . LEU A 1 214 ? -15.648 -5.145  -4.501  1.00 25.81 ? 220  LEU A CG  1 
ATOM   1598 C CD1 . LEU A 1 214 ? -14.379 -5.597  -3.766  1.00 23.68 ? 220  LEU A CD1 1 
ATOM   1599 C CD2 . LEU A 1 214 ? -16.593 -4.352  -3.615  1.00 25.72 ? 220  LEU A CD2 1 
ATOM   1600 N N   . PHE A 1 215 ? -13.648 -7.183  -7.040  1.00 26.45 ? 221  PHE A N   1 
ATOM   1601 C CA  . PHE A 1 215 ? -13.818 -8.598  -7.440  1.00 26.49 ? 221  PHE A CA  1 
ATOM   1602 C C   . PHE A 1 215 ? -14.686 -9.298  -6.403  1.00 27.89 ? 221  PHE A C   1 
ATOM   1603 O O   . PHE A 1 215 ? -14.605 -8.974  -5.217  1.00 29.79 ? 221  PHE A O   1 
ATOM   1604 C CB  . PHE A 1 215 ? -12.454 -9.341  -7.536  1.00 22.30 ? 221  PHE A CB  1 
ATOM   1605 C CG  . PHE A 1 215 ? -11.623 -9.044  -8.781  1.00 21.56 ? 221  PHE A CG  1 
ATOM   1606 C CD1 . PHE A 1 215 ? -11.558 -7.756  -9.353  1.00 20.74 ? 221  PHE A CD1 1 
ATOM   1607 C CD2 . PHE A 1 215 ? -10.838 -10.061 -9.349  1.00 20.10 ? 221  PHE A CD2 1 
ATOM   1608 C CE1 . PHE A 1 215 ? -10.781 -7.510  -10.494 1.00 21.90 ? 221  PHE A CE1 1 
ATOM   1609 C CE2 . PHE A 1 215 ? -10.037 -9.821  -10.483 1.00 20.24 ? 221  PHE A CE2 1 
ATOM   1610 C CZ  . PHE A 1 215 ? -10.003 -8.546  -11.064 1.00 22.46 ? 221  PHE A CZ  1 
ATOM   1611 N N   . VAL A 1 216 ? -15.474 -10.281 -6.832  1.00 30.28 ? 222  VAL A N   1 
ATOM   1612 C CA  . VAL A 1 216 ? -16.321 -11.057 -5.928  1.00 33.90 ? 222  VAL A CA  1 
ATOM   1613 C C   . VAL A 1 216 ? -15.672 -12.428 -5.803  1.00 36.70 ? 222  VAL A C   1 
ATOM   1614 O O   . VAL A 1 216 ? -14.909 -12.823 -6.691  1.00 34.69 ? 222  VAL A O   1 
ATOM   1615 C CB  . VAL A 1 216 ? -17.748 -11.222 -6.504  1.00 37.34 ? 222  VAL A CB  1 
ATOM   1616 C CG1 . VAL A 1 216 ? -18.599 -12.136 -5.621  1.00 38.70 ? 222  VAL A CG1 1 
ATOM   1617 C CG2 . VAL A 1 216 ? -18.424 -9.870  -6.655  1.00 38.56 ? 222  VAL A CG2 1 
ATOM   1618 N N   . GLU A 1 217 ? -15.953 -13.152 -4.721  1.00 39.10 ? 223  GLU A N   1 
ATOM   1619 C CA  . GLU A 1 217 ? -15.403 -14.514 -4.554  1.00 42.21 ? 223  GLU A CA  1 
ATOM   1620 C C   . GLU A 1 217 ? -16.301 -15.602 -5.127  1.00 42.08 ? 223  GLU A C   1 
ATOM   1621 O O   . GLU A 1 217 ? -17.517 -15.495 -5.031  1.00 40.11 ? 223  GLU A O   1 
ATOM   1622 C CB  . GLU A 1 217 ? -15.175 -14.822 -3.105  1.00 44.59 ? 223  GLU A CB  1 
ATOM   1623 C CG  . GLU A 1 217 ? -14.288 -13.822 -2.418  1.00 51.42 ? 223  GLU A CG  1 
ATOM   1624 C CD  . GLU A 1 217 ? -13.450 -14.490 -1.361  1.00 54.77 ? 223  GLU A CD  1 
ATOM   1625 O OE1 . GLU A 1 217 ? -12.881 -15.579 -1.644  1.00 53.03 ? 223  GLU A OE1 1 
ATOM   1626 O OE2 . GLU A 1 217 ? -13.367 -13.917 -0.258  1.00 59.03 ? 223  GLU A OE2 1 
HETATM 1627 O O1  . G3R B 2 .   ? 10.631  7.115   -6.404  1.00 37.53 ? 1224 G3R A O1  1 
HETATM 1628 C C2  . G3R B 2 .   ? 9.836   7.580   -5.313  1.00 35.84 ? 1224 G3R A C2  1 
HETATM 1629 C C3  . G3R B 2 .   ? 8.845   6.479   -4.961  1.00 34.25 ? 1224 G3R A C3  1 
HETATM 1630 N N4  . G3R B 2 .   ? 7.800   6.295   -5.968  1.00 33.40 ? 1224 G3R A N4  1 
HETATM 1631 C C6  . G3R B 2 .   ? 6.695   5.532   -5.683  1.00 29.65 ? 1224 G3R A C6  1 
HETATM 1632 C C7  . G3R B 2 .   ? 5.955   4.926   -6.710  1.00 27.48 ? 1224 G3R A C7  1 
HETATM 1633 C C19 . G3R B 2 .   ? 4.835   4.121   -6.435  1.00 25.13 ? 1224 G3R A C19 1 
HETATM 1634 C C8  . G3R B 2 .   ? 6.291   5.371   -4.351  1.00 26.83 ? 1224 G3R A C8  1 
HETATM 1635 C C9  . G3R B 2 .   ? 5.160   4.593   -4.068  1.00 27.71 ? 1224 G3R A C9  1 
HETATM 1636 C C18 . G3R B 2 .   ? 4.439   3.954   -5.110  1.00 25.46 ? 1224 G3R A C18 1 
HETATM 1637 N N10 . G3R B 2 .   ? 4.754   4.456   -2.773  1.00 24.96 ? 1224 G3R A N10 1 
HETATM 1638 C C11 . G3R B 2 .   ? 3.684   3.708   -2.466  1.00 23.96 ? 1224 G3R A C11 1 
HETATM 1639 N N12 . G3R B 2 .   ? 2.992   3.091   -3.444  1.00 24.27 ? 1224 G3R A N12 1 
HETATM 1640 N N13 . G3R B 2 .   ? 1.874   2.293   -3.240  1.00 23.23 ? 1224 G3R A N13 1 
HETATM 1641 C C17 . G3R B 2 .   ? 3.336   3.213   -4.717  1.00 23.77 ? 1224 G3R A C17 1 
HETATM 1642 N N16 . G3R B 2 .   ? 2.459   2.505   -5.444  1.00 23.91 ? 1224 G3R A N16 1 
HETATM 1643 C C14 . G3R B 2 .   ? 1.606   2.003   -4.515  1.00 24.64 ? 1224 G3R A C14 1 
HETATM 1644 N N15 . G3R B 2 .   ? 0.542   1.196   -4.838  1.00 26.34 ? 1224 G3R A N15 1 
HETATM 1645 C C20 . G3R B 2 .   ? 3.320   3.587   -1.006  1.00 22.96 ? 1224 G3R A C20 1 
HETATM 1646 C C21 . G3R B 2 .   ? 4.237   2.612   -0.282  1.00 22.65 ? 1224 G3R A C21 1 
HETATM 1647 C C22 . G3R B 2 .   ? 4.315   1.301   -0.720  1.00 21.89 ? 1224 G3R A C22 1 
HETATM 1648 C C23 . G3R B 2 .   ? 5.140   0.443   -0.017  1.00 23.18 ? 1224 G3R A C23 1 
HETATM 1649 O O24 . G3R B 2 .   ? 5.382   -0.880  -0.250  1.00 23.23 ? 1224 G3R A O24 1 
HETATM 1650 C C25 . G3R B 2 .   ? 6.377   -1.342  0.656   1.00 24.71 ? 1224 G3R A C25 1 
HETATM 1651 O O26 . G3R B 2 .   ? 6.553   -0.214  1.532   1.00 24.28 ? 1224 G3R A O26 1 
HETATM 1652 C C27 . G3R B 2 .   ? 5.845   0.851   1.060   1.00 24.46 ? 1224 G3R A C27 1 
HETATM 1653 C C28 . G3R B 2 .   ? 5.808   2.169   1.540   1.00 22.92 ? 1224 G3R A C28 1 
HETATM 1654 C C29 . G3R B 2 .   ? 4.980   3.034   0.831   1.00 22.97 ? 1224 G3R A C29 1 
HETATM 1655 O O   . HOH C 3 .   ? 17.147  -16.230 -2.771  1.00 47.18 ? 2001 HOH A O   1 
HETATM 1656 O O   . HOH C 3 .   ? 18.488  -12.340 4.660   1.00 38.95 ? 2002 HOH A O   1 
HETATM 1657 O O   . HOH C 3 .   ? 16.862  -9.200  -2.921  1.00 35.91 ? 2003 HOH A O   1 
HETATM 1658 O O   . HOH C 3 .   ? 19.971  -10.461 4.341   1.00 23.64 ? 2004 HOH A O   1 
HETATM 1659 O O   . HOH C 3 .   ? 13.172  2.566   6.696   1.00 9.57  ? 2005 HOH A O   1 
HETATM 1660 O O   . HOH C 3 .   ? 5.737   3.547   18.899  1.00 28.37 ? 2006 HOH A O   1 
HETATM 1661 O O   . HOH C 3 .   ? 8.329   -2.686  11.853  1.00 23.65 ? 2007 HOH A O   1 
HETATM 1662 O O   . HOH C 3 .   ? -4.279  1.406   16.182  1.00 30.56 ? 2008 HOH A O   1 
HETATM 1663 O O   . HOH C 3 .   ? -3.872  -1.979  15.227  1.00 26.40 ? 2009 HOH A O   1 
HETATM 1664 O O   . HOH C 3 .   ? -4.065  -1.739  17.926  1.00 38.74 ? 2010 HOH A O   1 
HETATM 1665 O O   . HOH C 3 .   ? -7.668  -0.935  18.279  1.00 32.00 ? 2011 HOH A O   1 
HETATM 1666 O O   . HOH C 3 .   ? -6.437  -0.103  15.581  1.00 30.18 ? 2012 HOH A O   1 
HETATM 1667 O O   . HOH C 3 .   ? -13.628 0.607   11.130  1.00 29.39 ? 2013 HOH A O   1 
HETATM 1668 O O   . HOH C 3 .   ? -12.335 8.739   9.606   1.00 35.38 ? 2014 HOH A O   1 
HETATM 1669 O O   . HOH C 3 .   ? -11.139 3.588   4.050   1.00 29.18 ? 2015 HOH A O   1 
HETATM 1670 O O   . HOH C 3 .   ? -12.245 3.824   1.167   1.00 33.22 ? 2016 HOH A O   1 
HETATM 1671 O O   . HOH C 3 .   ? -9.056  6.725   -1.304  1.00 25.96 ? 2017 HOH A O   1 
HETATM 1672 O O   . HOH C 3 .   ? -2.217  7.244   1.774   1.00 22.22 ? 2018 HOH A O   1 
HETATM 1673 O O   . HOH C 3 .   ? -5.334  10.323  5.605   1.00 30.38 ? 2019 HOH A O   1 
HETATM 1674 O O   . HOH C 3 .   ? -1.825  0.519   -2.852  1.00 18.34 ? 2020 HOH A O   1 
HETATM 1675 O O   . HOH C 3 .   ? -1.416  8.641   -0.980  1.00 26.58 ? 2021 HOH A O   1 
HETATM 1676 O O   . HOH C 3 .   ? 1.922   5.965   -4.173  1.00 18.40 ? 2022 HOH A O   1 
HETATM 1677 O O   . HOH C 3 .   ? 0.213   1.466   -1.114  1.00 17.44 ? 2023 HOH A O   1 
HETATM 1678 O O   . HOH C 3 .   ? 2.349   5.828   2.148   1.00 25.11 ? 2024 HOH A O   1 
HETATM 1679 O O   . HOH C 3 .   ? -1.554  -1.433  -4.761  1.00 13.19 ? 2025 HOH A O   1 
HETATM 1680 O O   . HOH C 3 .   ? 1.610   11.213  -7.819  1.00 33.04 ? 2026 HOH A O   1 
HETATM 1681 O O   . HOH C 3 .   ? -6.298  11.412  -10.710 1.00 24.47 ? 2027 HOH A O   1 
HETATM 1682 O O   . HOH C 3 .   ? 3.531   7.717   -5.639  1.00 30.43 ? 2028 HOH A O   1 
HETATM 1683 O O   . HOH C 3 .   ? 7.835   10.169  -4.060  1.00 24.87 ? 2029 HOH A O   1 
HETATM 1684 O O   . HOH C 3 .   ? -4.697  13.557  -17.172 1.00 46.86 ? 2030 HOH A O   1 
HETATM 1685 O O   . HOH C 3 .   ? -6.031  9.005   -16.659 1.00 41.31 ? 2031 HOH A O   1 
HETATM 1686 O O   . HOH C 3 .   ? 7.315   14.052  -17.738 1.00 29.61 ? 2032 HOH A O   1 
HETATM 1687 O O   . HOH C 3 .   ? 1.200   -0.508  -24.589 1.00 55.35 ? 2033 HOH A O   1 
HETATM 1688 O O   . HOH C 3 .   ? -3.158  -2.229  -20.840 1.00 41.58 ? 2034 HOH A O   1 
HETATM 1689 O O   . HOH C 3 .   ? -1.699  -1.600  -17.802 1.00 32.66 ? 2035 HOH A O   1 
HETATM 1690 O O   . HOH C 3 .   ? -8.053  4.913   -16.489 1.00 29.10 ? 2036 HOH A O   1 
HETATM 1691 O O   . HOH C 3 .   ? -10.424 -1.360  -12.445 1.00 28.00 ? 2037 HOH A O   1 
HETATM 1692 O O   . HOH C 3 .   ? -5.295  -7.988  -10.896 1.00 22.65 ? 2038 HOH A O   1 
HETATM 1693 O O   . HOH C 3 .   ? -6.386  -11.276 -2.175  1.00 15.76 ? 2039 HOH A O   1 
HETATM 1694 O O   . HOH C 3 .   ? -3.790  -14.000 -1.525  1.00 31.43 ? 2040 HOH A O   1 
HETATM 1695 O O   . HOH C 3 .   ? -2.992  -11.479 -4.244  1.00 26.11 ? 2041 HOH A O   1 
HETATM 1696 O O   . HOH C 3 .   ? -0.487  -4.315  -11.779 1.00 32.94 ? 2042 HOH A O   1 
HETATM 1697 O O   . HOH C 3 .   ? 2.478   1.355   -8.085  1.00 20.08 ? 2043 HOH A O   1 
HETATM 1698 O O   . HOH C 3 .   ? 7.574   2.110   -14.557 1.00 32.89 ? 2044 HOH A O   1 
HETATM 1699 O O   . HOH C 3 .   ? 8.846   4.704   -8.487  1.00 23.75 ? 2045 HOH A O   1 
HETATM 1700 O O   . HOH C 3 .   ? 10.718  -2.793  -10.319 1.00 24.71 ? 2046 HOH A O   1 
HETATM 1701 O O   . HOH C 3 .   ? 14.706  4.432   -8.378  1.00 33.29 ? 2047 HOH A O   1 
HETATM 1702 O O   . HOH C 3 .   ? 12.977  2.553   1.706   1.00 31.99 ? 2048 HOH A O   1 
HETATM 1703 O O   . HOH C 3 .   ? 10.976  -0.441  2.869   1.00 18.94 ? 2049 HOH A O   1 
HETATM 1704 O O   . HOH C 3 .   ? 7.398   5.048   3.010   1.00 32.34 ? 2050 HOH A O   1 
HETATM 1705 O O   . HOH C 3 .   ? 11.535  10.722  11.748  1.00 43.35 ? 2051 HOH A O   1 
HETATM 1706 O O   . HOH C 3 .   ? -3.446  17.939  15.478  1.00 51.44 ? 2052 HOH A O   1 
HETATM 1707 O O   . HOH C 3 .   ? -0.791  19.815  16.350  1.00 54.09 ? 2053 HOH A O   1 
HETATM 1708 O O   . HOH C 3 .   ? -5.807  8.449   16.962  1.00 37.01 ? 2054 HOH A O   1 
HETATM 1709 O O   . HOH C 3 .   ? 4.853   6.155   2.175   1.00 34.41 ? 2055 HOH A O   1 
HETATM 1710 O O   . HOH C 3 .   ? 0.206   8.383   2.596   1.00 25.36 ? 2056 HOH A O   1 
HETATM 1711 O O   . HOH C 3 .   ? 8.318   0.650   3.486   1.00 27.03 ? 2057 HOH A O   1 
HETATM 1712 O O   . HOH C 3 .   ? -0.341  -5.774  12.398  1.00 36.18 ? 2058 HOH A O   1 
HETATM 1713 O O   . HOH C 3 .   ? -4.168  -12.563 13.619  1.00 33.86 ? 2059 HOH A O   1 
HETATM 1714 O O   . HOH C 3 .   ? -3.310  -13.744 7.416   1.00 34.26 ? 2060 HOH A O   1 
HETATM 1715 O O   . HOH C 3 .   ? 7.657   -2.583  -16.351 1.00 40.34 ? 2061 HOH A O   1 
HETATM 1716 O O   . HOH C 3 .   ? 13.590  0.621   -13.274 1.00 68.74 ? 2062 HOH A O   1 
HETATM 1717 O O   . HOH C 3 .   ? 9.930   5.955   -10.368 1.00 27.78 ? 2063 HOH A O   1 
HETATM 1718 O O   . HOH C 3 .   ? 8.922   4.374   -15.685 1.00 18.39 ? 2064 HOH A O   1 
HETATM 1719 O O   . HOH C 3 .   ? 10.613  -10.579 0.340   1.00 26.95 ? 2065 HOH A O   1 
HETATM 1720 O O   . HOH C 3 .   ? 8.943   -10.325 6.539   1.00 29.62 ? 2066 HOH A O   1 
HETATM 1721 O O   . HOH C 3 .   ? 9.556   -11.884 4.602   1.00 42.45 ? 2067 HOH A O   1 
HETATM 1722 O O   . HOH C 3 .   ? 8.798   -8.705  9.636   1.00 33.17 ? 2068 HOH A O   1 
HETATM 1723 O O   . HOH C 3 .   ? 6.108   -4.107  15.640  1.00 22.59 ? 2069 HOH A O   1 
HETATM 1724 O O   . HOH C 3 .   ? 11.261  -9.456  8.126   1.00 29.36 ? 2070 HOH A O   1 
HETATM 1725 O O   . HOH C 3 .   ? 10.680  -15.192 0.619   1.00 42.94 ? 2071 HOH A O   1 
HETATM 1726 O O   . HOH C 3 .   ? 16.743  -8.847  -5.764  1.00 42.22 ? 2072 HOH A O   1 
HETATM 1727 O O   . HOH C 3 .   ? 3.727   -13.232 -7.716  1.00 42.39 ? 2073 HOH A O   1 
HETATM 1728 O O   . HOH C 3 .   ? -13.758 -8.280  11.178  1.00 30.57 ? 2074 HOH A O   1 
HETATM 1729 O O   . HOH C 3 .   ? -21.226 -9.483  1.252   1.00 30.31 ? 2075 HOH A O   1 
HETATM 1730 O O   . HOH C 3 .   ? -18.717 -11.618 0.580   1.00 27.91 ? 2076 HOH A O   1 
HETATM 1731 O O   . HOH C 3 .   ? -23.844 1.090   5.230   1.00 35.33 ? 2077 HOH A O   1 
HETATM 1732 O O   . HOH C 3 .   ? -15.169 9.715   -0.511  1.00 43.53 ? 2078 HOH A O   1 
HETATM 1733 O O   . HOH C 3 .   ? -13.399 10.558  3.499   1.00 47.13 ? 2079 HOH A O   1 
HETATM 1734 O O   . HOH C 3 .   ? -12.596 10.069  -3.397  1.00 31.16 ? 2080 HOH A O   1 
HETATM 1735 O O   . HOH C 3 .   ? -12.455 11.614  -10.175 1.00 44.03 ? 2081 HOH A O   1 
HETATM 1736 O O   . HOH C 3 .   ? -16.286 -8.570  -3.119  1.00 32.35 ? 2082 HOH A O   1 
HETATM 1737 O O   . HOH C 3 .   ? -12.427 -13.479 -7.314  1.00 27.00 ? 2083 HOH A O   1 
HETATM 1738 O O   . HOH C 3 .   ? -16.992 -17.801 -3.436  1.00 51.03 ? 2084 HOH A O   1 
HETATM 1739 O O   . HOH C 3 .   ? 5.346   6.794   -0.837  1.00 27.67 ? 2085 HOH A O   1 
# 
